data_8JPZ
#
_entry.id   8JPZ
#
_cell.length_a   126.450
_cell.length_b   126.450
_cell.length_c   193.360
_cell.angle_alpha   90.000
_cell.angle_beta   90.000
_cell.angle_gamma   90.000
#
_symmetry.space_group_name_H-M   'P 41 21 2'
#
loop_
_entity.id
_entity.type
_entity.pdbx_description
1 polymer 'Glucose oxidase (Fragment)'
2 branched alpha-D-mannopyranose-(1-3)-alpha-D-mannopyranose-(1-6)-[alpha-D-mannopyranose-(1-3)]beta-D-mannopyranose-(1-4)-2-acetamido-2-deoxy-beta-D-glucopyranose-(1-4)-2-acetamido-2-deoxy-beta-D-glucopyranose
3 non-polymer 'FLAVIN-ADENINE DINUCLEOTIDE'
4 non-polymer '4-(2-HYDROXYETHYL)-1-PIPERAZINE ETHANESULFONIC ACID'
5 non-polymer 'OXYGEN MOLECULE'
6 non-polymer 2-acetamido-2-deoxy-beta-D-glucopyranose
7 non-polymer (4S)-2-METHYL-2,4-PENTANEDIOL
8 water water
#
_entity_poly.entity_id   1
_entity_poly.type   'polypeptide(L)'
_entity_poly.pdbx_seq_one_letter_code
;GIEASLLTDPKEVAGRTVDYIIAGGGLTGLVVAARLTENPDITVLVIESGSYESDRGPIIEDLNAYGKIFGSSVDHAYET
VCLATNNRTALIRAGNGLGGSTLVNGGTWTRPHKAQVDSWETVFGNEGWNWDSVAAYSLQAERARAPNAKQIAAGHYFNA
SCHGINGTVHAGPRDTGDDYSPIVKALMSAVEDRGVPTKKDLGCGDPHGVSMFPNTLHEDQVRSDAAREWLLPNYQRPNL
QVLTGQYVGKVLLSQNATTPRAVGVEFGTHKGNFHNVTAKHEVLLAAGSAVSPTILEYSGIGMKSILEPLGIKTVVDLPV
GLNLQDQTTSTVRSRITSAGAGQGQAAWFATFNETFGDYTEKAHELLNTKLEQWAEEAVARGGFHNTTALLIQYENYRDW
IVKDNVAYSELFLDTAGEASFDVWDLLPFTRGYVHILDKDPYLRHFAYDPQYFLNELDLLGQAAATQLARNISNSGAMQT
YFAGETIPGDNLAYDADLRAWVEYIPYHFRPNYHGVGTCSMMPKEMGGVVDNAARVYGVQGLRVIDGSIPPTQMSSHVMT
VFYAMALKIADAVLADYASMQ
;
_entity_poly.pdbx_strand_id   A,B
#
loop_
_chem_comp.id
_chem_comp.type
_chem_comp.name
_chem_comp.formula
BMA D-saccharide, beta linking beta-D-mannopyranose 'C6 H12 O6'
EPE non-polymer '4-(2-HYDROXYETHYL)-1-PIPERAZINE ETHANESULFONIC ACID' 'C8 H18 N2 O4 S'
FAD non-polymer 'FLAVIN-ADENINE DINUCLEOTIDE' 'C27 H33 N9 O15 P2'
MAN D-saccharide, alpha linking alpha-D-mannopyranose 'C6 H12 O6'
MPD non-polymer (4S)-2-METHYL-2,4-PENTANEDIOL 'C6 H14 O2'
NAG D-saccharide, beta linking 2-acetamido-2-deoxy-beta-D-glucopyranose 'C8 H15 N O6'
OXY non-polymer 'OXYGEN MOLECULE' O2
#
# COMPACT_ATOMS: atom_id res chain seq x y z
N GLY A 1 5.50 31.95 1.16
CA GLY A 1 4.30 32.29 1.93
C GLY A 1 4.06 31.35 3.10
N ILE A 2 2.96 30.60 3.07
CA ILE A 2 2.76 29.60 4.13
C ILE A 2 3.87 28.56 4.10
N GLU A 3 4.36 28.24 2.89
CA GLU A 3 5.43 27.24 2.75
C GLU A 3 6.68 27.62 3.54
N ALA A 4 7.08 28.89 3.46
CA ALA A 4 8.23 29.36 4.21
C ALA A 4 8.02 29.32 5.71
N SER A 5 6.76 29.24 6.16
CA SER A 5 6.46 29.28 7.59
C SER A 5 6.62 27.91 8.25
N LEU A 6 6.43 26.83 7.50
CA LEU A 6 6.47 25.50 8.08
C LEU A 6 7.86 25.17 8.61
N LEU A 7 7.92 24.53 9.76
CA LEU A 7 9.18 24.01 10.29
C LEU A 7 9.44 22.64 9.68
N THR A 8 10.71 22.37 9.35
CA THR A 8 11.13 21.06 8.82
C THR A 8 12.29 20.44 9.57
N ASP A 9 13.09 21.21 10.29
CA ASP A 9 14.22 20.64 11.00
C ASP A 9 13.79 20.23 12.41
N PRO A 10 13.83 18.95 12.79
CA PRO A 10 13.44 18.59 14.16
C PRO A 10 14.21 19.34 15.25
N LYS A 11 15.47 19.67 15.01
CA LYS A 11 16.27 20.35 16.02
C LYS A 11 15.76 21.76 16.34
N GLU A 12 14.89 22.36 15.52
CA GLU A 12 14.42 23.69 15.88
C GLU A 12 13.27 23.64 16.89
N VAL A 13 12.67 22.48 17.16
CA VAL A 13 11.71 22.37 18.25
C VAL A 13 12.17 21.47 19.38
N ALA A 14 13.20 20.63 19.17
CA ALA A 14 13.57 19.62 20.16
C ALA A 14 13.94 20.26 21.50
N GLY A 15 13.38 19.73 22.58
CA GLY A 15 13.68 20.19 23.91
C GLY A 15 13.04 21.50 24.33
N ARG A 16 12.19 22.10 23.51
CA ARG A 16 11.46 23.29 23.95
C ARG A 16 10.10 22.94 24.56
N THR A 17 9.43 23.96 25.07
CA THR A 17 8.14 23.83 25.73
C THR A 17 7.11 24.70 25.03
N VAL A 18 5.93 24.13 24.73
CA VAL A 18 4.76 24.87 24.26
C VAL A 18 3.60 24.48 25.17
N ASP A 19 2.50 25.24 25.04
CA ASP A 19 1.32 24.95 25.86
C ASP A 19 0.64 23.66 25.42
N TYR A 20 0.42 23.50 24.12
CA TYR A 20 -0.33 22.35 23.59
C TYR A 20 0.42 21.74 22.41
N ILE A 21 0.60 20.42 22.44
CA ILE A 21 1.12 19.68 21.30
C ILE A 21 -0.06 18.96 20.66
N ILE A 22 -0.20 19.09 19.34
CA ILE A 22 -1.26 18.41 18.58
C ILE A 22 -0.60 17.45 17.60
N ALA A 23 -0.85 16.15 17.79
CA ALA A 23 -0.26 15.11 16.95
C ALA A 23 -1.19 14.89 15.75
N GLY A 24 -0.78 15.37 14.57
CA GLY A 24 -1.60 15.18 13.37
C GLY A 24 -2.23 16.48 12.93
N GLY A 25 -1.83 17.00 11.77
CA GLY A 25 -2.38 18.24 11.26
C GLY A 25 -3.50 18.03 10.26
N GLY A 26 -4.50 17.24 10.64
CA GLY A 26 -5.64 16.90 9.80
C GLY A 26 -6.87 17.74 10.10
N LEU A 27 -8.05 17.16 9.87
CA LEU A 27 -9.28 17.94 10.08
C LEU A 27 -9.39 18.43 11.52
N THR A 28 -9.53 17.52 12.48
CA THR A 28 -9.75 17.97 13.85
C THR A 28 -8.52 18.69 14.41
N GLY A 29 -7.31 18.24 14.03
CA GLY A 29 -6.12 18.83 14.63
C GLY A 29 -5.95 20.29 14.24
N LEU A 30 -6.22 20.60 12.98
CA LEU A 30 -6.05 21.99 12.56
C LEU A 30 -7.18 22.87 13.05
N VAL A 31 -8.41 22.34 13.14
CA VAL A 31 -9.50 23.12 13.74
C VAL A 31 -9.13 23.53 15.16
N VAL A 32 -8.68 22.58 15.98
CA VAL A 32 -8.37 22.92 17.35
C VAL A 32 -7.17 23.86 17.41
N ALA A 33 -6.18 23.66 16.52
CA ALA A 33 -5.00 24.52 16.55
C ALA A 33 -5.38 25.98 16.31
N ALA A 34 -6.33 26.22 15.40
CA ALA A 34 -6.77 27.57 15.11
C ALA A 34 -7.55 28.17 16.29
N ARG A 35 -8.50 27.40 16.85
CA ARG A 35 -9.28 27.92 17.98
C ARG A 35 -8.39 28.27 19.16
N LEU A 36 -7.39 27.43 19.45
CA LEU A 36 -6.55 27.67 20.63
C LEU A 36 -5.67 28.91 20.44
N THR A 37 -5.14 29.12 19.25
CA THR A 37 -4.20 30.22 19.06
C THR A 37 -4.89 31.55 18.79
N GLU A 38 -6.23 31.58 18.82
CA GLU A 38 -6.92 32.87 18.81
C GLU A 38 -6.47 33.73 19.99
N ASN A 39 -6.20 33.09 21.14
CA ASN A 39 -5.57 33.73 22.29
C ASN A 39 -4.09 33.84 22.00
N PRO A 40 -3.56 35.06 21.80
CA PRO A 40 -2.12 35.21 21.50
C PRO A 40 -1.20 34.71 22.60
N ASP A 41 -1.69 34.47 23.81
CA ASP A 41 -0.84 33.94 24.87
C ASP A 41 -0.69 32.42 24.85
N ILE A 42 -1.45 31.71 24.03
CA ILE A 42 -1.43 30.26 24.03
C ILE A 42 -0.56 29.79 22.87
N THR A 43 0.44 28.95 23.15
CA THR A 43 1.29 28.40 22.10
C THR A 43 0.90 26.97 21.77
N VAL A 44 0.91 26.66 20.47
CA VAL A 44 0.51 25.36 19.95
C VAL A 44 1.55 24.90 18.95
N LEU A 45 1.98 23.66 19.06
CA LEU A 45 2.80 23.03 18.03
C LEU A 45 1.99 21.88 17.45
N VAL A 46 1.74 21.93 16.14
CA VAL A 46 1.18 20.82 15.39
C VAL A 46 2.33 20.04 14.76
N ILE A 47 2.31 18.71 14.89
CA ILE A 47 3.32 17.85 14.28
C ILE A 47 2.61 16.93 13.28
N GLU A 48 2.97 17.03 12.01
CA GLU A 48 2.27 16.36 10.93
C GLU A 48 3.26 15.56 10.08
N SER A 49 2.89 14.32 9.76
CA SER A 49 3.79 13.44 9.01
C SER A 49 3.97 13.88 7.56
N GLY A 50 2.93 14.45 6.94
CA GLY A 50 3.00 14.98 5.59
C GLY A 50 3.33 16.47 5.58
N SER A 51 2.94 17.15 4.50
CA SER A 51 3.24 18.58 4.40
C SER A 51 2.10 19.32 3.68
N TYR A 52 2.40 20.53 3.19
CA TYR A 52 1.37 21.40 2.61
C TYR A 52 1.07 20.96 1.18
N GLU A 53 -0.22 20.81 0.87
CA GLU A 53 -0.66 20.31 -0.43
C GLU A 53 -1.74 21.14 -1.08
N SER A 54 -2.30 22.14 -0.38
CA SER A 54 -3.51 22.80 -0.84
C SER A 54 -3.32 23.55 -2.15
N ASP A 55 -2.10 23.99 -2.44
CA ASP A 55 -1.79 24.79 -3.63
C ASP A 55 -1.19 23.95 -4.76
N ARG A 56 -1.31 22.62 -4.70
CA ARG A 56 -0.55 21.78 -5.61
C ARG A 56 -1.08 21.86 -7.04
N GLY A 57 -2.38 21.98 -7.21
CA GLY A 57 -2.98 21.89 -8.52
C GLY A 57 -4.26 21.07 -8.46
N PRO A 58 -4.82 20.76 -9.63
CA PRO A 58 -6.14 20.10 -9.67
C PRO A 58 -6.22 18.78 -8.92
N ILE A 59 -5.12 18.01 -8.85
CA ILE A 59 -5.17 16.70 -8.21
C ILE A 59 -5.60 16.82 -6.73
N ILE A 60 -5.35 17.97 -6.12
CA ILE A 60 -5.89 18.29 -4.79
C ILE A 60 -7.13 19.19 -4.89
N GLU A 61 -7.08 20.23 -5.73
CA GLU A 61 -8.04 21.32 -5.66
C GLU A 61 -9.34 21.07 -6.44
N ASP A 62 -9.36 20.12 -7.37
CA ASP A 62 -10.55 19.84 -8.15
C ASP A 62 -11.22 18.59 -7.59
N LEU A 63 -12.41 18.75 -6.97
CA LEU A 63 -13.11 17.59 -6.40
C LEU A 63 -13.38 16.54 -7.47
N ASN A 64 -13.49 16.95 -8.73
CA ASN A 64 -13.72 16.02 -9.82
C ASN A 64 -12.51 15.15 -10.17
N ALA A 65 -11.33 15.44 -9.62
CA ALA A 65 -10.17 14.57 -9.79
C ALA A 65 -10.09 13.50 -8.70
N TYR A 66 -11.17 13.31 -7.94
CA TYR A 66 -11.20 12.38 -6.81
C TYR A 66 -10.58 11.05 -7.15
N GLY A 67 -9.64 10.61 -6.31
CA GLY A 67 -9.06 9.29 -6.41
C GLY A 67 -7.74 9.20 -7.16
N LYS A 68 -7.42 10.21 -7.98
CA LYS A 68 -6.15 10.18 -8.68
C LYS A 68 -4.98 10.29 -7.70
N ILE A 69 -5.22 10.89 -6.52
CA ILE A 69 -4.17 11.04 -5.50
C ILE A 69 -3.84 9.71 -4.82
N PHE A 70 -4.72 8.70 -4.94
CA PHE A 70 -4.49 7.44 -4.26
C PHE A 70 -3.18 6.81 -4.72
N GLY A 71 -2.44 6.22 -3.78
CA GLY A 71 -1.19 5.53 -4.10
C GLY A 71 0.04 6.41 -4.03
N SER A 72 -0.13 7.71 -3.86
CA SER A 72 0.96 8.68 -3.85
C SER A 72 1.41 8.98 -2.41
N SER A 73 2.36 9.90 -2.29
CA SER A 73 2.86 10.23 -0.96
C SER A 73 1.84 10.98 -0.14
N VAL A 74 0.72 11.43 -0.74
CA VAL A 74 -0.35 12.09 0.01
C VAL A 74 -1.38 11.08 0.52
N ASP A 75 -1.14 9.78 0.31
CA ASP A 75 -2.03 8.71 0.76
C ASP A 75 -1.23 7.77 1.64
N HIS A 76 -1.61 7.67 2.93
CA HIS A 76 -0.96 6.71 3.82
C HIS A 76 -1.13 5.27 3.34
N ALA A 77 -2.25 4.97 2.68
CA ALA A 77 -2.55 3.62 2.17
C ALA A 77 -2.28 2.52 3.21
N TYR A 78 -2.93 2.63 4.38
CA TYR A 78 -2.76 1.61 5.41
C TYR A 78 -3.32 0.29 4.91
N GLU A 79 -2.60 -0.80 5.20
CA GLU A 79 -2.94 -2.14 4.76
C GLU A 79 -3.64 -2.91 5.86
N THR A 80 -4.78 -3.52 5.54
CA THR A 80 -5.46 -4.34 6.53
C THR A 80 -4.70 -5.66 6.72
N VAL A 81 -5.16 -6.46 7.68
CA VAL A 81 -4.79 -7.87 7.74
C VAL A 81 -5.36 -8.58 6.53
N CYS A 82 -5.03 -9.87 6.38
CA CYS A 82 -5.61 -10.69 5.33
C CYS A 82 -7.06 -10.99 5.76
N LEU A 83 -8.02 -10.32 5.12
CA LEU A 83 -9.41 -10.35 5.60
C LEU A 83 -10.00 -11.75 5.51
N ALA A 84 -10.68 -12.17 6.59
CA ALA A 84 -11.28 -13.51 6.60
C ALA A 84 -12.35 -13.68 5.54
N THR A 85 -13.07 -12.61 5.18
CA THR A 85 -14.18 -12.80 4.26
C THR A 85 -13.74 -13.23 2.85
N ASN A 86 -12.55 -12.80 2.38
CA ASN A 86 -12.12 -13.09 1.01
C ASN A 86 -10.64 -13.45 0.86
N ASN A 87 -9.91 -13.57 1.96
CA ASN A 87 -8.48 -13.91 1.95
C ASN A 87 -7.67 -12.92 1.11
N ARG A 88 -8.05 -11.65 1.17
N ARG A 88 -8.05 -11.65 1.17
CA ARG A 88 -7.36 -10.58 0.47
CA ARG A 88 -7.34 -10.58 0.47
C ARG A 88 -6.95 -9.49 1.46
C ARG A 88 -6.94 -9.49 1.47
N THR A 89 -5.89 -8.78 1.11
CA THR A 89 -5.49 -7.56 1.80
C THR A 89 -6.21 -6.36 1.18
N ALA A 90 -6.71 -5.46 2.03
CA ALA A 90 -7.36 -4.26 1.52
C ALA A 90 -6.54 -3.03 1.89
N LEU A 91 -6.76 -1.95 1.13
CA LEU A 91 -6.06 -0.68 1.31
C LEU A 91 -6.99 0.35 1.93
N ILE A 92 -6.52 1.04 2.97
CA ILE A 92 -7.28 2.11 3.61
C ILE A 92 -6.71 3.44 3.14
N ARG A 93 -7.45 4.14 2.27
CA ARG A 93 -7.05 5.49 1.88
C ARG A 93 -7.19 6.44 3.05
N ALA A 94 -6.20 7.32 3.22
CA ALA A 94 -6.16 8.30 4.32
C ALA A 94 -5.20 9.41 3.93
N GLY A 95 -5.65 10.66 4.03
CA GLY A 95 -4.80 11.78 3.62
C GLY A 95 -3.56 11.88 4.48
N ASN A 96 -2.43 12.14 3.82
CA ASN A 96 -1.14 12.37 4.46
C ASN A 96 -0.68 13.76 4.06
N GLY A 97 -0.81 14.72 4.97
CA GLY A 97 -0.50 16.11 4.69
C GLY A 97 -1.38 17.01 5.51
N LEU A 98 -1.10 18.32 5.44
CA LEU A 98 -1.88 19.26 6.23
C LEU A 98 -3.31 19.33 5.67
N GLY A 99 -4.30 19.07 6.53
CA GLY A 99 -5.68 18.90 6.12
C GLY A 99 -6.16 17.45 6.19
N GLY A 100 -5.22 16.50 6.19
CA GLY A 100 -5.58 15.11 6.41
C GLY A 100 -6.44 14.59 5.28
N SER A 101 -7.46 13.79 5.64
CA SER A 101 -8.31 13.19 4.63
C SER A 101 -9.22 14.20 3.93
N THR A 102 -9.32 15.43 4.43
CA THR A 102 -10.03 16.44 3.65
C THR A 102 -9.28 16.86 2.38
N LEU A 103 -8.03 16.46 2.22
CA LEU A 103 -7.28 16.65 0.98
C LEU A 103 -7.70 15.68 -0.11
N VAL A 104 -8.23 14.51 0.26
CA VAL A 104 -8.39 13.38 -0.65
C VAL A 104 -9.82 12.88 -0.74
N ASN A 105 -10.77 13.51 -0.03
CA ASN A 105 -12.12 12.95 0.08
C ASN A 105 -13.05 13.50 -0.99
N GLY A 106 -14.27 12.94 -1.05
CA GLY A 106 -15.26 13.27 -2.05
C GLY A 106 -15.98 14.59 -1.88
N GLY A 107 -15.73 15.32 -0.80
CA GLY A 107 -16.34 16.61 -0.61
C GLY A 107 -17.80 16.63 -0.21
N THR A 108 -18.41 15.49 0.05
CA THR A 108 -19.85 15.44 0.34
C THR A 108 -20.16 15.99 1.73
N TRP A 109 -21.19 16.84 1.82
CA TRP A 109 -21.50 17.60 3.04
C TRP A 109 -22.97 17.35 3.44
N THR A 110 -23.19 16.42 4.38
CA THR A 110 -24.51 16.08 4.91
C THR A 110 -24.39 15.78 6.39
N ARG A 111 -25.54 15.77 7.07
CA ARG A 111 -25.63 15.50 8.50
C ARG A 111 -26.43 14.23 8.79
N PRO A 112 -26.24 13.60 9.95
CA PRO A 112 -26.98 12.36 10.26
C PRO A 112 -28.39 12.62 10.80
N HIS A 113 -29.02 11.56 11.31
CA HIS A 113 -30.34 11.65 11.91
C HIS A 113 -30.27 12.18 13.35
N LYS A 114 -31.20 13.07 13.71
CA LYS A 114 -31.21 13.67 15.05
C LYS A 114 -31.08 12.63 16.16
N ALA A 115 -31.82 11.52 16.06
CA ALA A 115 -31.81 10.52 17.12
C ALA A 115 -30.45 9.85 17.29
N GLN A 116 -29.62 9.85 16.23
CA GLN A 116 -28.32 9.21 16.28
C GLN A 116 -27.35 10.00 17.16
N VAL A 117 -27.27 11.31 16.94
CA VAL A 117 -26.45 12.16 17.81
C VAL A 117 -27.04 12.22 19.22
N ASP A 118 -28.37 12.25 19.34
CA ASP A 118 -28.99 12.28 20.67
C ASP A 118 -28.59 11.08 21.51
N SER A 119 -28.42 9.90 20.88
CA SER A 119 -28.04 8.72 21.64
C SER A 119 -26.68 8.88 22.32
N TRP A 120 -25.87 9.85 21.91
CA TRP A 120 -24.58 10.01 22.55
C TRP A 120 -24.73 10.46 24.00
N GLU A 121 -25.84 11.14 24.32
CA GLU A 121 -26.14 11.49 25.71
C GLU A 121 -27.06 10.51 26.42
N THR A 122 -28.00 9.85 25.69
CA THR A 122 -29.00 8.99 26.35
C THR A 122 -28.48 7.57 26.58
N VAL A 123 -27.74 7.02 25.61
CA VAL A 123 -27.20 5.68 25.71
C VAL A 123 -25.74 5.70 26.18
N PHE A 124 -24.95 6.64 25.67
CA PHE A 124 -23.50 6.65 25.90
C PHE A 124 -23.07 7.70 26.94
N GLY A 125 -24.00 8.15 27.79
CA GLY A 125 -23.71 8.96 28.95
C GLY A 125 -22.78 10.15 28.80
N ASN A 126 -22.84 10.84 27.67
CA ASN A 126 -21.97 11.99 27.36
C ASN A 126 -22.74 13.29 27.57
N GLU A 127 -22.51 13.95 28.71
N GLU A 127 -22.51 13.95 28.71
CA GLU A 127 -23.22 15.19 29.01
CA GLU A 127 -23.23 15.18 29.00
C GLU A 127 -23.00 16.24 27.92
C GLU A 127 -23.00 16.24 27.93
N GLY A 128 -24.10 16.82 27.45
CA GLY A 128 -24.05 17.90 26.48
C GLY A 128 -23.86 17.48 25.04
N TRP A 129 -23.85 16.19 24.74
CA TRP A 129 -23.59 15.69 23.39
C TRP A 129 -24.93 15.23 22.81
N ASN A 130 -25.56 16.09 22.01
CA ASN A 130 -26.87 15.80 21.45
C ASN A 130 -27.01 16.60 20.16
N TRP A 131 -28.07 16.27 19.40
CA TRP A 131 -28.25 16.89 18.08
C TRP A 131 -28.17 18.41 18.15
N ASP A 132 -28.95 18.99 19.06
CA ASP A 132 -28.99 20.45 19.17
C ASP A 132 -27.59 21.04 19.39
N SER A 133 -26.83 20.51 20.36
CA SER A 133 -25.52 21.11 20.65
C SER A 133 -24.54 20.85 19.51
N VAL A 134 -24.53 19.64 18.94
CA VAL A 134 -23.59 19.34 17.87
C VAL A 134 -23.94 20.12 16.62
N ALA A 135 -25.24 20.19 16.29
CA ALA A 135 -25.67 20.94 15.10
C ALA A 135 -25.36 22.43 15.24
N ALA A 136 -25.47 22.99 16.44
CA ALA A 136 -25.13 24.40 16.61
C ALA A 136 -23.65 24.65 16.34
N TYR A 137 -22.77 23.76 16.84
CA TYR A 137 -21.36 23.84 16.47
C TYR A 137 -21.18 23.62 14.97
N SER A 138 -21.90 22.66 14.40
CA SER A 138 -21.82 22.45 12.95
C SER A 138 -22.13 23.72 12.17
N LEU A 139 -23.25 24.38 12.49
CA LEU A 139 -23.62 25.58 11.78
C LEU A 139 -22.60 26.69 12.00
N GLN A 140 -22.02 26.74 13.20
CA GLN A 140 -21.03 27.78 13.46
C GLN A 140 -19.77 27.58 12.62
N ALA A 141 -19.42 26.33 12.32
CA ALA A 141 -18.27 26.05 11.45
C ALA A 141 -18.60 26.32 9.97
N GLU A 142 -19.87 26.21 9.61
CA GLU A 142 -20.30 26.21 8.22
C GLU A 142 -20.34 27.62 7.63
N ARG A 143 -19.93 27.74 6.35
CA ARG A 143 -20.17 28.94 5.54
C ARG A 143 -20.78 28.48 4.20
N ALA A 144 -22.08 28.22 4.21
CA ALA A 144 -22.77 27.62 3.09
C ALA A 144 -23.32 28.69 2.13
N ARG A 145 -23.51 28.28 0.88
CA ARG A 145 -24.05 29.14 -0.17
C ARG A 145 -25.31 28.50 -0.73
N ALA A 146 -26.41 29.26 -0.75
CA ALA A 146 -27.65 28.74 -1.29
C ALA A 146 -27.49 28.47 -2.79
N PRO A 147 -28.20 27.47 -3.32
CA PRO A 147 -28.12 27.18 -4.76
C PRO A 147 -28.85 28.24 -5.58
N ASN A 148 -28.36 28.43 -6.80
CA ASN A 148 -28.98 29.37 -7.73
C ASN A 148 -30.06 28.66 -8.57
N ALA A 149 -30.64 29.38 -9.53
CA ALA A 149 -31.75 28.84 -10.32
C ALA A 149 -31.32 27.59 -11.10
N LYS A 150 -30.17 27.67 -11.78
CA LYS A 150 -29.62 26.52 -12.47
C LYS A 150 -29.49 25.32 -11.53
N GLN A 151 -28.97 25.56 -10.33
CA GLN A 151 -28.71 24.45 -9.41
C GLN A 151 -30.02 23.92 -8.82
N ILE A 152 -30.97 24.81 -8.53
CA ILE A 152 -32.29 24.36 -8.05
C ILE A 152 -33.02 23.56 -9.13
N ALA A 153 -32.97 24.05 -10.37
CA ALA A 153 -33.61 23.34 -11.47
C ALA A 153 -33.04 21.93 -11.63
N ALA A 154 -31.77 21.74 -11.29
CA ALA A 154 -31.19 20.40 -11.38
C ALA A 154 -31.75 19.46 -10.32
N GLY A 155 -32.16 19.98 -9.18
CA GLY A 155 -32.65 19.09 -8.14
C GLY A 155 -32.30 19.50 -6.72
N HIS A 156 -31.62 20.64 -6.54
CA HIS A 156 -31.21 21.07 -5.20
C HIS A 156 -32.38 21.65 -4.41
N TYR A 157 -32.38 21.40 -3.10
CA TYR A 157 -33.22 22.13 -2.16
C TYR A 157 -32.41 22.49 -0.93
N PHE A 158 -32.58 23.72 -0.46
CA PHE A 158 -31.74 24.30 0.58
C PHE A 158 -32.64 25.03 1.56
N ASN A 159 -32.78 24.47 2.76
CA ASN A 159 -33.52 25.10 3.86
C ASN A 159 -32.52 25.91 4.68
N ALA A 160 -32.62 27.25 4.59
CA ALA A 160 -31.61 28.12 5.19
C ALA A 160 -31.56 28.02 6.71
N SER A 161 -32.63 27.55 7.36
CA SER A 161 -32.58 27.39 8.81
C SER A 161 -31.62 26.28 9.26
N CYS A 162 -31.21 25.39 8.35
CA CYS A 162 -30.30 24.31 8.70
C CYS A 162 -28.86 24.59 8.29
N HIS A 163 -28.51 25.85 7.99
CA HIS A 163 -27.14 26.12 7.57
C HIS A 163 -26.64 27.43 8.15
N GLY A 164 -25.40 27.40 8.62
CA GLY A 164 -24.69 28.63 8.87
C GLY A 164 -24.14 29.23 7.59
N ILE A 165 -24.10 30.55 7.54
CA ILE A 165 -23.60 31.26 6.37
C ILE A 165 -22.48 32.22 6.72
N ASN A 166 -22.03 32.22 7.97
CA ASN A 166 -21.04 33.15 8.47
C ASN A 166 -19.77 32.47 8.96
N GLY A 167 -19.66 31.14 8.83
CA GLY A 167 -18.55 30.41 9.44
C GLY A 167 -17.29 30.34 8.61
N THR A 168 -16.61 29.20 8.68
CA THR A 168 -15.24 29.07 8.19
C THR A 168 -15.09 28.11 7.01
N VAL A 169 -15.87 27.03 6.97
CA VAL A 169 -15.75 26.01 5.94
C VAL A 169 -16.66 26.40 4.78
N HIS A 170 -16.07 26.75 3.64
CA HIS A 170 -16.87 27.15 2.49
C HIS A 170 -17.58 25.94 1.89
N ALA A 171 -18.88 26.05 1.67
CA ALA A 171 -19.65 24.95 1.12
C ALA A 171 -20.76 25.47 0.18
N GLY A 172 -20.96 24.78 -0.93
CA GLY A 172 -21.99 25.12 -1.87
C GLY A 172 -22.16 23.99 -2.88
N PRO A 173 -22.99 24.23 -3.90
CA PRO A 173 -23.20 23.17 -4.92
C PRO A 173 -21.99 23.01 -5.82
N ARG A 174 -21.57 21.76 -6.04
CA ARG A 174 -20.60 21.49 -7.09
C ARG A 174 -21.21 21.89 -8.43
N ASP A 175 -20.46 22.63 -9.24
CA ASP A 175 -20.94 23.08 -10.55
C ASP A 175 -19.72 23.17 -11.48
N THR A 176 -19.60 22.23 -12.41
CA THR A 176 -18.52 22.26 -13.38
C THR A 176 -18.79 23.22 -14.54
N GLY A 177 -19.85 24.03 -14.47
CA GLY A 177 -20.21 24.90 -15.57
C GLY A 177 -20.90 24.21 -16.72
N ASP A 178 -20.90 22.88 -16.74
CA ASP A 178 -21.66 22.06 -17.66
C ASP A 178 -23.15 22.12 -17.31
N ASP A 179 -23.96 21.53 -18.18
CA ASP A 179 -25.36 21.32 -17.85
C ASP A 179 -25.49 20.13 -16.89
N TYR A 180 -26.51 20.19 -16.04
CA TYR A 180 -26.78 19.10 -15.12
C TYR A 180 -27.55 18.01 -15.83
N SER A 181 -27.16 16.76 -15.58
CA SER A 181 -27.82 15.64 -16.20
C SER A 181 -29.26 15.54 -15.71
N PRO A 182 -30.20 15.18 -16.58
CA PRO A 182 -31.57 14.92 -16.12
C PRO A 182 -31.70 13.67 -15.28
N ILE A 183 -30.66 12.84 -15.21
CA ILE A 183 -30.74 11.54 -14.52
C ILE A 183 -31.01 11.71 -13.03
N VAL A 184 -30.54 12.82 -12.44
CA VAL A 184 -30.81 13.08 -11.02
C VAL A 184 -32.32 13.19 -10.77
N LYS A 185 -33.00 14.07 -11.50
CA LYS A 185 -34.45 14.16 -11.35
C LYS A 185 -35.14 12.86 -11.80
N ALA A 186 -34.51 12.10 -12.70
CA ALA A 186 -35.09 10.83 -13.09
C ALA A 186 -35.05 9.81 -11.95
N LEU A 187 -33.94 9.77 -11.19
CA LEU A 187 -33.88 8.88 -10.02
C LEU A 187 -34.86 9.32 -8.94
N MET A 188 -35.01 10.63 -8.74
CA MET A 188 -36.01 11.13 -7.81
C MET A 188 -37.41 10.66 -8.20
N SER A 189 -37.76 10.79 -9.49
CA SER A 189 -39.09 10.35 -9.92
C SER A 189 -39.26 8.86 -9.76
N ALA A 190 -38.22 8.09 -10.06
CA ALA A 190 -38.27 6.64 -9.91
C ALA A 190 -38.53 6.20 -8.45
N VAL A 191 -38.01 6.92 -7.47
CA VAL A 191 -38.29 6.51 -6.09
C VAL A 191 -39.61 7.08 -5.59
N GLU A 192 -40.06 8.22 -6.14
CA GLU A 192 -41.37 8.74 -5.75
C GLU A 192 -42.47 7.75 -6.11
N ASP A 193 -42.30 7.01 -7.23
CA ASP A 193 -43.22 5.94 -7.58
C ASP A 193 -43.33 4.88 -6.51
N ARG A 194 -42.37 4.79 -5.59
CA ARG A 194 -42.42 3.82 -4.51
C ARG A 194 -42.77 4.45 -3.17
N GLY A 195 -43.23 5.70 -3.16
CA GLY A 195 -43.50 6.38 -1.91
C GLY A 195 -42.28 6.78 -1.10
N VAL A 196 -41.13 6.96 -1.74
CA VAL A 196 -39.89 7.36 -1.07
C VAL A 196 -39.76 8.87 -1.22
N PRO A 197 -39.44 9.62 -0.16
CA PRO A 197 -39.35 11.08 -0.28
C PRO A 197 -38.20 11.49 -1.18
N THR A 198 -38.24 12.76 -1.61
CA THR A 198 -37.19 13.33 -2.44
C THR A 198 -36.94 14.75 -1.99
N LYS A 199 -35.68 15.19 -2.18
CA LYS A 199 -35.22 16.58 -2.01
C LYS A 199 -35.31 17.09 -0.56
N LYS A 200 -35.34 16.20 0.44
CA LYS A 200 -35.14 16.64 1.81
C LYS A 200 -33.74 17.21 1.95
N ASP A 201 -33.63 18.34 2.66
CA ASP A 201 -32.32 18.89 2.99
C ASP A 201 -31.60 17.92 3.93
N LEU A 202 -30.53 17.30 3.43
CA LEU A 202 -29.82 16.31 4.23
C LEU A 202 -29.01 16.94 5.37
N GLY A 203 -29.10 18.25 5.59
CA GLY A 203 -28.50 18.92 6.73
C GLY A 203 -29.42 19.17 7.91
N CYS A 204 -30.72 18.85 7.79
CA CYS A 204 -31.75 19.29 8.74
C CYS A 204 -32.03 18.31 9.86
N GLY A 205 -31.61 17.04 9.73
CA GLY A 205 -31.78 16.05 10.80
C GLY A 205 -32.59 14.82 10.44
N ASP A 206 -33.09 14.66 9.22
CA ASP A 206 -33.81 13.44 8.84
C ASP A 206 -33.38 13.03 7.44
N PRO A 207 -32.14 12.54 7.29
CA PRO A 207 -31.65 12.17 5.95
C PRO A 207 -32.33 10.91 5.43
N HIS A 208 -33.25 11.09 4.49
CA HIS A 208 -34.09 10.01 3.99
C HIS A 208 -34.56 10.44 2.60
N GLY A 209 -34.50 9.53 1.64
CA GLY A 209 -34.93 9.83 0.29
C GLY A 209 -33.76 10.10 -0.64
N VAL A 210 -34.08 10.63 -1.83
CA VAL A 210 -33.08 10.96 -2.84
C VAL A 210 -32.94 12.47 -2.91
N SER A 211 -31.71 12.96 -2.74
CA SER A 211 -31.43 14.39 -2.76
C SER A 211 -30.04 14.66 -3.32
N MET A 212 -29.82 15.90 -3.71
CA MET A 212 -28.51 16.48 -3.95
C MET A 212 -28.02 17.11 -2.64
N PHE A 213 -26.83 17.70 -2.65
CA PHE A 213 -26.22 18.13 -1.40
C PHE A 213 -25.16 19.18 -1.71
N PRO A 214 -24.77 19.97 -0.73
CA PRO A 214 -23.61 20.85 -0.91
C PRO A 214 -22.31 20.05 -0.96
N ASN A 215 -21.24 20.75 -1.32
CA ASN A 215 -19.88 20.21 -1.34
C ASN A 215 -18.95 21.17 -0.61
N THR A 216 -17.86 20.63 -0.05
CA THR A 216 -16.86 21.47 0.60
C THR A 216 -15.91 22.01 -0.48
N LEU A 217 -16.36 23.10 -1.10
CA LEU A 217 -15.54 23.84 -2.05
C LEU A 217 -15.97 25.31 -2.03
N HIS A 218 -15.04 26.18 -2.45
CA HIS A 218 -15.35 27.58 -2.67
C HIS A 218 -16.21 27.75 -3.92
N GLU A 219 -16.80 28.95 -4.07
CA GLU A 219 -17.61 29.18 -5.25
C GLU A 219 -16.81 28.97 -6.54
N ASP A 220 -15.53 29.38 -6.54
CA ASP A 220 -14.71 29.07 -7.71
C ASP A 220 -14.36 27.55 -7.83
N GLN A 221 -14.93 26.65 -7.03
CA GLN A 221 -14.80 25.18 -7.11
C GLN A 221 -13.48 24.66 -6.54
N VAL A 222 -12.68 25.49 -5.88
CA VAL A 222 -11.47 25.01 -5.19
C VAL A 222 -11.88 24.27 -3.93
N ARG A 223 -11.31 23.07 -3.72
CA ARG A 223 -11.60 22.25 -2.56
C ARG A 223 -11.35 22.98 -1.24
N SER A 224 -12.31 22.88 -0.32
CA SER A 224 -12.18 23.52 1.00
C SER A 224 -11.55 22.54 2.00
N ASP A 225 -10.30 22.15 1.73
CA ASP A 225 -9.62 21.27 2.69
C ASP A 225 -9.34 22.03 3.98
N ALA A 226 -9.23 21.27 5.08
CA ALA A 226 -9.13 21.91 6.39
C ALA A 226 -7.93 22.84 6.51
N ALA A 227 -6.83 22.57 5.80
CA ALA A 227 -5.69 23.47 5.86
C ALA A 227 -5.99 24.79 5.16
N ARG A 228 -6.57 24.73 3.97
CA ARG A 228 -6.99 25.97 3.32
C ARG A 228 -7.95 26.77 4.21
N GLU A 229 -8.89 26.09 4.89
CA GLU A 229 -9.94 26.79 5.62
C GLU A 229 -9.48 27.27 6.99
N TRP A 230 -8.65 26.49 7.69
CA TRP A 230 -8.31 26.81 9.07
C TRP A 230 -6.86 27.20 9.31
N LEU A 231 -5.94 26.86 8.41
CA LEU A 231 -4.52 27.16 8.64
C LEU A 231 -4.02 28.30 7.77
N LEU A 232 -4.32 28.29 6.47
CA LEU A 232 -3.88 29.36 5.57
C LEU A 232 -4.27 30.77 6.02
N PRO A 233 -5.46 31.03 6.59
CA PRO A 233 -5.74 32.40 7.06
C PRO A 233 -5.05 32.76 8.36
N ASN A 234 -4.38 31.82 9.02
CA ASN A 234 -3.88 32.05 10.37
C ASN A 234 -2.41 31.73 10.57
N TYR A 235 -1.71 31.22 9.56
CA TYR A 235 -0.35 30.73 9.76
C TYR A 235 0.62 31.81 10.24
N GLN A 236 0.28 33.09 10.04
CA GLN A 236 1.19 34.16 10.47
C GLN A 236 1.19 34.38 11.97
N ARG A 237 0.28 33.76 12.71
CA ARG A 237 0.30 33.85 14.17
C ARG A 237 1.61 33.30 14.69
N PRO A 238 2.40 34.09 15.42
CA PRO A 238 3.67 33.55 15.97
C PRO A 238 3.46 32.45 17.00
N ASN A 239 2.29 32.37 17.64
CA ASN A 239 2.03 31.33 18.63
C ASN A 239 1.56 30.02 18.01
N LEU A 240 1.43 29.96 16.68
CA LEU A 240 1.03 28.74 15.98
C LEU A 240 2.23 28.23 15.16
N GLN A 241 2.80 27.11 15.57
CA GLN A 241 3.91 26.47 14.89
C GLN A 241 3.47 25.15 14.29
N VAL A 242 4.00 24.83 13.12
CA VAL A 242 3.65 23.59 12.43
C VAL A 242 4.93 22.92 11.99
N LEU A 243 5.19 21.72 12.50
CA LEU A 243 6.34 20.92 12.11
C LEU A 243 5.83 19.84 11.16
N THR A 244 6.39 19.80 9.95
CA THR A 244 5.97 18.85 8.92
C THR A 244 7.04 17.79 8.69
N GLY A 245 6.62 16.67 8.10
CA GLY A 245 7.57 15.63 7.75
C GLY A 245 8.04 14.76 8.90
N GLN A 246 7.32 14.74 10.03
CA GLN A 246 7.75 13.99 11.21
C GLN A 246 6.56 13.26 11.80
N TYR A 247 6.80 12.05 12.31
CA TYR A 247 5.76 11.24 12.95
C TYR A 247 5.86 11.38 14.46
N VAL A 248 4.71 11.58 15.12
CA VAL A 248 4.66 11.47 16.58
C VAL A 248 4.68 9.98 16.92
N GLY A 249 5.62 9.59 17.79
CA GLY A 249 5.81 8.20 18.12
C GLY A 249 5.08 7.78 19.40
N LYS A 250 5.25 8.54 20.48
CA LYS A 250 4.60 8.20 21.74
C LYS A 250 4.40 9.45 22.58
N VAL A 251 3.48 9.32 23.55
CA VAL A 251 3.25 10.36 24.54
C VAL A 251 4.27 10.17 25.67
N LEU A 252 4.93 11.26 26.07
CA LEU A 252 5.78 11.27 27.25
C LEU A 252 4.93 11.44 28.52
N LEU A 253 5.12 10.54 29.48
CA LEU A 253 4.32 10.49 30.70
C LEU A 253 5.17 10.77 31.93
N SER A 254 4.55 11.43 32.92
CA SER A 254 5.16 11.59 34.23
C SER A 254 5.13 10.27 34.98
N GLN A 255 6.22 9.98 35.69
CA GLN A 255 6.28 8.86 36.60
C GLN A 255 5.76 9.22 37.99
N ASN A 256 5.54 10.52 38.24
CA ASN A 256 5.33 11.09 39.57
C ASN A 256 4.03 10.63 40.22
N ALA A 257 2.96 11.37 39.96
CA ALA A 257 1.80 11.44 40.85
C ALA A 257 1.03 10.12 40.87
N THR A 258 -0.05 10.13 41.65
CA THR A 258 -0.97 9.01 41.75
C THR A 258 -1.32 8.46 40.38
N THR A 259 -1.78 9.34 39.50
CA THR A 259 -2.15 9.04 38.12
C THR A 259 -1.16 9.71 37.16
N PRO A 260 -0.82 9.07 36.05
CA PRO A 260 0.18 9.66 35.15
C PRO A 260 -0.31 10.92 34.45
N ARG A 261 0.65 11.79 34.14
CA ARG A 261 0.39 13.03 33.41
C ARG A 261 1.16 13.06 32.10
N ALA A 262 0.48 13.50 31.03
CA ALA A 262 1.13 13.71 29.75
C ALA A 262 1.95 15.01 29.83
N VAL A 263 3.26 14.91 29.54
CA VAL A 263 4.14 16.07 29.62
C VAL A 263 4.83 16.40 28.31
N GLY A 264 4.50 15.69 27.23
CA GLY A 264 5.12 15.97 25.94
C GLY A 264 5.02 14.75 25.04
N VAL A 265 5.75 14.83 23.92
CA VAL A 265 5.79 13.68 23.01
C VAL A 265 7.20 13.45 22.49
N GLU A 266 7.41 12.25 21.99
N GLU A 266 7.42 12.24 22.01
CA GLU A 266 8.55 11.91 21.18
CA GLU A 266 8.57 11.93 21.17
C GLU A 266 8.10 11.82 19.73
C GLU A 266 8.10 11.84 19.73
N PHE A 267 8.90 12.41 18.83
CA PHE A 267 8.58 12.43 17.42
C PHE A 267 9.85 12.13 16.63
N GLY A 268 9.67 11.63 15.41
CA GLY A 268 10.81 11.42 14.53
C GLY A 268 10.42 10.64 13.29
N THR A 269 11.41 9.96 12.71
CA THR A 269 11.24 9.28 11.44
C THR A 269 11.78 7.86 11.44
N HIS A 270 12.60 7.48 12.42
CA HIS A 270 13.23 6.17 12.43
C HIS A 270 13.74 5.90 13.84
N LYS A 271 13.79 4.62 14.22
CA LYS A 271 14.38 4.24 15.51
C LYS A 271 15.79 4.83 15.63
N GLY A 272 16.16 5.18 16.86
CA GLY A 272 17.42 5.87 17.13
C GLY A 272 17.52 7.32 16.65
N ASN A 273 16.52 7.86 15.95
CA ASN A 273 16.56 9.20 15.35
C ASN A 273 15.25 9.90 15.72
N PHE A 274 15.06 10.18 17.00
CA PHE A 274 13.85 10.83 17.49
C PHE A 274 14.22 11.88 18.52
N HIS A 275 13.25 12.74 18.84
CA HIS A 275 13.46 13.90 19.70
C HIS A 275 12.24 14.10 20.59
N ASN A 276 12.43 14.90 21.66
CA ASN A 276 11.40 15.28 22.62
C ASN A 276 10.94 16.72 22.43
N VAL A 277 9.69 16.97 22.79
CA VAL A 277 9.24 18.33 23.04
C VAL A 277 8.21 18.28 24.16
N THR A 278 8.19 19.33 25.00
CA THR A 278 7.43 19.38 26.23
C THR A 278 6.15 20.18 26.05
N ALA A 279 5.06 19.67 26.62
CA ALA A 279 3.78 20.40 26.66
C ALA A 279 3.51 20.86 28.09
N LYS A 280 3.31 22.17 28.26
CA LYS A 280 3.02 22.70 29.58
C LYS A 280 1.61 22.40 30.04
N HIS A 281 0.66 22.39 29.10
CA HIS A 281 -0.74 22.15 29.41
C HIS A 281 -1.17 20.76 28.98
N GLU A 282 -1.35 20.50 27.67
CA GLU A 282 -1.92 19.22 27.27
C GLU A 282 -1.35 18.74 25.94
N VAL A 283 -1.41 17.42 25.75
CA VAL A 283 -1.13 16.74 24.49
C VAL A 283 -2.46 16.28 23.90
N LEU A 284 -2.75 16.66 22.67
CA LEU A 284 -4.00 16.31 22.01
C LEU A 284 -3.72 15.43 20.80
N LEU A 285 -4.28 14.21 20.78
CA LEU A 285 -3.99 13.27 19.70
C LEU A 285 -5.05 13.39 18.60
N ALA A 286 -4.58 13.64 17.36
CA ALA A 286 -5.44 13.91 16.21
C ALA A 286 -4.89 13.23 14.94
N ALA A 287 -4.31 12.05 15.08
CA ALA A 287 -3.60 11.41 13.98
C ALA A 287 -4.49 10.51 13.13
N GLY A 288 -5.78 10.48 13.43
CA GLY A 288 -6.73 9.68 12.69
C GLY A 288 -7.08 8.39 13.42
N SER A 289 -8.27 7.88 13.12
CA SER A 289 -8.82 6.72 13.80
C SER A 289 -7.93 5.48 13.70
N ALA A 290 -7.09 5.39 12.66
CA ALA A 290 -6.19 4.24 12.51
C ALA A 290 -4.88 4.40 13.27
N VAL A 291 -4.61 5.57 13.84
CA VAL A 291 -3.27 5.91 14.32
C VAL A 291 -3.29 6.32 15.79
N SER A 292 -4.16 7.26 16.16
CA SER A 292 -4.21 7.73 17.54
C SER A 292 -4.27 6.59 18.55
N PRO A 293 -5.08 5.54 18.37
CA PRO A 293 -4.95 4.38 19.30
C PRO A 293 -3.56 3.75 19.30
N THR A 294 -2.88 3.66 18.15
CA THR A 294 -1.54 3.08 18.18
C THR A 294 -0.57 3.96 18.95
N ILE A 295 -0.68 5.28 18.83
CA ILE A 295 0.17 6.16 19.64
C ILE A 295 -0.01 5.86 21.13
N LEU A 296 -1.27 5.72 21.59
CA LEU A 296 -1.52 5.35 22.98
C LEU A 296 -0.83 4.05 23.35
N GLU A 297 -0.98 3.02 22.50
CA GLU A 297 -0.41 1.73 22.82
C GLU A 297 1.12 1.80 22.88
N TYR A 298 1.76 2.56 21.99
CA TYR A 298 3.22 2.65 22.05
C TYR A 298 3.68 3.30 23.34
N SER A 299 2.81 4.14 23.93
CA SER A 299 3.09 4.87 25.17
C SER A 299 2.73 4.09 26.44
N GLY A 300 2.30 2.83 26.33
CA GLY A 300 1.90 2.06 27.50
C GLY A 300 0.46 2.24 27.94
N ILE A 301 -0.40 2.78 27.07
CA ILE A 301 -1.81 3.01 27.36
C ILE A 301 -2.62 2.10 26.44
N GLY A 302 -3.14 1.02 26.99
CA GLY A 302 -3.84 0.03 26.18
C GLY A 302 -4.00 -1.27 26.95
N MET A 303 -4.19 -2.36 26.20
CA MET A 303 -4.51 -3.64 26.80
C MET A 303 -3.25 -4.43 27.11
N LYS A 304 -3.10 -4.85 28.38
CA LYS A 304 -1.90 -5.58 28.77
C LYS A 304 -1.71 -6.84 27.93
N SER A 305 -2.81 -7.51 27.58
CA SER A 305 -2.71 -8.68 26.71
C SER A 305 -2.11 -8.35 25.34
N ILE A 306 -2.20 -7.09 24.90
CA ILE A 306 -1.59 -6.68 23.64
C ILE A 306 -0.15 -6.21 23.84
N LEU A 307 0.10 -5.40 24.88
CA LEU A 307 1.41 -4.77 25.04
C LEU A 307 2.47 -5.74 25.58
N GLU A 308 2.10 -6.61 26.52
CA GLU A 308 3.10 -7.48 27.14
C GLU A 308 3.83 -8.40 26.16
N PRO A 309 3.19 -9.05 25.20
CA PRO A 309 3.94 -9.89 24.25
C PRO A 309 4.89 -9.09 23.36
N LEU A 310 4.78 -7.77 23.33
CA LEU A 310 5.66 -6.93 22.54
C LEU A 310 6.78 -6.34 23.38
N GLY A 311 6.75 -6.55 24.69
CA GLY A 311 7.76 -5.98 25.55
C GLY A 311 7.53 -4.53 25.87
N ILE A 312 6.28 -4.08 25.82
CA ILE A 312 5.89 -2.73 26.23
C ILE A 312 5.25 -2.82 27.60
N LYS A 313 5.68 -1.97 28.53
CA LYS A 313 5.07 -1.96 29.86
C LYS A 313 3.72 -1.24 29.81
N THR A 314 2.71 -1.84 30.42
CA THR A 314 1.38 -1.23 30.52
C THR A 314 1.34 -0.30 31.74
N VAL A 315 1.10 1.00 31.52
CA VAL A 315 1.00 1.96 32.63
C VAL A 315 -0.45 2.35 32.92
N VAL A 316 -1.34 2.27 31.93
CA VAL A 316 -2.79 2.48 32.09
C VAL A 316 -3.50 1.47 31.22
N ASP A 317 -4.30 0.60 31.81
CA ASP A 317 -4.96 -0.47 31.06
C ASP A 317 -6.35 -0.03 30.61
N LEU A 318 -6.55 0.07 29.30
CA LEU A 318 -7.79 0.48 28.67
C LEU A 318 -8.00 -0.34 27.40
N PRO A 319 -9.21 -0.54 26.99
CA PRO A 319 -9.47 -1.27 25.74
C PRO A 319 -9.22 -0.45 24.48
N VAL A 320 -8.02 0.17 24.40
CA VAL A 320 -7.60 0.95 23.24
C VAL A 320 -7.63 0.09 21.97
N GLY A 321 -8.16 0.67 20.88
CA GLY A 321 -8.10 0.06 19.57
C GLY A 321 -9.26 -0.84 19.20
N LEU A 322 -10.18 -1.11 20.14
CA LEU A 322 -11.33 -1.98 19.87
C LEU A 322 -12.50 -1.14 19.33
N ASN A 323 -13.59 -1.82 18.97
CA ASN A 323 -14.84 -1.15 18.58
C ASN A 323 -14.72 -0.43 17.24
N LEU A 324 -13.78 -0.84 16.37
CA LEU A 324 -13.58 -0.19 15.09
C LEU A 324 -14.78 -0.43 14.16
N GLN A 325 -15.35 0.63 13.62
CA GLN A 325 -16.55 0.56 12.78
C GLN A 325 -16.30 1.26 11.45
N ASP A 326 -16.13 0.48 10.39
CA ASP A 326 -16.07 1.00 9.03
C ASP A 326 -17.09 0.25 8.18
N GLN A 327 -17.49 0.86 7.06
CA GLN A 327 -18.50 0.33 6.16
C GLN A 327 -17.86 -0.29 4.90
N THR A 328 -18.67 -1.09 4.20
CA THR A 328 -18.26 -1.77 2.97
C THR A 328 -18.97 -1.11 1.79
N THR A 329 -18.23 -0.85 0.70
CA THR A 329 -18.77 -0.16 -0.48
C THR A 329 -18.64 -1.03 -1.74
N SER A 330 -19.73 -1.12 -2.50
N SER A 330 -19.73 -1.12 -2.50
CA SER A 330 -19.77 -1.86 -3.77
CA SER A 330 -19.78 -1.86 -3.76
C SER A 330 -20.34 -0.96 -4.87
C SER A 330 -20.34 -0.96 -4.87
N THR A 331 -20.17 -1.40 -6.12
CA THR A 331 -20.51 -0.57 -7.27
C THR A 331 -21.47 -1.24 -8.25
N VAL A 332 -22.46 -0.46 -8.72
CA VAL A 332 -23.28 -0.79 -9.90
C VAL A 332 -23.14 0.35 -10.91
N ARG A 333 -22.78 0.00 -12.16
CA ARG A 333 -22.47 1.01 -13.18
C ARG A 333 -23.16 0.67 -14.50
N SER A 334 -23.66 1.70 -15.18
CA SER A 334 -24.44 1.57 -16.41
C SER A 334 -24.10 2.67 -17.39
N ARG A 335 -24.06 2.32 -18.68
N ARG A 335 -24.06 2.31 -18.67
CA ARG A 335 -23.95 3.35 -19.70
CA ARG A 335 -24.01 3.29 -19.74
C ARG A 335 -25.30 4.04 -19.90
C ARG A 335 -25.31 4.08 -19.79
N ILE A 336 -25.24 5.28 -20.38
CA ILE A 336 -26.44 6.12 -20.50
C ILE A 336 -26.64 6.51 -21.95
N THR A 337 -27.88 6.82 -22.29
CA THR A 337 -28.18 7.36 -23.61
C THR A 337 -27.61 8.77 -23.74
N SER A 338 -27.49 9.20 -24.99
CA SER A 338 -27.01 10.55 -25.27
C SER A 338 -27.84 11.60 -24.54
N ALA A 339 -29.13 11.33 -24.32
CA ALA A 339 -29.99 12.25 -23.59
C ALA A 339 -29.58 12.41 -22.13
N GLY A 340 -28.82 11.46 -21.58
CA GLY A 340 -28.43 11.53 -20.19
C GLY A 340 -27.25 12.41 -19.84
N ALA A 341 -26.67 13.12 -20.81
CA ALA A 341 -25.40 13.82 -20.61
C ALA A 341 -25.53 14.93 -19.57
N GLY A 342 -24.41 15.22 -18.89
CA GLY A 342 -24.39 16.27 -17.90
C GLY A 342 -23.73 15.92 -16.58
N GLN A 343 -23.41 16.94 -15.79
CA GLN A 343 -22.82 16.78 -14.47
C GLN A 343 -23.91 16.50 -13.44
N GLY A 344 -23.48 15.98 -12.28
CA GLY A 344 -24.39 15.93 -11.15
C GLY A 344 -24.21 14.73 -10.24
N GLN A 345 -24.31 14.97 -8.93
CA GLN A 345 -24.28 13.90 -7.94
C GLN A 345 -25.57 13.91 -7.13
N ALA A 346 -25.95 12.73 -6.62
CA ALA A 346 -27.07 12.61 -5.71
C ALA A 346 -26.93 11.30 -4.94
N ALA A 347 -27.72 11.16 -3.88
CA ALA A 347 -27.71 9.94 -3.08
C ALA A 347 -29.11 9.58 -2.60
N TRP A 348 -29.40 8.28 -2.57
CA TRP A 348 -30.57 7.73 -1.93
C TRP A 348 -30.19 7.29 -0.51
N PHE A 349 -30.70 7.99 0.51
CA PHE A 349 -30.61 7.51 1.89
C PHE A 349 -31.81 6.60 2.13
N ALA A 350 -31.58 5.29 2.12
CA ALA A 350 -32.64 4.31 2.11
C ALA A 350 -32.83 3.69 3.50
N THR A 351 -34.09 3.50 3.89
CA THR A 351 -34.41 2.89 5.16
C THR A 351 -34.18 1.38 5.10
N PHE A 352 -34.28 0.74 6.27
CA PHE A 352 -34.13 -0.70 6.37
C PHE A 352 -35.11 -1.43 5.45
N ASN A 353 -36.39 -1.11 5.55
CA ASN A 353 -37.39 -1.76 4.71
C ASN A 353 -37.17 -1.46 3.24
N GLU A 354 -36.85 -0.20 2.91
CA GLU A 354 -36.52 0.15 1.53
C GLU A 354 -35.32 -0.64 1.02
N THR A 355 -34.37 -0.97 1.91
CA THR A 355 -33.17 -1.70 1.52
C THR A 355 -33.46 -3.17 1.28
N PHE A 356 -34.27 -3.78 2.13
CA PHE A 356 -34.42 -5.22 2.07
C PHE A 356 -35.59 -5.67 1.19
N GLY A 357 -36.51 -4.77 0.82
CA GLY A 357 -37.65 -5.14 0.01
C GLY A 357 -38.34 -6.43 0.44
N ASP A 358 -38.33 -7.43 -0.43
CA ASP A 358 -38.99 -8.71 -0.15
C ASP A 358 -38.42 -9.40 1.07
N TYR A 359 -37.15 -9.14 1.41
CA TYR A 359 -36.48 -9.80 2.54
C TYR A 359 -36.66 -9.02 3.85
N THR A 360 -37.55 -8.00 3.86
CA THR A 360 -37.72 -7.16 5.04
C THR A 360 -38.14 -7.98 6.26
N GLU A 361 -39.10 -8.90 6.09
CA GLU A 361 -39.59 -9.70 7.22
C GLU A 361 -38.49 -10.58 7.79
N LYS A 362 -37.77 -11.30 6.91
CA LYS A 362 -36.72 -12.19 7.41
C LYS A 362 -35.58 -11.42 8.06
N ALA A 363 -35.26 -10.22 7.54
CA ALA A 363 -34.19 -9.42 8.14
C ALA A 363 -34.60 -8.90 9.50
N HIS A 364 -35.84 -8.41 9.63
CA HIS A 364 -36.35 -7.97 10.92
C HIS A 364 -36.31 -9.10 11.93
N GLU A 365 -36.60 -10.32 11.47
CA GLU A 365 -36.59 -11.45 12.37
C GLU A 365 -35.18 -11.73 12.90
N LEU A 366 -34.16 -11.65 12.05
CA LEU A 366 -32.78 -11.80 12.51
C LEU A 366 -32.42 -10.73 13.53
N LEU A 367 -32.73 -9.47 13.20
CA LEU A 367 -32.45 -8.37 14.11
C LEU A 367 -33.15 -8.55 15.45
N ASN A 368 -34.31 -9.21 15.44
CA ASN A 368 -35.10 -9.37 16.65
C ASN A 368 -34.63 -10.52 17.52
N THR A 369 -33.81 -11.44 16.99
CA THR A 369 -33.44 -12.65 17.73
C THR A 369 -31.94 -12.91 17.89
N LYS A 370 -31.06 -12.30 17.09
CA LYS A 370 -29.67 -12.72 17.04
C LYS A 370 -28.69 -11.80 17.78
N LEU A 371 -29.15 -10.72 18.42
CA LEU A 371 -28.22 -9.72 18.96
C LEU A 371 -27.25 -10.34 19.96
N GLU A 372 -27.73 -11.19 20.86
CA GLU A 372 -26.85 -11.75 21.89
C GLU A 372 -25.77 -12.63 21.26
N GLN A 373 -26.17 -13.52 20.36
CA GLN A 373 -25.23 -14.38 19.65
C GLN A 373 -24.20 -13.56 18.87
N TRP A 374 -24.69 -12.56 18.10
CA TRP A 374 -23.79 -11.70 17.33
C TRP A 374 -22.76 -11.01 18.21
N ALA A 375 -23.16 -10.58 19.40
CA ALA A 375 -22.23 -9.90 20.30
C ALA A 375 -21.17 -10.87 20.82
N GLU A 376 -21.57 -12.09 21.17
CA GLU A 376 -20.60 -13.07 21.63
C GLU A 376 -19.56 -13.36 20.56
N GLU A 377 -20.00 -13.46 19.30
CA GLU A 377 -19.10 -13.79 18.20
C GLU A 377 -18.12 -12.67 17.90
N ALA A 378 -18.56 -11.41 18.00
CA ALA A 378 -17.66 -10.28 17.77
C ALA A 378 -16.61 -10.17 18.88
N VAL A 379 -17.03 -10.39 20.13
CA VAL A 379 -16.08 -10.39 21.24
C VAL A 379 -15.07 -11.53 21.09
N ALA A 380 -15.51 -12.71 20.64
CA ALA A 380 -14.59 -13.82 20.48
C ALA A 380 -13.54 -13.54 19.41
N ARG A 381 -13.91 -12.78 18.37
CA ARG A 381 -13.01 -12.35 17.32
C ARG A 381 -12.11 -11.19 17.72
N GLY A 382 -12.20 -10.70 18.96
CA GLY A 382 -11.36 -9.63 19.44
C GLY A 382 -11.75 -8.23 18.99
N GLY A 383 -12.97 -8.04 18.46
CA GLY A 383 -13.47 -6.72 18.07
C GLY A 383 -13.99 -5.85 19.20
N PHE A 384 -14.22 -6.44 20.37
CA PHE A 384 -14.69 -5.76 21.58
C PHE A 384 -14.39 -6.69 22.74
N HIS A 385 -14.35 -6.13 23.94
CA HIS A 385 -13.87 -6.88 25.08
C HIS A 385 -14.97 -7.43 25.99
N ASN A 386 -16.17 -6.85 25.97
CA ASN A 386 -17.19 -7.12 26.99
C ASN A 386 -18.52 -7.29 26.28
N THR A 387 -19.05 -8.52 26.26
N THR A 387 -19.04 -8.53 26.27
CA THR A 387 -20.25 -8.81 25.48
CA THR A 387 -20.24 -8.85 25.51
C THR A 387 -21.46 -8.04 25.99
C THR A 387 -21.45 -8.06 25.99
N THR A 388 -21.61 -7.94 27.31
CA THR A 388 -22.72 -7.19 27.88
C THR A 388 -22.73 -5.74 27.38
N ALA A 389 -21.55 -5.10 27.35
CA ALA A 389 -21.49 -3.70 26.92
C ALA A 389 -21.67 -3.57 25.41
N LEU A 390 -21.20 -4.55 24.60
CA LEU A 390 -21.47 -4.46 23.16
C LEU A 390 -22.97 -4.53 22.88
N LEU A 391 -23.70 -5.30 23.69
CA LEU A 391 -25.14 -5.44 23.48
C LEU A 391 -25.88 -4.13 23.65
N ILE A 392 -25.38 -3.24 24.51
CA ILE A 392 -25.93 -1.89 24.61
C ILE A 392 -25.90 -1.21 23.23
N GLN A 393 -24.77 -1.34 22.52
CA GLN A 393 -24.67 -0.76 21.18
C GLN A 393 -25.70 -1.38 20.23
N TYR A 394 -25.83 -2.71 20.25
CA TYR A 394 -26.76 -3.38 19.32
C TYR A 394 -28.21 -3.01 19.62
N GLU A 395 -28.61 -3.00 20.90
CA GLU A 395 -29.95 -2.54 21.26
C GLU A 395 -30.20 -1.13 20.75
N ASN A 396 -29.17 -0.28 20.78
CA ASN A 396 -29.32 1.08 20.28
C ASN A 396 -29.56 1.10 18.76
N TYR A 397 -28.80 0.29 18.01
CA TYR A 397 -29.02 0.21 16.56
C TYR A 397 -30.40 -0.34 16.23
N ARG A 398 -30.89 -1.32 17.00
CA ARG A 398 -32.22 -1.84 16.70
C ARG A 398 -33.30 -0.78 16.92
N ASP A 399 -33.18 0.01 17.99
CA ASP A 399 -34.11 1.13 18.19
C ASP A 399 -34.04 2.13 17.04
N TRP A 400 -32.82 2.47 16.59
CA TRP A 400 -32.67 3.36 15.43
C TRP A 400 -33.46 2.82 14.24
N ILE A 401 -33.34 1.53 13.96
CA ILE A 401 -33.97 0.94 12.78
C ILE A 401 -35.49 0.80 13.00
N VAL A 402 -35.88 0.25 14.15
CA VAL A 402 -37.26 -0.17 14.36
C VAL A 402 -38.15 1.00 14.83
N LYS A 403 -37.68 1.82 15.77
CA LYS A 403 -38.50 2.91 16.29
C LYS A 403 -38.29 4.22 15.52
N ASP A 404 -37.06 4.57 15.15
CA ASP A 404 -36.81 5.85 14.50
C ASP A 404 -36.83 5.79 12.98
N ASN A 405 -36.69 4.60 12.39
CA ASN A 405 -36.63 4.42 10.94
C ASN A 405 -35.55 5.30 10.28
N VAL A 406 -34.33 5.25 10.83
CA VAL A 406 -33.22 6.00 10.22
C VAL A 406 -32.79 5.33 8.92
N ALA A 407 -32.07 6.08 8.09
CA ALA A 407 -31.50 5.50 6.88
C ALA A 407 -30.54 4.37 7.23
N TYR A 408 -30.66 3.26 6.51
CA TYR A 408 -29.86 2.09 6.75
C TYR A 408 -28.75 1.90 5.74
N SER A 409 -28.93 2.37 4.50
CA SER A 409 -27.94 2.23 3.45
C SER A 409 -27.90 3.52 2.63
N GLU A 410 -26.77 3.77 1.97
CA GLU A 410 -26.61 4.94 1.13
C GLU A 410 -26.24 4.49 -0.29
N LEU A 411 -26.99 4.99 -1.26
CA LEU A 411 -26.79 4.67 -2.67
C LEU A 411 -26.35 5.97 -3.35
N PHE A 412 -25.04 6.06 -3.67
CA PHE A 412 -24.45 7.32 -4.09
C PHE A 412 -24.30 7.33 -5.61
N LEU A 413 -24.89 8.34 -6.26
CA LEU A 413 -24.97 8.37 -7.72
C LEU A 413 -24.05 9.43 -8.30
N ASP A 414 -23.18 9.02 -9.23
CA ASP A 414 -22.44 9.93 -10.08
C ASP A 414 -22.97 9.81 -11.51
N THR A 415 -23.01 10.93 -12.24
CA THR A 415 -23.45 10.92 -13.63
C THR A 415 -22.26 11.27 -14.49
N ALA A 416 -22.19 12.49 -15.05
CA ALA A 416 -21.06 12.96 -15.85
C ALA A 416 -20.65 11.94 -16.90
N GLY A 417 -21.64 11.42 -17.62
CA GLY A 417 -21.39 10.51 -18.73
C GLY A 417 -21.79 9.08 -18.50
N GLU A 418 -22.24 8.72 -17.30
CA GLU A 418 -22.66 7.36 -17.02
C GLU A 418 -23.62 7.41 -15.84
N ALA A 419 -24.17 6.25 -15.49
CA ALA A 419 -24.93 6.11 -14.26
C ALA A 419 -24.15 5.14 -13.37
N SER A 420 -23.55 5.67 -12.29
CA SER A 420 -22.70 4.87 -11.43
C SER A 420 -23.07 5.05 -9.96
N PHE A 421 -23.37 3.94 -9.29
CA PHE A 421 -23.73 3.91 -7.88
C PHE A 421 -22.57 3.30 -7.09
N ASP A 422 -22.08 4.04 -6.08
CA ASP A 422 -21.33 3.46 -4.97
C ASP A 422 -22.32 3.26 -3.83
N VAL A 423 -22.34 2.05 -3.26
CA VAL A 423 -23.38 1.62 -2.33
C VAL A 423 -22.74 1.12 -1.03
N TRP A 424 -23.26 1.60 0.12
CA TRP A 424 -22.78 1.06 1.39
C TRP A 424 -23.88 0.98 2.45
N ASP A 425 -23.91 -0.15 3.15
CA ASP A 425 -24.62 -0.31 4.42
C ASP A 425 -24.03 0.62 5.48
N LEU A 426 -24.87 1.52 5.99
CA LEU A 426 -24.40 2.57 6.89
C LEU A 426 -24.19 2.11 8.33
N LEU A 427 -24.81 1.00 8.76
CA LEU A 427 -24.87 0.62 10.17
C LEU A 427 -24.37 -0.80 10.34
N PRO A 428 -23.05 -1.02 10.22
CA PRO A 428 -22.53 -2.38 10.41
C PRO A 428 -22.59 -2.80 11.88
N PHE A 429 -22.93 -4.08 12.09
CA PHE A 429 -22.88 -4.65 13.44
C PHE A 429 -21.54 -5.31 13.76
N THR A 430 -20.73 -5.62 12.73
CA THR A 430 -19.39 -6.13 12.99
C THR A 430 -18.58 -5.12 13.79
N ARG A 431 -17.64 -5.60 14.60
CA ARG A 431 -16.70 -4.72 15.29
C ARG A 431 -15.29 -5.25 15.08
N GLY A 432 -14.36 -4.38 14.69
CA GLY A 432 -12.99 -4.79 14.51
C GLY A 432 -12.03 -4.11 15.45
N TYR A 433 -10.73 -4.18 15.14
CA TYR A 433 -9.70 -3.63 16.03
C TYR A 433 -8.53 -3.11 15.21
N VAL A 434 -7.73 -2.25 15.83
CA VAL A 434 -6.37 -1.99 15.37
C VAL A 434 -5.44 -2.08 16.57
N HIS A 435 -4.31 -2.80 16.40
CA HIS A 435 -3.32 -2.99 17.44
C HIS A 435 -1.92 -2.94 16.87
N ILE A 436 -0.97 -2.37 17.62
CA ILE A 436 0.44 -2.43 17.23
C ILE A 436 0.95 -3.87 17.25
N LEU A 437 2.02 -4.13 16.48
CA LEU A 437 2.62 -5.46 16.39
C LEU A 437 4.10 -5.43 16.74
N ASP A 438 4.62 -4.30 17.19
CA ASP A 438 6.03 -4.08 17.49
C ASP A 438 6.12 -2.91 18.45
N LYS A 439 7.24 -2.83 19.20
CA LYS A 439 7.40 -1.72 20.14
C LYS A 439 7.92 -0.43 19.49
N ASP A 440 8.43 -0.50 18.25
CA ASP A 440 9.02 0.66 17.59
C ASP A 440 7.94 1.45 16.87
N PRO A 441 7.59 2.65 17.31
CA PRO A 441 6.56 3.42 16.59
C PRO A 441 6.90 3.72 15.14
N TYR A 442 8.19 3.95 14.80
CA TYR A 442 8.53 4.35 13.45
C TYR A 442 8.62 3.17 12.47
N LEU A 443 8.50 1.93 12.96
CA LEU A 443 8.33 0.78 12.05
C LEU A 443 6.94 0.74 11.46
N ARG A 444 5.94 1.28 12.18
CA ARG A 444 4.54 1.29 11.75
C ARG A 444 4.09 -0.12 11.34
N HIS A 445 4.33 -1.08 12.23
CA HIS A 445 3.97 -2.49 12.03
C HIS A 445 2.76 -2.77 12.93
N PHE A 446 1.59 -2.94 12.33
CA PHE A 446 0.33 -3.00 13.09
C PHE A 446 -0.65 -3.92 12.37
N ALA A 447 -1.67 -4.37 13.10
CA ALA A 447 -2.75 -5.18 12.55
C ALA A 447 -4.02 -4.35 12.58
N TYR A 448 -4.57 -4.07 11.39
CA TYR A 448 -5.78 -3.27 11.24
C TYR A 448 -6.86 -4.17 10.64
N ASP A 449 -7.86 -4.56 11.42
CA ASP A 449 -8.84 -5.56 10.99
C ASP A 449 -10.27 -5.07 11.20
N PRO A 450 -10.91 -4.50 10.18
CA PRO A 450 -12.31 -4.08 10.32
C PRO A 450 -13.30 -5.25 10.33
N GLN A 451 -12.87 -6.48 10.05
CA GLN A 451 -13.75 -7.66 10.12
C GLN A 451 -14.97 -7.49 9.22
N TYR A 452 -14.74 -6.89 8.05
CA TYR A 452 -15.79 -6.71 7.05
C TYR A 452 -16.53 -8.03 6.80
N PHE A 453 -17.87 -7.97 6.85
CA PHE A 453 -18.77 -9.08 6.50
C PHE A 453 -18.69 -10.28 7.44
N LEU A 454 -18.10 -10.15 8.62
CA LEU A 454 -18.13 -11.25 9.59
C LEU A 454 -19.36 -11.19 10.48
N ASN A 455 -20.25 -10.21 10.27
CA ASN A 455 -21.61 -10.23 10.77
C ASN A 455 -22.55 -10.46 9.59
N GLU A 456 -23.42 -11.46 9.72
CA GLU A 456 -24.26 -11.89 8.59
C GLU A 456 -25.26 -10.82 8.17
N LEU A 457 -25.76 -10.00 9.10
CA LEU A 457 -26.66 -8.93 8.68
C LEU A 457 -25.92 -7.88 7.84
N ASP A 458 -24.64 -7.64 8.14
CA ASP A 458 -23.87 -6.70 7.33
C ASP A 458 -23.74 -7.20 5.89
N LEU A 459 -23.52 -8.50 5.70
CA LEU A 459 -23.43 -9.04 4.34
C LEU A 459 -24.80 -9.06 3.65
N LEU A 460 -25.84 -9.50 4.35
CA LEU A 460 -27.19 -9.46 3.77
C LEU A 460 -27.57 -8.04 3.36
N GLY A 461 -27.36 -7.06 4.25
CA GLY A 461 -27.75 -5.70 3.94
C GLY A 461 -26.95 -5.08 2.79
N GLN A 462 -25.65 -5.37 2.73
CA GLN A 462 -24.85 -4.88 1.61
C GLN A 462 -25.32 -5.48 0.28
N ALA A 463 -25.57 -6.79 0.28
CA ALA A 463 -26.04 -7.43 -0.95
C ALA A 463 -27.39 -6.86 -1.38
N ALA A 464 -28.28 -6.65 -0.41
CA ALA A 464 -29.61 -6.13 -0.72
C ALA A 464 -29.54 -4.69 -1.22
N ALA A 465 -28.67 -3.86 -0.63
CA ALA A 465 -28.60 -2.48 -1.08
C ALA A 465 -27.99 -2.37 -2.48
N THR A 466 -27.04 -3.26 -2.82
CA THR A 466 -26.44 -3.21 -4.14
C THR A 466 -27.40 -3.73 -5.20
N GLN A 467 -28.09 -4.85 -4.91
CA GLN A 467 -29.16 -5.31 -5.78
C GLN A 467 -30.20 -4.22 -6.04
N LEU A 468 -30.59 -3.49 -5.00
CA LEU A 468 -31.50 -2.37 -5.16
C LEU A 468 -30.93 -1.32 -6.11
N ALA A 469 -29.60 -1.11 -6.07
CA ALA A 469 -29.01 -0.11 -6.95
C ALA A 469 -29.13 -0.52 -8.41
N ARG A 470 -28.96 -1.81 -8.70
CA ARG A 470 -29.23 -2.31 -10.05
C ARG A 470 -30.70 -2.13 -10.40
N ASN A 471 -31.58 -2.48 -9.47
CA ASN A 471 -33.02 -2.38 -9.69
C ASN A 471 -33.42 -0.96 -10.10
N ILE A 472 -33.11 0.02 -9.24
CA ILE A 472 -33.57 1.40 -9.48
C ILE A 472 -32.93 2.02 -10.72
N SER A 473 -31.74 1.55 -11.15
CA SER A 473 -31.14 2.09 -12.37
C SER A 473 -31.98 1.80 -13.61
N ASN A 474 -32.75 0.71 -13.62
CA ASN A 474 -33.58 0.38 -14.77
C ASN A 474 -35.05 0.34 -14.38
N SER A 475 -35.50 1.35 -13.66
CA SER A 475 -36.85 1.39 -13.11
C SER A 475 -37.40 2.80 -13.28
N GLY A 476 -38.70 2.89 -13.58
CA GLY A 476 -39.33 4.21 -13.67
C GLY A 476 -38.70 5.08 -14.74
N ALA A 477 -38.61 6.39 -14.44
CA ALA A 477 -37.98 7.33 -15.36
C ALA A 477 -36.54 6.93 -15.72
N MET A 478 -35.86 6.15 -14.87
CA MET A 478 -34.48 5.76 -15.15
C MET A 478 -34.39 4.85 -16.38
N GLN A 479 -35.48 4.16 -16.76
CA GLN A 479 -35.48 3.36 -17.97
C GLN A 479 -35.19 4.20 -19.21
N THR A 480 -35.59 5.47 -19.19
CA THR A 480 -35.36 6.36 -20.33
C THR A 480 -33.88 6.42 -20.70
N TYR A 481 -33.01 6.40 -19.70
CA TYR A 481 -31.60 6.65 -19.91
C TYR A 481 -30.74 5.40 -19.87
N PHE A 482 -31.31 4.26 -19.50
CA PHE A 482 -30.54 3.03 -19.33
C PHE A 482 -30.01 2.53 -20.67
N ALA A 483 -28.69 2.31 -20.75
CA ALA A 483 -28.05 1.85 -21.97
C ALA A 483 -27.15 0.63 -21.74
N GLY A 484 -27.49 -0.23 -20.77
CA GLY A 484 -26.73 -1.44 -20.55
C GLY A 484 -25.75 -1.37 -19.40
N GLU A 485 -25.74 -2.41 -18.56
CA GLU A 485 -24.91 -2.42 -17.36
C GLU A 485 -23.48 -2.86 -17.68
N THR A 486 -22.51 -2.16 -17.10
CA THR A 486 -21.11 -2.56 -17.24
C THR A 486 -20.50 -3.12 -15.96
N ILE A 487 -21.03 -2.77 -14.79
CA ILE A 487 -20.66 -3.36 -13.51
C ILE A 487 -21.92 -3.67 -12.68
N PRO A 488 -22.12 -4.91 -12.23
CA PRO A 488 -21.25 -6.09 -12.40
C PRO A 488 -21.09 -6.52 -13.86
N GLY A 489 -22.09 -6.25 -14.70
CA GLY A 489 -22.04 -6.73 -16.07
C GLY A 489 -21.88 -8.25 -16.12
N ASP A 490 -20.91 -8.69 -16.93
CA ASP A 490 -20.63 -10.12 -17.15
C ASP A 490 -20.36 -10.87 -15.87
N ASN A 491 -19.94 -10.20 -14.80
CA ASN A 491 -19.47 -10.92 -13.63
C ASN A 491 -20.61 -11.40 -12.74
N LEU A 492 -21.83 -10.88 -12.92
CA LEU A 492 -23.00 -11.35 -12.18
C LEU A 492 -24.22 -11.23 -13.08
N ALA A 493 -24.91 -12.37 -13.29
CA ALA A 493 -26.10 -12.41 -14.12
C ALA A 493 -27.10 -11.33 -13.68
N TYR A 494 -27.69 -10.65 -14.68
CA TYR A 494 -28.48 -9.45 -14.44
C TYR A 494 -29.75 -9.70 -13.65
N ASP A 495 -30.25 -10.94 -13.63
CA ASP A 495 -31.43 -11.33 -12.87
C ASP A 495 -31.09 -12.08 -11.59
N ALA A 496 -29.87 -11.89 -11.07
CA ALA A 496 -29.46 -12.57 -9.85
C ALA A 496 -30.39 -12.24 -8.69
N ASP A 497 -30.67 -13.24 -7.86
CA ASP A 497 -31.45 -13.06 -6.64
C ASP A 497 -30.53 -12.66 -5.49
N LEU A 498 -31.09 -12.52 -4.29
CA LEU A 498 -30.28 -12.05 -3.18
C LEU A 498 -29.18 -13.04 -2.84
N ARG A 499 -29.48 -14.35 -2.84
CA ARG A 499 -28.46 -15.35 -2.57
C ARG A 499 -27.27 -15.22 -3.52
N ALA A 500 -27.52 -14.94 -4.81
CA ALA A 500 -26.42 -14.82 -5.75
C ALA A 500 -25.58 -13.57 -5.47
N TRP A 501 -26.24 -12.49 -5.04
CA TRP A 501 -25.51 -11.27 -4.66
C TRP A 501 -24.64 -11.50 -3.44
N VAL A 502 -25.11 -12.32 -2.50
CA VAL A 502 -24.36 -12.62 -1.28
C VAL A 502 -23.07 -13.35 -1.62
N GLU A 503 -23.12 -14.26 -2.60
CA GLU A 503 -21.92 -14.98 -3.05
C GLU A 503 -20.93 -14.06 -3.76
N TYR A 504 -21.42 -13.04 -4.46
CA TYR A 504 -20.59 -12.16 -5.27
C TYR A 504 -19.96 -11.03 -4.46
N ILE A 505 -20.71 -10.47 -3.50
CA ILE A 505 -20.31 -9.21 -2.87
C ILE A 505 -18.97 -9.25 -2.16
N PRO A 506 -18.58 -10.33 -1.46
CA PRO A 506 -17.26 -10.31 -0.78
C PRO A 506 -16.08 -10.16 -1.72
N TYR A 507 -16.25 -10.47 -2.99
CA TYR A 507 -15.16 -10.41 -3.96
C TYR A 507 -15.23 -9.16 -4.81
N HIS A 508 -16.10 -8.21 -4.43
CA HIS A 508 -16.34 -6.97 -5.16
C HIS A 508 -16.75 -5.87 -4.19
N PHE A 509 -15.86 -5.51 -3.27
CA PHE A 509 -16.11 -4.41 -2.34
C PHE A 509 -14.80 -3.78 -1.96
N ARG A 510 -14.88 -2.52 -1.54
CA ARG A 510 -13.77 -1.77 -0.98
C ARG A 510 -14.14 -1.25 0.41
N PRO A 511 -13.13 -0.92 1.24
CA PRO A 511 -13.42 -0.15 2.45
C PRO A 511 -14.03 1.19 2.08
N ASN A 512 -14.87 1.72 2.98
CA ASN A 512 -15.46 3.03 2.76
C ASN A 512 -14.60 4.16 3.35
N TYR A 513 -13.57 3.82 4.13
CA TYR A 513 -12.69 4.82 4.76
C TYR A 513 -13.46 5.79 5.67
N HIS A 514 -14.50 5.29 6.35
CA HIS A 514 -15.22 6.06 7.36
C HIS A 514 -14.95 5.53 8.77
N GLY A 515 -13.80 4.92 9.01
CA GLY A 515 -13.56 4.25 10.29
C GLY A 515 -13.68 5.14 11.52
N VAL A 516 -14.49 4.73 12.51
CA VAL A 516 -14.63 5.43 13.79
C VAL A 516 -14.54 4.41 14.91
N GLY A 517 -14.32 4.92 16.14
CA GLY A 517 -14.59 4.16 17.35
C GLY A 517 -13.41 3.52 18.08
N THR A 518 -12.18 3.69 17.60
CA THR A 518 -11.03 3.01 18.20
C THR A 518 -10.56 3.62 19.53
N CYS A 519 -11.02 4.85 19.88
CA CYS A 519 -10.91 5.41 21.25
C CYS A 519 -12.30 5.91 21.66
N SER A 520 -13.25 4.99 21.85
CA SER A 520 -14.66 5.39 21.91
C SER A 520 -14.96 6.32 23.08
N MET A 521 -15.77 7.34 22.81
CA MET A 521 -16.25 8.28 23.83
C MET A 521 -17.51 7.68 24.46
N MET A 522 -17.31 6.94 25.55
CA MET A 522 -18.39 6.44 26.38
C MET A 522 -17.82 6.11 27.75
N PRO A 523 -18.68 5.86 28.74
CA PRO A 523 -18.17 5.53 30.09
C PRO A 523 -17.19 4.37 30.08
N LYS A 524 -16.24 4.42 31.02
CA LYS A 524 -15.24 3.37 31.12
C LYS A 524 -15.91 2.00 31.27
N GLU A 525 -16.94 1.90 32.12
CA GLU A 525 -17.58 0.60 32.36
C GLU A 525 -18.31 0.08 31.13
N MET A 526 -18.58 0.92 30.13
CA MET A 526 -19.13 0.49 28.86
C MET A 526 -18.06 0.14 27.83
N GLY A 527 -16.78 0.21 28.18
CA GLY A 527 -15.72 -0.03 27.22
C GLY A 527 -15.09 1.21 26.60
N GLY A 528 -15.35 2.38 27.17
CA GLY A 528 -14.85 3.61 26.59
C GLY A 528 -13.40 3.90 26.90
N VAL A 529 -12.83 4.78 26.07
CA VAL A 529 -11.46 5.23 26.23
C VAL A 529 -11.37 6.69 26.67
N VAL A 530 -12.34 7.55 26.30
CA VAL A 530 -12.33 8.96 26.68
C VAL A 530 -13.69 9.35 27.26
N ASP A 531 -13.66 10.38 28.13
CA ASP A 531 -14.89 10.92 28.72
C ASP A 531 -15.54 11.94 27.77
N ASN A 532 -16.60 12.60 28.26
CA ASN A 532 -17.35 13.55 27.47
C ASN A 532 -16.59 14.82 27.15
N ALA A 533 -15.35 14.97 27.62
CA ALA A 533 -14.48 16.06 27.23
C ALA A 533 -13.25 15.54 26.48
N ALA A 534 -13.33 14.30 25.97
CA ALA A 534 -12.31 13.65 25.15
C ALA A 534 -11.03 13.35 25.91
N ARG A 535 -11.06 13.40 27.25
CA ARG A 535 -9.90 13.08 28.08
C ARG A 535 -9.73 11.58 28.24
N VAL A 536 -8.50 11.08 28.12
CA VAL A 536 -8.25 9.64 28.27
C VAL A 536 -8.38 9.25 29.73
N TYR A 537 -9.15 8.18 30.01
CA TYR A 537 -9.37 7.79 31.39
C TYR A 537 -8.06 7.47 32.08
N GLY A 538 -7.87 8.02 33.28
CA GLY A 538 -6.70 7.68 34.06
C GLY A 538 -5.42 8.40 33.70
N VAL A 539 -5.47 9.44 32.85
CA VAL A 539 -4.30 10.23 32.48
C VAL A 539 -4.67 11.70 32.50
N GLN A 540 -3.82 12.52 33.10
CA GLN A 540 -4.02 13.96 33.12
C GLN A 540 -3.38 14.62 31.91
N GLY A 541 -4.01 15.68 31.42
CA GLY A 541 -3.48 16.46 30.30
C GLY A 541 -3.34 15.72 28.99
N LEU A 542 -4.23 14.76 28.69
CA LEU A 542 -4.17 13.97 27.46
C LEU A 542 -5.56 13.73 26.89
N ARG A 543 -5.77 14.08 25.62
CA ARG A 543 -7.05 13.90 24.93
C ARG A 543 -6.86 13.23 23.58
N VAL A 544 -7.89 12.52 23.11
CA VAL A 544 -8.01 12.10 21.72
C VAL A 544 -9.19 12.88 21.14
N ILE A 545 -8.96 13.62 20.05
CA ILE A 545 -9.93 14.62 19.58
C ILE A 545 -10.46 14.33 18.17
N ASP A 546 -10.16 13.15 17.62
CA ASP A 546 -10.37 12.91 16.19
C ASP A 546 -11.41 11.80 15.95
N GLY A 547 -11.46 11.30 14.71
CA GLY A 547 -12.43 10.28 14.35
C GLY A 547 -12.32 8.99 15.15
N SER A 548 -11.29 8.85 16.00
CA SER A 548 -11.23 7.69 16.89
C SER A 548 -12.39 7.66 17.89
N ILE A 549 -12.95 8.82 18.25
CA ILE A 549 -13.82 8.88 19.44
C ILE A 549 -15.32 8.65 19.20
N PRO A 550 -15.93 8.93 18.05
CA PRO A 550 -17.38 8.63 17.90
C PRO A 550 -17.67 7.18 18.22
N PRO A 551 -18.59 6.92 19.16
CA PRO A 551 -18.88 5.53 19.55
C PRO A 551 -19.78 4.79 18.57
N THR A 552 -20.41 5.49 17.65
CA THR A 552 -21.30 4.88 16.67
C THR A 552 -20.95 5.40 15.29
N GLN A 553 -21.36 4.64 14.28
CA GLN A 553 -21.53 5.19 12.94
C GLN A 553 -22.72 6.15 12.93
N MET A 554 -22.97 6.73 11.76
CA MET A 554 -24.05 7.69 11.60
C MET A 554 -24.49 7.67 10.14
N SER A 555 -25.75 8.06 9.90
CA SER A 555 -26.33 7.99 8.55
C SER A 555 -26.02 9.29 7.80
N SER A 556 -24.74 9.48 7.50
CA SER A 556 -24.28 10.71 6.86
C SER A 556 -22.80 10.55 6.50
N HIS A 557 -22.29 11.58 5.83
CA HIS A 557 -20.86 11.80 5.69
C HIS A 557 -20.38 12.61 6.89
N VAL A 558 -19.14 12.37 7.35
CA VAL A 558 -18.79 12.71 8.74
C VAL A 558 -18.27 14.13 8.93
N MET A 559 -17.91 14.85 7.87
CA MET A 559 -17.24 16.14 8.05
C MET A 559 -18.11 17.13 8.83
N THR A 560 -19.42 17.16 8.58
CA THR A 560 -20.28 18.08 9.31
C THR A 560 -20.19 17.81 10.81
N VAL A 561 -20.04 16.55 11.19
CA VAL A 561 -19.98 16.23 12.62
C VAL A 561 -18.58 16.45 13.18
N PHE A 562 -17.55 16.06 12.41
CA PHE A 562 -16.18 16.17 12.94
C PHE A 562 -15.78 17.64 13.13
N TYR A 563 -16.16 18.52 12.19
CA TYR A 563 -15.88 19.94 12.41
C TYR A 563 -16.56 20.43 13.69
N ALA A 564 -17.81 20.02 13.91
CA ALA A 564 -18.53 20.41 15.11
C ALA A 564 -17.86 19.84 16.36
N MET A 565 -17.49 18.57 16.29
CA MET A 565 -16.88 17.89 17.43
C MET A 565 -15.55 18.55 17.82
N ALA A 566 -14.75 18.95 16.82
CA ALA A 566 -13.49 19.63 17.14
C ALA A 566 -13.74 20.97 17.85
N LEU A 567 -14.74 21.73 17.42
CA LEU A 567 -14.99 23.01 18.08
C LEU A 567 -15.51 22.83 19.49
N LYS A 568 -16.37 21.82 19.70
CA LYS A 568 -16.88 21.52 21.03
C LYS A 568 -15.72 21.18 21.98
N ILE A 569 -14.80 20.34 21.52
CA ILE A 569 -13.64 19.98 22.33
C ILE A 569 -12.76 21.19 22.59
N ALA A 570 -12.56 22.04 21.57
CA ALA A 570 -11.75 23.24 21.80
C ALA A 570 -12.32 24.10 22.93
N ASP A 571 -13.65 24.23 22.99
CA ASP A 571 -14.25 25.00 24.10
C ASP A 571 -13.92 24.38 25.45
N ALA A 572 -13.88 23.04 25.53
CA ALA A 572 -13.56 22.40 26.80
C ALA A 572 -12.10 22.60 27.19
N VAL A 573 -11.19 22.51 26.21
CA VAL A 573 -9.77 22.75 26.49
C VAL A 573 -9.57 24.18 26.98
N LEU A 574 -10.20 25.15 26.30
CA LEU A 574 -10.08 26.56 26.68
C LEU A 574 -10.71 26.83 28.04
N ALA A 575 -11.79 26.12 28.38
CA ALA A 575 -12.40 26.28 29.69
C ALA A 575 -11.49 25.78 30.80
N ASP A 576 -10.75 24.69 30.56
CA ASP A 576 -9.82 24.21 31.58
C ASP A 576 -8.60 25.13 31.69
N TYR A 577 -8.14 25.66 30.56
CA TYR A 577 -7.08 26.66 30.60
C TYR A 577 -7.51 27.88 31.41
N ALA A 578 -8.74 28.36 31.17
CA ALA A 578 -9.20 29.59 31.83
C ALA A 578 -9.26 29.41 33.34
N SER A 579 -9.74 28.25 33.80
CA SER A 579 -9.84 27.95 35.21
C SER A 579 -8.50 28.01 35.96
N MET A 580 -7.36 28.03 35.26
CA MET A 580 -6.04 28.09 35.88
C MET A 580 -5.45 29.49 35.94
N GLN A 581 -6.13 30.49 35.39
CA GLN A 581 -5.58 31.85 35.28
C GLN A 581 -5.96 32.74 36.46
N GLY B 1 29.69 3.14 16.53
CA GLY B 1 28.88 2.17 15.83
C GLY B 1 28.39 2.68 14.47
N ILE B 2 27.83 1.79 13.66
CA ILE B 2 27.42 2.23 12.33
C ILE B 2 26.29 3.24 12.43
N GLU B 3 25.45 3.11 13.47
CA GLU B 3 24.29 4.01 13.62
C GLU B 3 24.72 5.46 13.78
N ALA B 4 25.75 5.71 14.57
CA ALA B 4 26.21 7.08 14.77
C ALA B 4 26.88 7.63 13.51
N SER B 5 27.47 6.77 12.69
CA SER B 5 28.18 7.22 11.50
C SER B 5 27.24 7.67 10.38
N LEU B 6 26.00 7.23 10.38
CA LEU B 6 25.08 7.60 9.30
C LEU B 6 24.67 9.06 9.40
N LEU B 7 24.52 9.70 8.25
CA LEU B 7 24.06 11.08 8.15
C LEU B 7 22.54 11.10 8.04
N THR B 8 21.88 11.92 8.86
CA THR B 8 20.42 12.01 8.88
C THR B 8 19.88 13.42 8.71
N ASP B 9 20.73 14.44 8.69
CA ASP B 9 20.27 15.80 8.41
C ASP B 9 20.61 16.14 6.98
N PRO B 10 19.63 16.42 6.13
CA PRO B 10 19.95 16.73 4.72
C PRO B 10 20.87 17.94 4.56
N LYS B 11 20.90 18.86 5.53
CA LYS B 11 21.76 20.04 5.42
C LYS B 11 23.24 19.75 5.73
N GLU B 12 23.57 18.59 6.32
CA GLU B 12 24.97 18.18 6.40
C GLU B 12 25.55 17.82 5.03
N VAL B 13 24.72 17.52 4.04
N VAL B 13 24.70 17.50 4.06
CA VAL B 13 25.19 17.05 2.74
CA VAL B 13 25.13 17.02 2.75
C VAL B 13 24.84 17.97 1.59
C VAL B 13 24.97 18.09 1.68
N ALA B 14 24.00 18.97 1.81
CA ALA B 14 23.63 19.87 0.74
C ALA B 14 24.82 20.76 0.35
N GLY B 15 25.09 20.84 -0.96
CA GLY B 15 26.12 21.72 -1.45
C GLY B 15 27.53 21.13 -1.50
N ARG B 16 27.73 19.94 -0.95
CA ARG B 16 29.03 19.27 -1.07
C ARG B 16 29.30 18.84 -2.52
N THR B 17 30.58 18.53 -2.79
CA THR B 17 31.03 17.86 -4.00
C THR B 17 31.69 16.55 -3.60
N VAL B 18 31.28 15.47 -4.27
CA VAL B 18 31.91 14.15 -4.10
C VAL B 18 32.16 13.59 -5.49
N ASP B 19 32.97 12.53 -5.55
CA ASP B 19 33.30 11.93 -6.84
C ASP B 19 32.09 11.21 -7.45
N TYR B 20 31.45 10.31 -6.68
CA TYR B 20 30.30 9.52 -7.14
C TYR B 20 29.11 9.69 -6.20
N ILE B 21 27.93 9.85 -6.79
CA ILE B 21 26.66 9.83 -6.08
C ILE B 21 25.90 8.59 -6.52
N ILE B 22 25.54 7.76 -5.53
CA ILE B 22 24.78 6.54 -5.74
C ILE B 22 23.37 6.76 -5.16
N ALA B 23 22.35 6.71 -6.03
CA ALA B 23 20.96 6.89 -5.61
C ALA B 23 20.38 5.52 -5.28
N GLY B 24 20.13 5.25 -4.00
CA GLY B 24 19.70 3.94 -3.57
C GLY B 24 20.77 3.13 -2.83
N GLY B 25 20.58 2.96 -1.53
CA GLY B 25 21.48 2.10 -0.77
C GLY B 25 21.05 0.65 -0.71
N GLY B 26 20.73 0.04 -1.85
CA GLY B 26 20.25 -1.35 -1.93
C GLY B 26 21.35 -2.35 -2.22
N LEU B 27 20.99 -3.48 -2.85
CA LEU B 27 21.98 -4.51 -3.17
C LEU B 27 23.10 -3.96 -4.05
N THR B 28 22.75 -3.47 -5.24
CA THR B 28 23.82 -3.06 -6.17
C THR B 28 24.45 -1.75 -5.75
N GLY B 29 23.67 -0.83 -5.17
CA GLY B 29 24.24 0.42 -4.70
C GLY B 29 25.34 0.23 -3.68
N LEU B 30 25.10 -0.64 -2.69
CA LEU B 30 26.06 -0.83 -1.61
C LEU B 30 27.28 -1.61 -2.09
N VAL B 31 27.09 -2.59 -2.99
CA VAL B 31 28.24 -3.30 -3.57
C VAL B 31 29.15 -2.31 -4.31
N VAL B 32 28.58 -1.50 -5.22
CA VAL B 32 29.41 -0.55 -5.96
C VAL B 32 30.03 0.49 -5.02
N ALA B 33 29.28 0.94 -4.00
CA ALA B 33 29.88 1.90 -3.05
C ALA B 33 31.09 1.31 -2.34
N ALA B 34 31.00 0.05 -1.91
CA ALA B 34 32.11 -0.61 -1.26
C ALA B 34 33.30 -0.78 -2.21
N ARG B 35 33.04 -1.19 -3.46
CA ARG B 35 34.13 -1.40 -4.40
C ARG B 35 34.89 -0.10 -4.68
N LEU B 36 34.15 0.98 -4.98
CA LEU B 36 34.77 2.26 -5.34
C LEU B 36 35.59 2.83 -4.20
N THR B 37 35.13 2.70 -2.95
CA THR B 37 35.86 3.33 -1.85
C THR B 37 37.00 2.45 -1.33
N GLU B 38 37.30 1.32 -1.99
CA GLU B 38 38.54 0.61 -1.68
C GLU B 38 39.76 1.47 -2.03
N ASN B 39 39.60 2.38 -2.98
CA ASN B 39 40.60 3.40 -3.27
C ASN B 39 40.36 4.59 -2.35
N PRO B 40 41.25 4.88 -1.39
CA PRO B 40 40.96 5.92 -0.39
C PRO B 40 40.82 7.33 -0.96
N ASP B 41 41.21 7.58 -2.21
CA ASP B 41 41.03 8.89 -2.85
C ASP B 41 39.65 9.09 -3.47
N ILE B 42 38.85 8.05 -3.64
CA ILE B 42 37.55 8.18 -4.30
C ILE B 42 36.47 8.38 -3.25
N THR B 43 35.74 9.50 -3.32
CA THR B 43 34.65 9.77 -2.39
C THR B 43 33.32 9.34 -2.99
N VAL B 44 32.51 8.65 -2.20
CA VAL B 44 31.18 8.20 -2.60
C VAL B 44 30.17 8.69 -1.57
N LEU B 45 29.04 9.23 -2.05
CA LEU B 45 27.86 9.53 -1.24
C LEU B 45 26.73 8.61 -1.70
N VAL B 46 26.25 7.75 -0.79
CA VAL B 46 25.03 6.96 -0.99
C VAL B 46 23.87 7.74 -0.38
N ILE B 47 22.79 7.91 -1.13
CA ILE B 47 21.56 8.54 -0.62
C ILE B 47 20.45 7.47 -0.64
N GLU B 48 19.87 7.17 0.53
CA GLU B 48 18.90 6.08 0.69
C GLU B 48 17.63 6.58 1.37
N SER B 49 16.47 6.21 0.81
CA SER B 49 15.20 6.69 1.36
C SER B 49 14.93 6.11 2.75
N GLY B 50 15.33 4.86 3.01
CA GLY B 50 15.19 4.22 4.30
C GLY B 50 16.38 4.47 5.22
N SER B 51 16.57 3.55 6.18
N SER B 51 16.56 3.58 6.20
CA SER B 51 17.63 3.69 7.18
CA SER B 51 17.69 3.70 7.11
C SER B 51 18.23 2.32 7.45
C SER B 51 18.24 2.31 7.45
N TYR B 52 19.02 2.24 8.52
CA TYR B 52 19.73 1.01 8.87
C TYR B 52 18.79 0.08 9.62
N GLU B 53 18.78 -1.20 9.22
CA GLU B 53 17.80 -2.15 9.69
C GLU B 53 18.38 -3.49 10.11
N SER B 54 19.67 -3.74 9.87
CA SER B 54 20.24 -5.07 10.06
C SER B 54 20.38 -5.46 11.53
N ASP B 55 20.35 -4.51 12.46
CA ASP B 55 20.44 -4.81 13.88
C ASP B 55 19.08 -4.80 14.57
N ARG B 56 17.98 -4.85 13.81
CA ARG B 56 16.67 -4.63 14.43
C ARG B 56 16.22 -5.83 15.27
N GLY B 57 16.56 -7.04 14.86
CA GLY B 57 16.05 -8.22 15.51
C GLY B 57 15.53 -9.24 14.51
N PRO B 58 14.87 -10.31 15.01
CA PRO B 58 14.41 -11.39 14.13
C PRO B 58 13.58 -10.97 12.93
N ILE B 59 12.73 -9.95 13.05
CA ILE B 59 11.85 -9.61 11.93
C ILE B 59 12.67 -9.32 10.68
N ILE B 60 13.93 -8.93 10.85
CA ILE B 60 14.88 -8.77 9.76
C ILE B 60 15.84 -9.93 9.68
N GLU B 61 16.44 -10.32 10.81
CA GLU B 61 17.61 -11.18 10.81
C GLU B 61 17.29 -12.68 10.72
N ASP B 62 16.03 -13.09 10.93
CA ASP B 62 15.61 -14.48 10.88
C ASP B 62 14.88 -14.70 9.56
N LEU B 63 15.48 -15.51 8.68
N LEU B 63 15.49 -15.49 8.67
CA LEU B 63 14.87 -15.79 7.38
CA LEU B 63 14.88 -15.80 7.38
C LEU B 63 13.51 -16.45 7.53
C LEU B 63 13.50 -16.42 7.55
N ASN B 64 13.30 -17.20 8.62
CA ASN B 64 12.01 -17.83 8.88
C ASN B 64 10.92 -16.83 9.27
N ALA B 65 11.26 -15.57 9.52
CA ALA B 65 10.26 -14.54 9.74
C ALA B 65 9.83 -13.86 8.44
N TYR B 66 10.21 -14.44 7.30
CA TYR B 66 9.91 -13.86 6.00
C TYR B 66 8.44 -13.46 5.89
N GLY B 67 8.20 -12.22 5.46
CA GLY B 67 6.86 -11.74 5.20
C GLY B 67 6.24 -10.87 6.29
N LYS B 68 6.71 -11.00 7.54
CA LYS B 68 6.10 -10.22 8.61
C LYS B 68 6.42 -8.73 8.47
N ILE B 69 7.56 -8.42 7.84
CA ILE B 69 7.96 -7.04 7.59
C ILE B 69 7.08 -6.36 6.53
N PHE B 70 6.30 -7.12 5.75
CA PHE B 70 5.50 -6.52 4.68
C PHE B 70 4.49 -5.52 5.26
N GLY B 71 4.27 -4.41 4.56
CA GLY B 71 3.36 -3.37 5.05
C GLY B 71 3.94 -2.40 6.07
N SER B 72 5.17 -2.63 6.55
CA SER B 72 5.86 -1.74 7.47
C SER B 72 6.59 -0.62 6.73
N SER B 73 7.25 0.26 7.49
CA SER B 73 8.05 1.31 6.87
C SER B 73 9.28 0.78 6.13
N VAL B 74 9.63 -0.50 6.28
CA VAL B 74 10.77 -1.12 5.60
C VAL B 74 10.28 -1.75 4.28
N ASP B 75 9.03 -1.47 3.89
CA ASP B 75 8.41 -2.02 2.68
C ASP B 75 7.82 -0.88 1.88
N HIS B 76 8.34 -0.66 0.66
CA HIS B 76 7.80 0.42 -0.19
C HIS B 76 6.35 0.15 -0.60
N ALA B 77 5.97 -1.12 -0.77
CA ALA B 77 4.60 -1.52 -1.19
C ALA B 77 4.06 -0.66 -2.33
N TYR B 78 4.79 -0.65 -3.45
CA TYR B 78 4.33 0.04 -4.65
C TYR B 78 3.01 -0.56 -5.15
N GLU B 79 2.03 0.30 -5.43
CA GLU B 79 0.76 -0.16 -5.96
C GLU B 79 0.80 -0.15 -7.49
N THR B 80 0.38 -1.26 -8.10
CA THR B 80 0.20 -1.33 -9.55
C THR B 80 -1.02 -0.51 -9.99
N VAL B 81 -1.16 -0.35 -11.31
CA VAL B 81 -2.44 0.08 -11.89
C VAL B 81 -3.48 -0.97 -11.56
N CYS B 82 -4.75 -0.67 -11.88
CA CYS B 82 -5.80 -1.65 -11.69
C CYS B 82 -5.66 -2.66 -12.83
N LEU B 83 -5.32 -3.90 -12.50
CA LEU B 83 -4.86 -4.86 -13.50
C LEU B 83 -6.01 -5.31 -14.42
N ALA B 84 -5.70 -5.41 -15.73
CA ALA B 84 -6.68 -5.84 -16.72
C ALA B 84 -7.13 -7.29 -16.51
N THR B 85 -6.23 -8.15 -16.03
CA THR B 85 -6.59 -9.56 -15.88
C THR B 85 -7.68 -9.76 -14.82
N ASN B 86 -7.75 -8.89 -13.80
CA ASN B 86 -8.72 -9.14 -12.72
C ASN B 86 -9.34 -7.89 -12.09
N ASN B 87 -9.12 -6.69 -12.63
CA ASN B 87 -9.64 -5.45 -12.08
C ASN B 87 -9.31 -5.28 -10.58
N ARG B 88 -8.12 -5.72 -10.19
N ARG B 88 -8.11 -5.70 -10.19
CA ARG B 88 -7.60 -5.46 -8.85
CA ARG B 88 -7.62 -5.43 -8.84
C ARG B 88 -6.27 -4.72 -8.97
C ARG B 88 -6.25 -4.78 -8.92
N THR B 89 -5.96 -3.91 -7.95
CA THR B 89 -4.61 -3.39 -7.79
C THR B 89 -3.80 -4.40 -6.97
N ALA B 90 -2.52 -4.57 -7.33
CA ALA B 90 -1.63 -5.42 -6.57
C ALA B 90 -0.51 -4.60 -5.92
N LEU B 91 0.10 -5.19 -4.89
CA LEU B 91 1.18 -4.56 -4.13
C LEU B 91 2.52 -5.19 -4.49
N ILE B 92 3.52 -4.36 -4.76
CA ILE B 92 4.89 -4.81 -5.04
C ILE B 92 5.71 -4.65 -3.75
N ARG B 93 6.00 -5.76 -3.08
CA ARG B 93 6.93 -5.70 -1.96
C ARG B 93 8.33 -5.30 -2.43
N ALA B 94 8.95 -4.35 -1.73
CA ALA B 94 10.28 -3.86 -2.10
C ALA B 94 10.92 -3.26 -0.86
N GLY B 95 12.14 -3.71 -0.55
CA GLY B 95 12.78 -3.30 0.70
C GLY B 95 13.09 -1.82 0.72
N ASN B 96 12.85 -1.18 1.88
CA ASN B 96 13.14 0.23 2.12
C ASN B 96 14.08 0.33 3.31
N GLY B 97 15.37 0.37 3.01
CA GLY B 97 16.40 0.54 4.01
C GLY B 97 17.75 0.17 3.41
N LEU B 98 18.79 0.36 4.20
CA LEU B 98 20.11 -0.03 3.75
C LEU B 98 20.15 -1.53 3.56
N GLY B 99 20.35 -1.95 2.32
CA GLY B 99 20.23 -3.34 1.94
C GLY B 99 19.12 -3.60 0.96
N GLY B 100 18.15 -2.69 0.84
CA GLY B 100 17.07 -2.85 -0.12
C GLY B 100 16.31 -4.15 0.07
N SER B 101 15.94 -4.79 -1.04
CA SER B 101 15.13 -6.00 -0.92
C SER B 101 15.90 -7.19 -0.35
N THR B 102 17.23 -7.12 -0.20
CA THR B 102 17.91 -8.18 0.55
C THR B 102 17.49 -8.18 2.02
N LEU B 103 16.86 -7.09 2.49
CA LEU B 103 16.37 -7.02 3.86
C LEU B 103 15.10 -7.85 4.07
N VAL B 104 14.33 -8.08 3.01
CA VAL B 104 12.99 -8.64 3.13
C VAL B 104 12.80 -9.91 2.31
N ASN B 105 13.83 -10.37 1.59
CA ASN B 105 13.60 -11.41 0.61
C ASN B 105 13.64 -12.79 1.25
N GLY B 106 13.46 -13.83 0.43
CA GLY B 106 13.43 -15.20 0.89
C GLY B 106 14.80 -15.84 1.12
N GLY B 107 15.88 -15.16 0.75
CA GLY B 107 17.22 -15.65 1.01
C GLY B 107 17.71 -16.74 0.08
N THR B 108 16.94 -17.15 -0.94
CA THR B 108 17.33 -18.27 -1.80
C THR B 108 18.47 -17.89 -2.72
N TRP B 109 19.44 -18.80 -2.85
CA TRP B 109 20.71 -18.54 -3.53
C TRP B 109 20.89 -19.57 -4.65
N THR B 110 20.57 -19.19 -5.89
CA THR B 110 20.74 -20.09 -7.03
C THR B 110 21.17 -19.27 -8.26
N ARG B 111 21.66 -19.98 -9.28
CA ARG B 111 22.12 -19.35 -10.51
C ARG B 111 21.31 -19.83 -11.72
N PRO B 112 21.27 -19.04 -12.80
CA PRO B 112 20.50 -19.45 -13.99
C PRO B 112 21.24 -20.40 -14.92
N HIS B 113 20.70 -20.59 -16.13
CA HIS B 113 21.30 -21.47 -17.11
C HIS B 113 22.38 -20.75 -17.90
N LYS B 114 23.47 -21.46 -18.18
CA LYS B 114 24.59 -20.87 -18.92
C LYS B 114 24.13 -20.18 -20.20
N ALA B 115 23.22 -20.81 -20.95
CA ALA B 115 22.80 -20.22 -22.23
C ALA B 115 22.05 -18.90 -22.04
N GLN B 116 21.41 -18.71 -20.89
CA GLN B 116 20.64 -17.49 -20.67
C GLN B 116 21.56 -16.29 -20.49
N VAL B 117 22.64 -16.45 -19.72
CA VAL B 117 23.61 -15.37 -19.58
C VAL B 117 24.40 -15.18 -20.87
N ASP B 118 24.78 -16.28 -21.55
CA ASP B 118 25.43 -16.14 -22.86
C ASP B 118 24.61 -15.31 -23.83
N SER B 119 23.27 -15.38 -23.76
CA SER B 119 22.46 -14.63 -24.71
C SER B 119 22.63 -13.13 -24.55
N TRP B 120 23.05 -12.65 -23.37
CA TRP B 120 23.22 -11.21 -23.19
C TRP B 120 24.30 -10.65 -24.11
N GLU B 121 25.31 -11.46 -24.44
CA GLU B 121 26.37 -11.09 -25.37
C GLU B 121 25.98 -11.42 -26.81
N THR B 122 25.43 -12.61 -27.03
CA THR B 122 25.11 -13.13 -28.37
C THR B 122 23.87 -12.47 -28.98
N VAL B 123 22.78 -12.37 -28.23
CA VAL B 123 21.55 -11.77 -28.75
C VAL B 123 21.52 -10.27 -28.51
N PHE B 124 21.91 -9.82 -27.32
CA PHE B 124 21.75 -8.43 -26.94
C PHE B 124 23.04 -7.64 -27.04
N GLY B 125 24.04 -8.17 -27.74
CA GLY B 125 25.23 -7.38 -28.09
C GLY B 125 25.95 -6.72 -26.93
N ASN B 126 26.08 -7.40 -25.80
CA ASN B 126 26.79 -6.83 -24.65
C ASN B 126 28.12 -7.56 -24.51
N GLU B 127 29.16 -7.03 -25.14
CA GLU B 127 30.47 -7.66 -25.11
C GLU B 127 30.94 -7.89 -23.67
N GLY B 128 31.40 -9.11 -23.40
CA GLY B 128 31.89 -9.46 -22.08
C GLY B 128 30.83 -10.00 -21.14
N TRP B 129 29.54 -9.90 -21.52
CA TRP B 129 28.43 -10.32 -20.66
C TRP B 129 27.98 -11.71 -21.11
N ASN B 130 28.69 -12.71 -20.61
CA ASN B 130 28.43 -14.11 -20.90
C ASN B 130 28.55 -14.89 -19.60
N TRP B 131 28.20 -16.19 -19.66
CA TRP B 131 28.21 -16.99 -18.44
C TRP B 131 29.59 -17.01 -17.77
N ASP B 132 30.67 -17.17 -18.57
CA ASP B 132 31.99 -17.28 -17.98
C ASP B 132 32.35 -16.06 -17.14
N SER B 133 32.08 -14.85 -17.67
CA SER B 133 32.47 -13.63 -16.98
C SER B 133 31.59 -13.39 -15.75
N VAL B 134 30.26 -13.48 -15.93
CA VAL B 134 29.32 -13.19 -14.86
C VAL B 134 29.46 -14.21 -13.73
N ALA B 135 29.67 -15.48 -14.08
CA ALA B 135 29.83 -16.51 -13.05
C ALA B 135 31.09 -16.28 -12.24
N ALA B 136 32.19 -15.92 -12.91
CA ALA B 136 33.44 -15.65 -12.19
C ALA B 136 33.27 -14.50 -11.19
N TYR B 137 32.57 -13.44 -11.60
CA TYR B 137 32.25 -12.35 -10.67
C TYR B 137 31.35 -12.85 -9.55
N SER B 138 30.44 -13.79 -9.87
CA SER B 138 29.53 -14.34 -8.88
C SER B 138 30.28 -15.14 -7.83
N LEU B 139 31.22 -16.00 -8.26
CA LEU B 139 32.00 -16.80 -7.33
C LEU B 139 32.87 -15.90 -6.47
N GLN B 140 33.41 -14.84 -7.06
CA GLN B 140 34.22 -13.88 -6.30
C GLN B 140 33.40 -13.17 -5.23
N ALA B 141 32.13 -12.86 -5.52
CA ALA B 141 31.26 -12.24 -4.52
C ALA B 141 30.91 -13.22 -3.41
N GLU B 142 30.91 -14.51 -3.71
CA GLU B 142 30.29 -15.53 -2.87
C GLU B 142 31.23 -16.03 -1.77
N ARG B 143 30.66 -16.33 -0.60
CA ARG B 143 31.40 -16.94 0.50
C ARG B 143 30.56 -18.09 1.05
N ALA B 144 30.49 -19.19 0.29
CA ALA B 144 29.60 -20.30 0.58
C ALA B 144 30.23 -21.30 1.56
N ARG B 145 29.36 -22.04 2.26
CA ARG B 145 29.79 -23.11 3.16
C ARG B 145 29.15 -24.42 2.71
N ALA B 146 29.98 -25.46 2.60
CA ALA B 146 29.50 -26.79 2.26
C ALA B 146 28.55 -27.33 3.34
N PRO B 147 27.53 -28.08 2.94
CA PRO B 147 26.62 -28.66 3.91
C PRO B 147 27.27 -29.79 4.67
N ASN B 148 26.80 -30.01 5.90
CA ASN B 148 27.34 -31.04 6.75
C ASN B 148 26.50 -32.32 6.62
N ALA B 149 26.76 -33.29 7.50
CA ALA B 149 26.20 -34.63 7.36
C ALA B 149 24.69 -34.63 7.55
N LYS B 150 24.20 -33.92 8.57
CA LYS B 150 22.76 -33.79 8.78
C LYS B 150 22.10 -33.14 7.58
N GLN B 151 22.74 -32.12 7.00
CA GLN B 151 22.17 -31.40 5.87
C GLN B 151 22.24 -32.23 4.60
N ILE B 152 23.32 -33.00 4.41
CA ILE B 152 23.37 -33.88 3.25
C ILE B 152 22.33 -34.99 3.37
N ALA B 153 22.16 -35.55 4.56
CA ALA B 153 21.14 -36.59 4.77
C ALA B 153 19.74 -36.08 4.45
N ALA B 154 19.51 -34.78 4.58
CA ALA B 154 18.19 -34.23 4.26
C ALA B 154 17.98 -34.08 2.77
N GLY B 155 19.05 -34.06 1.97
CA GLY B 155 18.95 -33.91 0.53
C GLY B 155 19.88 -32.89 -0.11
N HIS B 156 20.75 -32.27 0.68
CA HIS B 156 21.67 -31.27 0.14
C HIS B 156 22.77 -31.94 -0.68
N TYR B 157 23.09 -31.33 -1.82
CA TYR B 157 24.29 -31.68 -2.59
C TYR B 157 25.00 -30.40 -3.02
N PHE B 158 26.33 -30.42 -2.93
CA PHE B 158 27.15 -29.22 -3.05
C PHE B 158 28.41 -29.58 -3.83
N ASN B 159 28.56 -28.98 -5.01
CA ASN B 159 29.72 -29.19 -5.87
C ASN B 159 30.69 -28.04 -5.64
N ALA B 160 31.83 -28.32 -5.00
CA ALA B 160 32.76 -27.26 -4.61
C ALA B 160 33.24 -26.44 -5.82
N SER B 161 33.25 -27.04 -7.01
CA SER B 161 33.72 -26.31 -8.19
C SER B 161 32.81 -25.17 -8.59
N CYS B 162 31.58 -25.11 -8.08
CA CYS B 162 30.63 -24.10 -8.52
C CYS B 162 30.45 -22.97 -7.51
N HIS B 163 31.30 -22.88 -6.48
CA HIS B 163 31.07 -21.93 -5.41
C HIS B 163 32.36 -21.30 -4.93
N GLY B 164 32.33 -19.98 -4.73
CA GLY B 164 33.42 -19.31 -4.05
C GLY B 164 33.28 -19.47 -2.54
N ILE B 165 34.42 -19.60 -1.87
CA ILE B 165 34.44 -19.77 -0.43
C ILE B 165 35.22 -18.67 0.28
N ASN B 166 35.81 -17.74 -0.47
CA ASN B 166 36.67 -16.69 0.08
C ASN B 166 36.15 -15.29 -0.20
N GLY B 167 34.89 -15.14 -0.61
CA GLY B 167 34.35 -13.83 -0.94
C GLY B 167 33.66 -13.08 0.19
N THR B 168 32.57 -12.38 -0.13
CA THR B 168 31.94 -11.42 0.78
C THR B 168 30.56 -11.83 1.30
N VAL B 169 29.70 -12.44 0.47
CA VAL B 169 28.34 -12.75 0.88
C VAL B 169 28.31 -14.13 1.53
N HIS B 170 28.03 -14.17 2.84
CA HIS B 170 27.91 -15.44 3.54
C HIS B 170 26.70 -16.21 3.05
N ALA B 171 26.91 -17.47 2.65
CA ALA B 171 25.84 -18.31 2.15
C ALA B 171 26.07 -19.75 2.59
N GLY B 172 24.98 -20.42 2.99
CA GLY B 172 25.00 -21.82 3.37
C GLY B 172 23.61 -22.32 3.72
N PRO B 173 23.51 -23.55 4.21
CA PRO B 173 22.18 -24.15 4.43
C PRO B 173 21.46 -23.51 5.61
N ARG B 174 20.19 -23.17 5.39
CA ARG B 174 19.31 -22.84 6.50
C ARG B 174 19.17 -24.06 7.41
N ASP B 175 19.20 -23.83 8.72
CA ASP B 175 19.15 -24.91 9.70
C ASP B 175 18.64 -24.30 11.01
N THR B 176 17.35 -24.52 11.30
CA THR B 176 16.71 -24.00 12.49
C THR B 176 16.99 -24.81 13.76
N GLY B 177 17.79 -25.87 13.68
CA GLY B 177 18.04 -26.73 14.80
C GLY B 177 17.08 -27.91 14.90
N ASP B 178 16.02 -27.92 14.10
CA ASP B 178 15.04 -28.99 14.04
C ASP B 178 15.58 -30.16 13.23
N ASP B 179 14.87 -31.29 13.31
CA ASP B 179 15.07 -32.35 12.32
C ASP B 179 14.62 -31.85 10.94
N TYR B 180 15.29 -32.33 9.91
CA TYR B 180 14.84 -32.07 8.55
C TYR B 180 13.68 -32.99 8.17
N SER B 181 12.66 -32.39 7.54
CA SER B 181 11.47 -33.13 7.14
C SER B 181 11.83 -34.18 6.08
N PRO B 182 11.27 -35.39 6.19
CA PRO B 182 11.46 -36.37 5.10
C PRO B 182 10.69 -36.03 3.82
N ILE B 183 9.84 -35.00 3.84
CA ILE B 183 9.04 -34.65 2.66
C ILE B 183 9.93 -34.19 1.51
N VAL B 184 11.11 -33.62 1.79
CA VAL B 184 12.00 -33.17 0.72
C VAL B 184 12.45 -34.34 -0.12
N LYS B 185 12.97 -35.39 0.52
CA LYS B 185 13.41 -36.55 -0.24
C LYS B 185 12.23 -37.31 -0.85
N ALA B 186 11.04 -37.19 -0.26
CA ALA B 186 9.84 -37.75 -0.89
C ALA B 186 9.56 -37.08 -2.23
N LEU B 187 9.60 -35.73 -2.25
CA LEU B 187 9.39 -35.00 -3.51
C LEU B 187 10.42 -35.39 -4.56
N MET B 188 11.68 -35.56 -4.13
CA MET B 188 12.72 -36.04 -5.06
C MET B 188 12.36 -37.41 -5.60
N SER B 189 11.89 -38.31 -4.73
CA SER B 189 11.51 -39.64 -5.19
C SER B 189 10.36 -39.57 -6.18
N ALA B 190 9.39 -38.70 -5.92
CA ALA B 190 8.21 -38.61 -6.80
C ALA B 190 8.58 -38.12 -8.20
N VAL B 191 9.52 -37.18 -8.33
CA VAL B 191 9.88 -36.75 -9.68
C VAL B 191 10.87 -37.72 -10.32
N GLU B 192 11.60 -38.49 -9.51
CA GLU B 192 12.48 -39.53 -10.05
C GLU B 192 11.68 -40.60 -10.81
N ASP B 193 10.48 -40.92 -10.31
CA ASP B 193 9.60 -41.87 -11.00
C ASP B 193 9.17 -41.37 -12.38
N ARG B 194 9.31 -40.08 -12.68
CA ARG B 194 9.00 -39.57 -14.01
C ARG B 194 10.25 -39.25 -14.82
N GLY B 195 11.42 -39.67 -14.37
CA GLY B 195 12.63 -39.39 -15.10
C GLY B 195 13.15 -37.98 -14.98
N VAL B 196 12.65 -37.21 -14.01
CA VAL B 196 13.16 -35.87 -13.74
C VAL B 196 14.38 -35.98 -12.83
N PRO B 197 15.45 -35.21 -13.09
CA PRO B 197 16.65 -35.34 -12.26
C PRO B 197 16.45 -34.73 -10.87
N THR B 198 17.36 -35.06 -9.96
CA THR B 198 17.30 -34.52 -8.60
C THR B 198 18.71 -34.16 -8.15
N LYS B 199 18.76 -33.29 -7.13
CA LYS B 199 19.98 -32.95 -6.40
C LYS B 199 21.06 -32.32 -7.27
N LYS B 200 20.75 -31.80 -8.45
CA LYS B 200 21.74 -31.02 -9.17
C LYS B 200 22.06 -29.77 -8.36
N ASP B 201 23.32 -29.33 -8.43
CA ASP B 201 23.74 -28.12 -7.73
C ASP B 201 23.28 -26.92 -8.56
N LEU B 202 22.32 -26.16 -8.04
CA LEU B 202 21.70 -25.07 -8.80
C LEU B 202 22.60 -23.84 -8.92
N GLY B 203 23.85 -23.90 -8.46
CA GLY B 203 24.83 -22.88 -8.76
C GLY B 203 25.74 -23.14 -9.97
N CYS B 204 25.68 -24.35 -10.59
CA CYS B 204 26.61 -24.82 -11.63
C CYS B 204 26.24 -24.40 -13.05
N GLY B 205 25.03 -23.90 -13.31
CA GLY B 205 24.69 -23.44 -14.65
C GLY B 205 23.72 -24.30 -15.43
N ASP B 206 23.15 -25.35 -14.83
CA ASP B 206 22.10 -26.14 -15.48
C ASP B 206 21.03 -26.45 -14.45
N PRO B 207 20.22 -25.44 -14.08
CA PRO B 207 19.25 -25.64 -12.99
C PRO B 207 17.98 -26.35 -13.44
N HIS B 208 17.88 -27.65 -13.11
CA HIS B 208 16.79 -28.51 -13.58
C HIS B 208 16.58 -29.63 -12.57
N GLY B 209 15.32 -29.88 -12.20
CA GLY B 209 14.97 -30.93 -11.25
C GLY B 209 14.69 -30.41 -9.85
N VAL B 210 14.54 -31.35 -8.91
CA VAL B 210 14.27 -31.01 -7.52
C VAL B 210 15.59 -30.97 -6.76
N SER B 211 15.91 -29.82 -6.15
CA SER B 211 17.14 -29.69 -5.38
C SER B 211 16.89 -28.85 -4.12
N MET B 212 17.76 -29.02 -3.12
CA MET B 212 17.89 -28.03 -2.06
C MET B 212 18.91 -26.98 -2.50
N PHE B 213 19.20 -26.01 -1.64
CA PHE B 213 19.99 -24.86 -2.06
C PHE B 213 20.55 -24.17 -0.84
N PRO B 214 21.61 -23.37 -1.00
CA PRO B 214 22.07 -22.51 0.09
C PRO B 214 21.15 -21.32 0.30
N ASN B 215 21.34 -20.65 1.43
CA ASN B 215 20.60 -19.45 1.78
C ASN B 215 21.59 -18.32 2.09
N THR B 216 21.18 -17.08 1.88
CA THR B 216 22.03 -15.94 2.25
C THR B 216 21.89 -15.71 3.76
N LEU B 217 22.69 -16.45 4.54
CA LEU B 217 22.74 -16.26 5.99
C LEU B 217 24.09 -16.74 6.51
N HIS B 218 24.46 -16.26 7.70
CA HIS B 218 25.67 -16.75 8.35
C HIS B 218 25.38 -18.12 8.98
N GLU B 219 26.44 -18.77 9.46
CA GLU B 219 26.24 -20.10 10.05
C GLU B 219 25.29 -20.04 11.24
N ASP B 220 25.41 -19.00 12.10
CA ASP B 220 24.46 -18.83 13.19
C ASP B 220 23.10 -18.31 12.73
N GLN B 221 22.88 -18.27 11.41
CA GLN B 221 21.57 -18.08 10.75
C GLN B 221 21.16 -16.61 10.63
N VAL B 222 22.05 -15.66 10.93
CA VAL B 222 21.76 -14.25 10.70
C VAL B 222 21.72 -13.93 9.20
N ARG B 223 20.67 -13.23 8.78
CA ARG B 223 20.50 -12.85 7.39
C ARG B 223 21.72 -12.08 6.86
N SER B 224 22.21 -12.51 5.70
CA SER B 224 23.33 -11.83 5.04
C SER B 224 22.81 -10.76 4.07
N ASP B 225 22.21 -9.72 4.64
CA ASP B 225 21.71 -8.66 3.78
C ASP B 225 22.88 -7.82 3.25
N ALA B 226 22.62 -7.07 2.18
CA ALA B 226 23.71 -6.38 1.51
C ALA B 226 24.39 -5.37 2.43
N ALA B 227 23.65 -4.75 3.35
CA ALA B 227 24.28 -3.79 4.26
C ALA B 227 25.18 -4.49 5.27
N ARG B 228 24.69 -5.58 5.88
CA ARG B 228 25.53 -6.36 6.79
C ARG B 228 26.80 -6.86 6.10
N GLU B 229 26.70 -7.23 4.82
CA GLU B 229 27.83 -7.86 4.14
C GLU B 229 28.78 -6.86 3.51
N TRP B 230 28.27 -5.74 2.99
CA TRP B 230 29.12 -4.81 2.24
C TRP B 230 29.32 -3.46 2.92
N LEU B 231 28.42 -3.05 3.82
CA LEU B 231 28.56 -1.74 4.43
C LEU B 231 29.06 -1.82 5.86
N LEU B 232 28.53 -2.75 6.66
CA LEU B 232 28.96 -2.86 8.04
C LEU B 232 30.46 -3.11 8.20
N PRO B 233 31.13 -3.92 7.38
CA PRO B 233 32.59 -4.04 7.52
C PRO B 233 33.36 -2.79 7.13
N ASN B 234 32.73 -1.82 6.48
CA ASN B 234 33.48 -0.78 5.79
C ASN B 234 33.02 0.64 6.10
N TYR B 235 32.08 0.82 7.04
CA TYR B 235 31.50 2.13 7.27
C TYR B 235 32.50 3.12 7.87
N GLN B 236 33.63 2.64 8.41
CA GLN B 236 34.63 3.55 8.96
C GLN B 236 35.53 4.19 7.91
N ARG B 237 35.47 3.75 6.65
CA ARG B 237 36.17 4.45 5.58
C ARG B 237 35.75 5.93 5.54
N PRO B 238 36.68 6.88 5.70
CA PRO B 238 36.29 8.30 5.67
C PRO B 238 35.70 8.73 4.34
N ASN B 239 36.16 8.15 3.22
CA ASN B 239 35.68 8.52 1.90
C ASN B 239 34.31 7.95 1.56
N LEU B 240 33.71 7.17 2.48
CA LEU B 240 32.38 6.57 2.28
C LEU B 240 31.38 7.25 3.20
N GLN B 241 30.36 7.90 2.62
CA GLN B 241 29.35 8.61 3.39
C GLN B 241 27.96 8.17 2.95
N VAL B 242 27.03 8.10 3.90
CA VAL B 242 25.70 7.54 3.68
C VAL B 242 24.66 8.44 4.32
N LEU B 243 23.75 8.98 3.51
CA LEU B 243 22.62 9.79 3.94
C LEU B 243 21.35 8.93 3.89
N THR B 244 20.66 8.81 5.02
CA THR B 244 19.45 8.02 5.18
C THR B 244 18.24 8.95 5.28
N GLY B 245 17.05 8.37 5.09
CA GLY B 245 15.83 9.13 5.24
C GLY B 245 15.52 10.14 4.15
N GLN B 246 16.15 10.01 2.96
CA GLN B 246 15.96 11.00 1.90
C GLN B 246 15.84 10.32 0.54
N TYR B 247 14.93 10.84 -0.29
CA TYR B 247 14.69 10.35 -1.64
C TYR B 247 15.47 11.19 -2.65
N VAL B 248 16.13 10.52 -3.59
CA VAL B 248 16.68 11.22 -4.75
C VAL B 248 15.50 11.53 -5.68
N GLY B 249 15.34 12.80 -6.03
CA GLY B 249 14.26 13.27 -6.89
C GLY B 249 14.62 13.25 -8.36
N LYS B 250 15.76 13.83 -8.71
CA LYS B 250 16.16 13.85 -10.12
C LYS B 250 17.66 14.08 -10.25
N VAL B 251 18.16 13.76 -11.45
CA VAL B 251 19.55 14.02 -11.82
C VAL B 251 19.69 15.46 -12.27
N LEU B 252 20.74 16.14 -11.81
CA LEU B 252 21.08 17.47 -12.31
C LEU B 252 21.90 17.34 -13.59
N LEU B 253 21.40 17.95 -14.68
CA LEU B 253 22.03 17.91 -15.99
C LEU B 253 22.49 19.30 -16.39
N SER B 254 23.74 19.42 -16.87
CA SER B 254 24.18 20.64 -17.54
C SER B 254 23.26 20.96 -18.72
N GLN B 255 23.05 22.25 -18.98
CA GLN B 255 22.13 22.76 -20.02
C GLN B 255 22.88 23.78 -20.84
N ASN B 256 23.62 23.34 -21.86
CA ASN B 256 24.33 24.29 -22.69
C ASN B 256 24.49 23.68 -24.07
N ALA B 257 25.50 24.15 -24.82
CA ALA B 257 25.59 23.81 -26.23
C ALA B 257 26.08 22.39 -26.47
N THR B 258 26.71 21.75 -25.47
CA THR B 258 27.27 20.42 -25.62
C THR B 258 26.34 19.36 -25.02
N THR B 259 26.76 18.10 -25.08
CA THR B 259 25.91 16.99 -24.68
C THR B 259 25.64 17.06 -23.17
N PRO B 260 24.41 16.81 -22.74
CA PRO B 260 24.09 16.86 -21.31
C PRO B 260 24.98 15.93 -20.47
N ARG B 261 25.41 16.45 -19.31
CA ARG B 261 26.24 15.72 -18.37
C ARG B 261 25.59 15.70 -16.99
N ALA B 262 25.63 14.54 -16.32
CA ALA B 262 25.17 14.42 -14.93
C ALA B 262 26.14 15.13 -13.99
N VAL B 263 25.75 16.26 -13.44
CA VAL B 263 26.62 17.03 -12.55
C VAL B 263 26.21 16.94 -11.09
N GLY B 264 25.20 16.16 -10.75
CA GLY B 264 24.77 16.01 -9.37
C GLY B 264 23.36 15.44 -9.32
N VAL B 265 22.77 15.47 -8.12
CA VAL B 265 21.37 15.07 -7.96
C VAL B 265 20.69 16.06 -7.02
N GLU B 266 19.36 16.11 -7.16
CA GLU B 266 18.50 16.79 -6.20
C GLU B 266 17.81 15.72 -5.36
N PHE B 267 17.77 15.92 -4.05
CA PHE B 267 17.23 14.94 -3.10
C PHE B 267 16.39 15.67 -2.05
N GLY B 268 15.47 14.95 -1.41
CA GLY B 268 14.61 15.58 -0.42
C GLY B 268 13.41 14.71 -0.05
N THR B 269 12.43 15.35 0.60
CA THR B 269 11.23 14.63 1.04
C THR B 269 9.92 15.18 0.49
N HIS B 270 9.91 16.39 -0.04
CA HIS B 270 8.65 17.01 -0.41
C HIS B 270 8.98 18.16 -1.36
N LYS B 271 8.00 18.57 -2.15
CA LYS B 271 8.25 19.60 -3.15
C LYS B 271 8.73 20.91 -2.52
N GLY B 272 8.35 21.19 -1.29
CA GLY B 272 8.94 22.42 -0.77
C GLY B 272 10.34 22.32 -0.18
N ASN B 273 10.97 21.15 -0.21
CA ASN B 273 11.99 20.85 0.76
C ASN B 273 13.01 19.88 0.16
N PHE B 274 13.85 20.39 -0.75
CA PHE B 274 14.89 19.58 -1.39
C PHE B 274 16.19 20.37 -1.54
N HIS B 275 17.25 19.66 -1.94
CA HIS B 275 18.61 20.15 -1.89
C HIS B 275 19.38 19.56 -3.08
N ASN B 276 20.53 20.17 -3.41
CA ASN B 276 21.48 19.59 -4.37
C ASN B 276 22.76 19.12 -3.68
N VAL B 277 23.48 18.27 -4.40
CA VAL B 277 24.84 17.87 -4.07
C VAL B 277 25.54 17.55 -5.39
N THR B 278 26.82 17.90 -5.48
CA THR B 278 27.52 17.88 -6.77
C THR B 278 28.32 16.58 -6.93
N ALA B 279 28.30 16.04 -8.15
CA ALA B 279 29.10 14.86 -8.50
C ALA B 279 30.21 15.30 -9.44
N LYS B 280 31.46 15.02 -9.04
CA LYS B 280 32.60 15.37 -9.88
C LYS B 280 32.81 14.36 -11.01
N HIS B 281 32.56 13.08 -10.75
CA HIS B 281 32.75 12.05 -11.77
C HIS B 281 31.42 11.57 -12.33
N GLU B 282 30.63 10.77 -11.59
CA GLU B 282 29.41 10.21 -12.15
C GLU B 282 28.27 10.16 -11.13
N VAL B 283 27.05 10.05 -11.67
CA VAL B 283 25.84 9.70 -10.92
C VAL B 283 25.44 8.29 -11.33
N LEU B 284 25.21 7.43 -10.34
CA LEU B 284 24.82 6.04 -10.57
C LEU B 284 23.46 5.78 -9.95
N LEU B 285 22.49 5.34 -10.76
CA LEU B 285 21.13 5.07 -10.26
C LEU B 285 21.02 3.61 -9.81
N ALA B 286 20.59 3.40 -8.56
CA ALA B 286 20.44 2.06 -8.01
C ALA B 286 19.22 2.00 -7.09
N ALA B 287 18.13 2.65 -7.48
CA ALA B 287 16.94 2.75 -6.63
C ALA B 287 15.93 1.63 -6.84
N GLY B 288 16.25 0.64 -7.67
CA GLY B 288 15.38 -0.47 -7.97
C GLY B 288 14.70 -0.34 -9.33
N SER B 289 14.32 -1.49 -9.91
CA SER B 289 13.68 -1.48 -11.24
C SER B 289 12.39 -0.68 -11.29
N ALA B 290 11.70 -0.48 -10.17
CA ALA B 290 10.49 0.33 -10.23
C ALA B 290 10.77 1.83 -10.15
N VAL B 291 11.98 2.26 -9.77
CA VAL B 291 12.24 3.65 -9.39
C VAL B 291 13.25 4.34 -10.31
N SER B 292 14.43 3.74 -10.51
CA SER B 292 15.43 4.34 -11.39
C SER B 292 14.91 4.78 -12.76
N PRO B 293 14.02 4.05 -13.45
CA PRO B 293 13.45 4.65 -14.68
C PRO B 293 12.65 5.92 -14.40
N THR B 294 11.95 5.99 -13.26
CA THR B 294 11.20 7.21 -12.99
C THR B 294 12.14 8.37 -12.67
N ILE B 295 13.29 8.11 -12.03
CA ILE B 295 14.25 9.19 -11.79
C ILE B 295 14.73 9.78 -13.12
N LEU B 296 14.99 8.93 -14.12
CA LEU B 296 15.35 9.43 -15.45
C LEU B 296 14.24 10.30 -16.02
N GLU B 297 12.99 9.80 -15.99
CA GLU B 297 11.87 10.56 -16.54
C GLU B 297 11.73 11.92 -15.86
N TYR B 298 11.79 11.96 -14.52
CA TYR B 298 11.72 13.24 -13.82
C TYR B 298 12.83 14.17 -14.28
N SER B 299 13.95 13.64 -14.76
CA SER B 299 15.06 14.49 -15.20
C SER B 299 15.00 14.87 -16.68
N GLY B 300 13.91 14.54 -17.39
CA GLY B 300 13.85 14.79 -18.82
C GLY B 300 14.48 13.73 -19.71
N ILE B 301 14.73 12.53 -19.19
CA ILE B 301 15.27 11.42 -19.96
C ILE B 301 14.19 10.34 -20.07
N GLY B 302 13.64 10.17 -21.26
CA GLY B 302 12.53 9.25 -21.45
C GLY B 302 11.76 9.63 -22.69
N MET B 303 10.55 9.05 -22.80
CA MET B 303 9.76 9.19 -24.02
C MET B 303 9.04 10.53 -24.06
N LYS B 304 9.23 11.28 -25.16
CA LYS B 304 8.53 12.56 -25.35
C LYS B 304 7.02 12.41 -25.21
N SER B 305 6.47 11.28 -25.66
CA SER B 305 5.03 11.07 -25.59
C SER B 305 4.55 10.96 -24.15
N ILE B 306 5.43 10.58 -23.22
CA ILE B 306 5.12 10.56 -21.79
C ILE B 306 5.45 11.90 -21.13
N LEU B 307 6.63 12.45 -21.43
CA LEU B 307 7.11 13.62 -20.69
C LEU B 307 6.35 14.89 -21.05
N GLU B 308 6.07 15.09 -22.33
CA GLU B 308 5.53 16.38 -22.77
C GLU B 308 4.17 16.70 -22.16
N PRO B 309 3.17 15.80 -22.17
CA PRO B 309 1.89 16.13 -21.53
C PRO B 309 2.03 16.44 -20.04
N LEU B 310 3.15 16.09 -19.42
CA LEU B 310 3.35 16.39 -18.01
C LEU B 310 4.04 17.73 -17.80
N GLY B 311 4.39 18.44 -18.88
CA GLY B 311 5.14 19.66 -18.75
C GLY B 311 6.62 19.48 -18.50
N ILE B 312 7.21 18.36 -18.95
CA ILE B 312 8.63 18.07 -18.76
C ILE B 312 9.29 18.10 -20.12
N LYS B 313 10.22 19.04 -20.31
CA LYS B 313 11.00 19.09 -21.54
C LYS B 313 11.80 17.80 -21.70
N THR B 314 11.69 17.16 -22.86
CA THR B 314 12.46 15.96 -23.15
C THR B 314 13.87 16.35 -23.57
N VAL B 315 14.85 16.02 -22.73
CA VAL B 315 16.24 16.34 -23.01
C VAL B 315 16.93 15.23 -23.81
N VAL B 316 16.70 13.98 -23.43
CA VAL B 316 17.15 12.82 -24.18
C VAL B 316 15.94 11.92 -24.37
N ASP B 317 15.65 11.53 -25.61
CA ASP B 317 14.46 10.71 -25.89
C ASP B 317 14.84 9.25 -25.95
N LEU B 318 14.42 8.50 -24.94
CA LEU B 318 14.70 7.08 -24.84
C LEU B 318 13.45 6.31 -24.41
N PRO B 319 13.34 5.03 -24.79
CA PRO B 319 12.21 4.22 -24.33
C PRO B 319 12.34 3.78 -22.87
N VAL B 320 12.59 4.74 -21.98
CA VAL B 320 12.71 4.47 -20.55
C VAL B 320 11.38 3.96 -20.00
N GLY B 321 11.44 2.92 -19.16
CA GLY B 321 10.29 2.38 -18.46
C GLY B 321 9.62 1.19 -19.14
N LEU B 322 9.96 0.91 -20.41
CA LEU B 322 9.33 -0.19 -21.14
C LEU B 322 10.08 -1.50 -20.85
N ASN B 323 9.54 -2.61 -21.38
CA ASN B 323 10.17 -3.92 -21.29
C ASN B 323 10.15 -4.48 -19.86
N LEU B 324 9.23 -4.03 -19.00
CA LEU B 324 9.18 -4.53 -17.62
C LEU B 324 8.75 -6.01 -17.59
N GLN B 325 9.52 -6.84 -16.90
CA GLN B 325 9.28 -8.29 -16.86
C GLN B 325 9.24 -8.82 -15.43
N ASP B 326 8.03 -9.10 -14.92
CA ASP B 326 7.84 -9.75 -13.63
C ASP B 326 7.00 -11.02 -13.81
N GLN B 327 7.17 -11.97 -12.90
CA GLN B 327 6.48 -13.25 -12.94
C GLN B 327 5.30 -13.27 -11.96
N THR B 328 4.39 -14.23 -12.18
CA THR B 328 3.18 -14.44 -11.39
C THR B 328 3.31 -15.66 -10.50
N THR B 329 2.86 -15.55 -9.24
CA THR B 329 3.05 -16.61 -8.25
C THR B 329 1.71 -17.04 -7.66
N SER B 330 1.48 -18.36 -7.59
CA SER B 330 0.29 -18.96 -6.99
C SER B 330 0.69 -20.04 -6.00
N THR B 331 -0.28 -20.51 -5.20
CA THR B 331 -0.02 -21.41 -4.08
C THR B 331 -0.87 -22.67 -4.13
N VAL B 332 -0.26 -23.80 -3.78
CA VAL B 332 -0.97 -25.03 -3.42
C VAL B 332 -0.45 -25.49 -2.07
N ARG B 333 -1.37 -25.75 -1.13
CA ARG B 333 -1.01 -26.07 0.25
C ARG B 333 -1.85 -27.23 0.77
N SER B 334 -1.22 -28.12 1.54
CA SER B 334 -1.92 -29.25 2.13
C SER B 334 -1.38 -29.55 3.53
N ARG B 335 -2.21 -30.18 4.35
CA ARG B 335 -1.74 -30.69 5.63
C ARG B 335 -0.87 -31.92 5.44
N ILE B 336 -0.10 -32.25 6.48
CA ILE B 336 0.79 -33.40 6.42
C ILE B 336 0.53 -34.32 7.60
N THR B 337 0.98 -35.56 7.46
CA THR B 337 0.91 -36.52 8.56
C THR B 337 2.01 -36.22 9.57
N SER B 338 1.86 -36.82 10.76
CA SER B 338 2.82 -36.61 11.84
C SER B 338 4.24 -36.96 11.40
N ALA B 339 4.41 -37.97 10.56
CA ALA B 339 5.72 -38.40 10.11
C ALA B 339 6.43 -37.39 9.20
N GLY B 340 5.70 -36.41 8.66
CA GLY B 340 6.33 -35.44 7.79
C GLY B 340 6.96 -34.24 8.50
N ALA B 341 6.92 -34.20 9.82
CA ALA B 341 7.39 -33.04 10.59
C ALA B 341 8.85 -32.73 10.29
N GLY B 342 9.22 -31.47 10.53
CA GLY B 342 10.59 -31.02 10.36
C GLY B 342 10.70 -29.80 9.46
N GLN B 343 11.91 -29.23 9.43
CA GLN B 343 12.28 -28.08 8.61
C GLN B 343 12.71 -28.50 7.21
N GLY B 344 12.73 -27.54 6.29
CA GLY B 344 13.19 -27.85 4.94
C GLY B 344 12.53 -27.11 3.79
N GLN B 345 13.34 -26.60 2.87
CA GLN B 345 12.90 -25.99 1.63
C GLN B 345 13.55 -26.71 0.45
N ALA B 346 12.80 -26.84 -0.65
CA ALA B 346 13.34 -27.33 -1.91
C ALA B 346 12.60 -26.65 -3.03
N ALA B 347 13.07 -26.87 -4.26
CA ALA B 347 12.39 -26.32 -5.44
C ALA B 347 12.53 -27.26 -6.64
N TRP B 348 11.43 -27.43 -7.38
CA TRP B 348 11.45 -28.12 -8.67
C TRP B 348 11.63 -27.08 -9.77
N PHE B 349 12.76 -27.12 -10.46
CA PHE B 349 12.98 -26.31 -11.66
C PHE B 349 12.56 -27.15 -12.86
N ALA B 350 11.38 -26.86 -13.40
CA ALA B 350 10.70 -27.74 -14.33
C ALA B 350 10.80 -27.19 -15.75
N THR B 351 11.24 -28.05 -16.68
CA THR B 351 11.28 -27.70 -18.10
C THR B 351 9.88 -27.43 -18.65
N PHE B 352 9.85 -26.85 -19.86
CA PHE B 352 8.61 -26.61 -20.59
C PHE B 352 7.74 -27.85 -20.68
N ASN B 353 8.31 -28.97 -21.15
CA ASN B 353 7.53 -30.21 -21.28
C ASN B 353 7.07 -30.72 -19.91
N GLU B 354 7.93 -30.59 -18.89
CA GLU B 354 7.50 -31.04 -17.57
C GLU B 354 6.33 -30.21 -17.04
N THR B 355 6.26 -28.90 -17.36
CA THR B 355 5.17 -28.14 -16.75
C THR B 355 3.85 -28.37 -17.48
N PHE B 356 3.89 -28.52 -18.80
CA PHE B 356 2.66 -28.57 -19.59
C PHE B 356 2.06 -29.97 -19.67
N GLY B 357 2.85 -31.01 -19.49
CA GLY B 357 2.26 -32.35 -19.40
C GLY B 357 1.57 -32.73 -20.69
N ASP B 358 0.28 -33.05 -20.61
CA ASP B 358 -0.49 -33.48 -21.77
C ASP B 358 -0.83 -32.34 -22.71
N TYR B 359 -0.56 -31.10 -22.31
CA TYR B 359 -0.78 -29.94 -23.16
C TYR B 359 0.48 -29.55 -23.92
N THR B 360 1.55 -30.36 -23.83
CA THR B 360 2.86 -29.98 -24.37
C THR B 360 2.79 -29.68 -25.85
N GLU B 361 2.17 -30.58 -26.64
CA GLU B 361 2.11 -30.39 -28.08
C GLU B 361 1.39 -29.09 -28.44
N LYS B 362 0.28 -28.81 -27.75
CA LYS B 362 -0.45 -27.57 -28.03
C LYS B 362 0.34 -26.34 -27.60
N ALA B 363 1.02 -26.42 -26.45
CA ALA B 363 1.85 -25.29 -26.02
C ALA B 363 2.97 -25.02 -27.02
N HIS B 364 3.65 -26.09 -27.47
CA HIS B 364 4.71 -25.94 -28.46
C HIS B 364 4.20 -25.37 -29.77
N GLU B 365 2.96 -25.72 -30.12
CA GLU B 365 2.37 -25.19 -31.35
C GLU B 365 2.14 -23.70 -31.23
N LEU B 366 1.68 -23.24 -30.07
CA LEU B 366 1.52 -21.79 -29.86
C LEU B 366 2.87 -21.09 -29.96
N LEU B 367 3.86 -21.61 -29.26
CA LEU B 367 5.20 -21.03 -29.25
C LEU B 367 5.81 -20.98 -30.65
N ASN B 368 5.48 -21.95 -31.51
CA ASN B 368 6.00 -21.99 -32.88
C ASN B 368 5.31 -21.02 -33.84
N THR B 369 4.06 -20.61 -33.56
CA THR B 369 3.26 -19.92 -34.56
C THR B 369 2.90 -18.47 -34.21
N LYS B 370 2.93 -18.08 -32.94
CA LYS B 370 2.29 -16.84 -32.53
C LYS B 370 3.27 -15.73 -32.13
N LEU B 371 4.57 -15.91 -32.35
CA LEU B 371 5.56 -14.96 -31.81
C LEU B 371 5.35 -13.56 -32.39
N GLU B 372 5.18 -13.46 -33.71
CA GLU B 372 5.00 -12.14 -34.32
C GLU B 372 3.71 -11.49 -33.85
N GLN B 373 2.61 -12.24 -33.82
CA GLN B 373 1.32 -11.70 -33.37
C GLN B 373 1.41 -11.21 -31.92
N TRP B 374 2.03 -12.01 -31.04
CA TRP B 374 2.20 -11.63 -29.64
C TRP B 374 3.02 -10.34 -29.50
N ALA B 375 4.11 -10.21 -30.26
CA ALA B 375 4.94 -9.01 -30.18
C ALA B 375 4.17 -7.78 -30.65
N GLU B 376 3.37 -7.91 -31.72
CA GLU B 376 2.47 -6.83 -32.13
C GLU B 376 1.54 -6.43 -30.99
N GLU B 377 0.99 -7.40 -30.28
CA GLU B 377 -0.01 -7.13 -29.24
C GLU B 377 0.63 -6.51 -28.00
N ALA B 378 1.83 -6.96 -27.62
CA ALA B 378 2.51 -6.35 -26.49
C ALA B 378 2.86 -4.88 -26.78
N VAL B 379 3.31 -4.58 -28.00
CA VAL B 379 3.63 -3.20 -28.39
C VAL B 379 2.38 -2.32 -28.39
N ALA B 380 1.25 -2.84 -28.88
CA ALA B 380 0.01 -2.05 -28.89
C ALA B 380 -0.47 -1.74 -27.48
N ARG B 381 -0.14 -2.57 -26.49
CA ARG B 381 -0.48 -2.32 -25.09
C ARG B 381 0.51 -1.40 -24.39
N GLY B 382 1.54 -0.91 -25.09
CA GLY B 382 2.51 -0.03 -24.47
C GLY B 382 3.60 -0.69 -23.66
N GLY B 383 3.80 -2.01 -23.79
CA GLY B 383 4.87 -2.67 -23.04
C GLY B 383 6.24 -2.60 -23.68
N PHE B 384 6.32 -2.10 -24.91
CA PHE B 384 7.55 -2.01 -25.68
C PHE B 384 7.22 -1.19 -26.91
N HIS B 385 8.25 -0.60 -27.54
CA HIS B 385 8.01 0.34 -28.63
C HIS B 385 8.23 -0.21 -30.03
N ASN B 386 9.05 -1.24 -30.21
CA ASN B 386 9.44 -1.69 -31.56
C ASN B 386 9.16 -3.18 -31.66
N THR B 387 8.24 -3.53 -32.58
CA THR B 387 7.76 -4.91 -32.68
C THR B 387 8.88 -5.88 -33.08
N THR B 388 9.68 -5.50 -34.08
CA THR B 388 10.72 -6.40 -34.53
C THR B 388 11.74 -6.65 -33.44
N ALA B 389 12.15 -5.59 -32.72
CA ALA B 389 13.10 -5.76 -31.63
C ALA B 389 12.55 -6.69 -30.55
N LEU B 390 11.25 -6.60 -30.26
CA LEU B 390 10.67 -7.52 -29.29
C LEU B 390 10.65 -8.95 -29.83
N LEU B 391 10.43 -9.10 -31.14
CA LEU B 391 10.43 -10.44 -31.73
C LEU B 391 11.79 -11.12 -31.57
N ILE B 392 12.87 -10.33 -31.57
CA ILE B 392 14.20 -10.88 -31.29
C ILE B 392 14.22 -11.51 -29.90
N GLN B 393 13.67 -10.81 -28.90
CA GLN B 393 13.58 -11.39 -27.56
C GLN B 393 12.77 -12.69 -27.56
N TYR B 394 11.64 -12.70 -28.28
CA TYR B 394 10.80 -13.89 -28.31
C TYR B 394 11.51 -15.07 -28.97
N GLU B 395 12.25 -14.83 -30.07
CA GLU B 395 13.03 -15.92 -30.68
C GLU B 395 14.05 -16.47 -29.71
N ASN B 396 14.73 -15.59 -28.97
CA ASN B 396 15.69 -16.01 -27.96
C ASN B 396 15.00 -16.92 -26.94
N TYR B 397 13.80 -16.54 -26.52
CA TYR B 397 13.07 -17.37 -25.56
C TYR B 397 12.73 -18.73 -26.15
N ARG B 398 12.31 -18.76 -27.42
CA ARG B 398 11.98 -20.03 -28.05
C ARG B 398 13.21 -20.92 -28.15
N ASP B 399 14.37 -20.35 -28.49
CA ASP B 399 15.60 -21.15 -28.48
C ASP B 399 15.87 -21.70 -27.08
N TRP B 400 15.70 -20.87 -26.04
CA TRP B 400 15.96 -21.34 -24.68
C TRP B 400 15.12 -22.57 -24.38
N ILE B 401 13.87 -22.59 -24.85
CA ILE B 401 12.93 -23.65 -24.54
C ILE B 401 13.17 -24.88 -25.43
N VAL B 402 13.28 -24.67 -26.75
CA VAL B 402 13.30 -25.77 -27.70
C VAL B 402 14.70 -26.33 -27.89
N LYS B 403 15.72 -25.46 -27.94
CA LYS B 403 17.07 -25.92 -28.21
C LYS B 403 17.89 -26.15 -26.95
N ASP B 404 17.71 -25.33 -25.90
CA ASP B 404 18.48 -25.51 -24.68
C ASP B 404 17.72 -26.26 -23.59
N ASN B 405 16.39 -26.28 -23.63
CA ASN B 405 15.57 -26.98 -22.63
C ASN B 405 15.79 -26.45 -21.21
N VAL B 406 15.90 -25.12 -21.08
CA VAL B 406 16.05 -24.48 -19.76
C VAL B 406 14.80 -24.68 -18.92
N ALA B 407 14.94 -24.52 -17.59
CA ALA B 407 13.77 -24.54 -16.71
C ALA B 407 12.78 -23.45 -17.11
N TYR B 408 11.50 -23.80 -17.14
CA TYR B 408 10.43 -22.91 -17.56
C TYR B 408 9.55 -22.46 -16.40
N SER B 409 9.45 -23.26 -15.34
CA SER B 409 8.68 -22.87 -14.17
C SER B 409 9.42 -23.37 -12.93
N GLU B 410 9.12 -22.73 -11.79
CA GLU B 410 9.72 -23.10 -10.52
C GLU B 410 8.60 -23.37 -9.53
N LEU B 411 8.66 -24.53 -8.87
CA LEU B 411 7.72 -24.94 -7.85
C LEU B 411 8.50 -25.00 -6.54
N PHE B 412 8.29 -24.01 -5.66
CA PHE B 412 9.11 -23.82 -4.46
C PHE B 412 8.41 -24.45 -3.25
N LEU B 413 9.07 -25.41 -2.61
CA LEU B 413 8.47 -26.18 -1.51
C LEU B 413 8.90 -25.64 -0.15
N ASP B 414 7.93 -25.32 0.71
CA ASP B 414 8.13 -25.11 2.14
C ASP B 414 7.48 -26.24 2.93
N THR B 415 8.15 -26.69 4.00
CA THR B 415 7.59 -27.73 4.87
C THR B 415 7.35 -27.14 6.25
N ALA B 416 8.13 -27.55 7.25
CA ALA B 416 8.02 -27.03 8.61
C ALA B 416 6.57 -27.09 9.14
N GLY B 417 5.94 -28.26 8.99
CA GLY B 417 4.61 -28.49 9.54
C GLY B 417 3.48 -28.58 8.53
N GLU B 418 3.74 -28.38 7.25
CA GLU B 418 2.76 -28.49 6.18
C GLU B 418 3.51 -28.85 4.91
N ALA B 419 2.81 -28.88 3.78
CA ALA B 419 3.45 -28.96 2.48
C ALA B 419 2.88 -27.85 1.62
N SER B 420 3.70 -26.86 1.27
CA SER B 420 3.22 -25.63 0.66
C SER B 420 4.11 -25.28 -0.53
N PHE B 421 3.49 -25.17 -1.70
CA PHE B 421 4.19 -24.78 -2.93
C PHE B 421 3.83 -23.35 -3.30
N ASP B 422 4.85 -22.51 -3.54
CA ASP B 422 4.72 -21.28 -4.32
C ASP B 422 5.23 -21.57 -5.72
N VAL B 423 4.42 -21.25 -6.73
CA VAL B 423 4.65 -21.68 -8.11
C VAL B 423 4.74 -20.46 -9.02
N TRP B 424 5.75 -20.42 -9.90
CA TRP B 424 5.75 -19.34 -10.88
C TRP B 424 6.37 -19.78 -12.21
N ASP B 425 5.73 -19.34 -13.29
CA ASP B 425 6.30 -19.37 -14.63
C ASP B 425 7.48 -18.39 -14.69
N LEU B 426 8.67 -18.90 -15.02
CA LEU B 426 9.89 -18.12 -14.95
C LEU B 426 10.09 -17.20 -16.13
N LEU B 427 9.54 -17.54 -17.31
CA LEU B 427 9.80 -16.84 -18.57
C LEU B 427 8.52 -16.25 -19.14
N PRO B 428 8.02 -15.13 -18.57
CA PRO B 428 6.83 -14.49 -19.14
C PRO B 428 7.13 -13.78 -20.45
N PHE B 429 6.23 -13.96 -21.42
CA PHE B 429 6.29 -13.23 -22.68
C PHE B 429 5.60 -11.87 -22.62
N THR B 430 4.76 -11.62 -21.60
CA THR B 430 4.15 -10.31 -21.46
C THR B 430 5.23 -9.27 -21.24
N ARG B 431 4.98 -8.04 -21.70
CA ARG B 431 5.86 -6.92 -21.44
C ARG B 431 5.05 -5.77 -20.87
N GLY B 432 5.49 -5.23 -19.72
CA GLY B 432 4.81 -4.12 -19.07
C GLY B 432 5.61 -2.84 -19.14
N TYR B 433 5.23 -1.89 -18.28
CA TYR B 433 5.86 -0.58 -18.27
C TYR B 433 5.70 0.04 -16.89
N VAL B 434 6.53 1.06 -16.62
CA VAL B 434 6.31 2.00 -15.51
C VAL B 434 6.55 3.40 -16.06
N HIS B 435 5.65 4.33 -15.75
CA HIS B 435 5.81 5.72 -16.17
C HIS B 435 5.37 6.65 -15.06
N ILE B 436 6.05 7.80 -14.93
CA ILE B 436 5.60 8.84 -14.01
C ILE B 436 4.28 9.44 -14.51
N LEU B 437 3.51 9.99 -13.57
CA LEU B 437 2.20 10.58 -13.86
C LEU B 437 2.10 12.04 -13.45
N ASP B 438 3.20 12.62 -12.98
CA ASP B 438 3.30 13.97 -12.45
C ASP B 438 4.77 14.39 -12.56
N LYS B 439 5.00 15.69 -12.62
CA LYS B 439 6.38 16.17 -12.72
C LYS B 439 7.09 16.24 -11.36
N ASP B 440 6.35 16.18 -10.24
CA ASP B 440 6.93 16.28 -8.91
C ASP B 440 7.45 14.92 -8.43
N PRO B 441 8.77 14.70 -8.40
CA PRO B 441 9.27 13.38 -7.96
C PRO B 441 8.81 12.99 -6.56
N TYR B 442 8.64 13.96 -5.64
CA TYR B 442 8.37 13.60 -4.25
C TYR B 442 6.91 13.29 -3.99
N LEU B 443 6.03 13.50 -4.98
CA LEU B 443 4.66 13.01 -4.92
C LEU B 443 4.57 11.51 -5.17
N ARG B 444 5.56 10.95 -5.88
CA ARG B 444 5.61 9.51 -6.23
C ARG B 444 4.26 9.02 -6.76
N HIS B 445 3.80 9.73 -7.77
CA HIS B 445 2.56 9.41 -8.50
C HIS B 445 2.97 8.81 -9.84
N PHE B 446 2.85 7.48 -9.97
CA PHE B 446 3.33 6.77 -11.14
C PHE B 446 2.35 5.66 -11.49
N ALA B 447 2.46 5.16 -12.72
CA ALA B 447 1.67 4.04 -13.22
C ALA B 447 2.63 2.88 -13.49
N TYR B 448 2.46 1.79 -12.76
CA TYR B 448 3.35 0.62 -12.82
C TYR B 448 2.47 -0.56 -13.21
N ASP B 449 2.64 -1.06 -14.44
CA ASP B 449 1.73 -2.07 -15.00
C ASP B 449 2.52 -3.24 -15.57
N PRO B 450 2.72 -4.31 -14.80
CA PRO B 450 3.41 -5.50 -15.33
C PRO B 450 2.63 -6.29 -16.38
N GLN B 451 1.35 -5.96 -16.59
CA GLN B 451 0.51 -6.63 -17.59
C GLN B 451 0.47 -8.15 -17.42
N TYR B 452 0.41 -8.58 -16.17
CA TYR B 452 0.32 -10.02 -15.89
C TYR B 452 -0.81 -10.68 -16.68
N PHE B 453 -0.51 -11.84 -17.27
CA PHE B 453 -1.48 -12.74 -17.91
C PHE B 453 -2.12 -12.15 -19.16
N LEU B 454 -1.64 -11.02 -19.65
CA LEU B 454 -2.14 -10.44 -20.89
C LEU B 454 -1.46 -11.06 -22.11
N ASN B 455 -0.57 -12.02 -21.90
CA ASN B 455 -0.09 -12.93 -22.94
C ASN B 455 -0.56 -14.34 -22.60
N GLU B 456 -1.18 -15.00 -23.58
CA GLU B 456 -1.93 -16.22 -23.30
C GLU B 456 -1.04 -17.40 -22.91
N LEU B 457 0.19 -17.48 -23.41
CA LEU B 457 1.05 -18.57 -22.96
C LEU B 457 1.42 -18.38 -21.48
N ASP B 458 1.63 -17.14 -21.05
CA ASP B 458 1.89 -16.88 -19.64
C ASP B 458 0.76 -17.39 -18.75
N LEU B 459 -0.50 -17.14 -19.13
CA LEU B 459 -1.61 -17.64 -18.34
C LEU B 459 -1.65 -19.17 -18.40
N LEU B 460 -1.52 -19.72 -19.61
CA LEU B 460 -1.55 -21.18 -19.75
C LEU B 460 -0.43 -21.83 -18.97
N GLY B 461 0.78 -21.28 -19.05
CA GLY B 461 1.92 -21.85 -18.33
C GLY B 461 1.76 -21.80 -16.82
N GLN B 462 1.23 -20.70 -16.29
CA GLN B 462 1.05 -20.60 -14.84
C GLN B 462 -0.05 -21.55 -14.35
N ALA B 463 -1.13 -21.67 -15.12
CA ALA B 463 -2.17 -22.65 -14.79
C ALA B 463 -1.59 -24.06 -14.75
N ALA B 464 -0.78 -24.41 -15.76
CA ALA B 464 -0.28 -25.78 -15.83
C ALA B 464 0.72 -26.07 -14.71
N ALA B 465 1.59 -25.11 -14.38
CA ALA B 465 2.58 -25.38 -13.34
C ALA B 465 1.92 -25.49 -11.96
N THR B 466 0.82 -24.76 -11.74
CA THR B 466 0.16 -24.84 -10.44
C THR B 466 -0.62 -26.14 -10.30
N GLN B 467 -1.28 -26.56 -11.39
CA GLN B 467 -1.91 -27.87 -11.42
C GLN B 467 -0.88 -28.98 -11.18
N LEU B 468 0.32 -28.82 -11.75
CA LEU B 468 1.40 -29.79 -11.52
C LEU B 468 1.78 -29.85 -10.03
N ALA B 469 1.77 -28.71 -9.33
CA ALA B 469 2.09 -28.73 -7.91
C ALA B 469 1.04 -29.51 -7.13
N ARG B 470 -0.24 -29.36 -7.50
CA ARG B 470 -1.27 -30.19 -6.89
C ARG B 470 -1.05 -31.66 -7.21
N ASN B 471 -0.73 -31.97 -8.47
CA ASN B 471 -0.52 -33.35 -8.89
C ASN B 471 0.62 -33.99 -8.10
N ILE B 472 1.80 -33.35 -8.10
CA ILE B 472 2.94 -33.99 -7.45
C ILE B 472 2.79 -34.00 -5.93
N SER B 473 1.94 -33.14 -5.36
CA SER B 473 1.74 -33.16 -3.90
C SER B 473 1.10 -34.45 -3.42
N ASN B 474 0.48 -35.23 -4.31
CA ASN B 474 -0.19 -36.47 -3.94
C ASN B 474 0.20 -37.60 -4.88
N SER B 475 1.49 -37.68 -5.23
CA SER B 475 2.01 -38.62 -6.22
C SER B 475 3.23 -39.31 -5.69
N GLY B 476 3.32 -40.62 -5.90
CA GLY B 476 4.49 -41.35 -5.46
C GLY B 476 4.68 -41.27 -3.96
N ALA B 477 5.95 -41.11 -3.55
CA ALA B 477 6.30 -41.05 -2.14
C ALA B 477 5.65 -39.89 -1.41
N MET B 478 5.17 -38.86 -2.12
CA MET B 478 4.45 -37.77 -1.45
C MET B 478 3.11 -38.24 -0.88
N GLN B 479 2.50 -39.28 -1.46
CA GLN B 479 1.22 -39.75 -0.95
C GLN B 479 1.30 -40.14 0.51
N THR B 480 2.45 -40.66 0.94
CA THR B 480 2.66 -41.03 2.32
C THR B 480 2.38 -39.87 3.28
N TYR B 481 2.60 -38.64 2.87
CA TYR B 481 2.47 -37.50 3.77
C TYR B 481 1.23 -36.64 3.50
N PHE B 482 0.48 -36.94 2.45
CA PHE B 482 -0.66 -36.10 2.08
C PHE B 482 -1.80 -36.26 3.10
N ALA B 483 -2.28 -35.15 3.63
CA ALA B 483 -3.34 -35.17 4.63
C ALA B 483 -4.41 -34.12 4.32
N GLY B 484 -4.67 -33.89 3.04
CA GLY B 484 -5.74 -32.99 2.66
C GLY B 484 -5.25 -31.62 2.22
N GLU B 485 -5.76 -31.16 1.07
CA GLU B 485 -5.36 -29.88 0.49
C GLU B 485 -6.17 -28.75 1.11
N THR B 486 -5.49 -27.66 1.43
CA THR B 486 -6.18 -26.52 2.00
C THR B 486 -6.26 -25.33 1.05
N ILE B 487 -5.32 -25.22 0.10
CA ILE B 487 -5.33 -24.19 -0.92
C ILE B 487 -5.00 -24.88 -2.24
N PRO B 488 -5.85 -24.78 -3.29
CA PRO B 488 -7.16 -24.09 -3.36
C PRO B 488 -8.24 -24.59 -2.38
N GLY B 489 -8.21 -25.88 -2.03
CA GLY B 489 -9.25 -26.41 -1.16
C GLY B 489 -10.64 -26.27 -1.77
N ASP B 490 -11.58 -25.75 -0.98
CA ASP B 490 -12.96 -25.55 -1.42
C ASP B 490 -13.08 -24.56 -2.56
N ASN B 491 -12.02 -23.83 -2.89
CA ASN B 491 -12.12 -22.80 -3.90
C ASN B 491 -11.91 -23.35 -5.32
N LEU B 492 -11.41 -24.57 -5.45
CA LEU B 492 -11.31 -25.20 -6.77
C LEU B 492 -11.42 -26.71 -6.60
N ALA B 493 -12.27 -27.33 -7.41
CA ALA B 493 -12.46 -28.78 -7.38
C ALA B 493 -11.11 -29.48 -7.52
N TYR B 494 -10.92 -30.54 -6.72
CA TYR B 494 -9.64 -31.23 -6.65
C TYR B 494 -9.27 -31.91 -7.99
N ASP B 495 -10.26 -32.25 -8.81
CA ASP B 495 -9.97 -32.90 -10.08
C ASP B 495 -10.07 -31.93 -11.27
N ALA B 496 -9.92 -30.64 -11.01
CA ALA B 496 -10.04 -29.63 -12.05
C ALA B 496 -9.03 -29.86 -13.17
N ASP B 497 -9.45 -29.62 -14.40
CA ASP B 497 -8.58 -29.73 -15.57
C ASP B 497 -7.92 -28.37 -15.86
N LEU B 498 -7.13 -28.31 -16.94
CA LEU B 498 -6.38 -27.09 -17.24
C LEU B 498 -7.29 -25.90 -17.46
N ARG B 499 -8.38 -26.10 -18.21
CA ARG B 499 -9.35 -25.04 -18.44
C ARG B 499 -9.87 -24.47 -17.13
N ALA B 500 -10.24 -25.33 -16.19
CA ALA B 500 -10.72 -24.86 -14.89
C ALA B 500 -9.65 -24.08 -14.14
N TRP B 501 -8.39 -24.57 -14.15
CA TRP B 501 -7.29 -23.83 -13.55
C TRP B 501 -7.13 -22.45 -14.18
N VAL B 502 -7.27 -22.36 -15.51
CA VAL B 502 -7.13 -21.09 -16.22
C VAL B 502 -8.18 -20.10 -15.73
N GLU B 503 -9.38 -20.56 -15.37
CA GLU B 503 -10.42 -19.65 -14.88
C GLU B 503 -10.07 -19.11 -13.50
N TYR B 504 -9.43 -19.95 -12.67
CA TYR B 504 -9.20 -19.61 -11.26
C TYR B 504 -7.93 -18.79 -11.06
N ILE B 505 -6.90 -19.02 -11.88
CA ILE B 505 -5.57 -18.44 -11.59
C ILE B 505 -5.58 -16.91 -11.56
N PRO B 506 -6.25 -16.19 -12.47
CA PRO B 506 -6.23 -14.72 -12.40
C PRO B 506 -6.74 -14.15 -11.09
N TYR B 507 -7.55 -14.89 -10.32
CA TYR B 507 -8.07 -14.41 -9.06
C TYR B 507 -7.34 -15.02 -7.87
N HIS B 508 -6.22 -15.71 -8.11
CA HIS B 508 -5.44 -16.33 -7.06
C HIS B 508 -3.95 -16.29 -7.43
N PHE B 509 -3.40 -15.09 -7.53
CA PHE B 509 -1.97 -14.95 -7.79
C PHE B 509 -1.48 -13.66 -7.16
N ARG B 510 -0.16 -13.58 -7.00
CA ARG B 510 0.53 -12.39 -6.53
C ARG B 510 1.75 -12.12 -7.40
N PRO B 511 2.22 -10.88 -7.45
CA PRO B 511 3.53 -10.62 -8.09
C PRO B 511 4.64 -11.40 -7.42
N ASN B 512 5.63 -11.81 -8.22
CA ASN B 512 6.82 -12.46 -7.66
C ASN B 512 7.86 -11.47 -7.13
N TYR B 513 7.74 -10.19 -7.46
CA TYR B 513 8.69 -9.16 -7.06
C TYR B 513 10.10 -9.40 -7.64
N HIS B 514 10.18 -9.98 -8.85
CA HIS B 514 11.43 -10.16 -9.57
C HIS B 514 11.54 -9.24 -10.79
N GLY B 515 10.94 -8.06 -10.72
CA GLY B 515 10.79 -7.24 -11.93
C GLY B 515 12.14 -6.72 -12.43
N VAL B 516 12.38 -6.87 -13.75
CA VAL B 516 13.58 -6.38 -14.44
C VAL B 516 13.17 -5.73 -15.74
N GLY B 517 14.14 -5.04 -16.36
CA GLY B 517 14.07 -4.70 -17.76
C GLY B 517 13.77 -3.25 -18.07
N THR B 518 13.41 -2.43 -17.07
CA THR B 518 12.88 -1.10 -17.32
C THR B 518 13.94 -0.09 -17.79
N CYS B 519 15.23 -0.41 -17.70
CA CYS B 519 16.29 0.37 -18.34
C CYS B 519 17.20 -0.60 -19.08
N SER B 520 16.65 -1.33 -20.05
CA SER B 520 17.31 -2.55 -20.53
C SER B 520 18.70 -2.26 -21.08
N MET B 521 19.65 -3.15 -20.72
CA MET B 521 21.00 -3.15 -21.26
C MET B 521 20.98 -3.89 -22.61
N MET B 522 20.79 -3.14 -23.67
CA MET B 522 20.90 -3.69 -25.02
C MET B 522 21.11 -2.52 -25.97
N PRO B 523 21.43 -2.79 -27.24
CA PRO B 523 21.71 -1.69 -28.16
C PRO B 523 20.51 -0.77 -28.31
N LYS B 524 20.81 0.51 -28.55
CA LYS B 524 19.75 1.51 -28.69
C LYS B 524 18.74 1.12 -29.77
N GLU B 525 19.21 0.52 -30.85
N GLU B 525 19.22 0.53 -30.87
CA GLU B 525 18.37 0.15 -31.98
CA GLU B 525 18.33 0.17 -31.96
C GLU B 525 17.56 -1.11 -31.71
C GLU B 525 17.40 -0.99 -31.58
N MET B 526 17.76 -1.77 -30.56
CA MET B 526 16.90 -2.84 -30.10
C MET B 526 15.94 -2.41 -28.97
N GLY B 527 15.89 -1.10 -28.67
CA GLY B 527 15.07 -0.58 -27.57
C GLY B 527 15.80 -0.33 -26.26
N GLY B 528 17.12 -0.40 -26.24
CA GLY B 528 17.84 -0.33 -24.99
C GLY B 528 17.98 1.08 -24.43
N VAL B 529 18.30 1.11 -23.14
CA VAL B 529 18.56 2.37 -22.45
C VAL B 529 20.02 2.52 -22.03
N VAL B 530 20.79 1.42 -21.87
CA VAL B 530 22.18 1.51 -21.44
C VAL B 530 23.07 0.57 -22.27
N ASP B 531 24.35 0.93 -22.38
CA ASP B 531 25.33 0.14 -23.11
C ASP B 531 25.91 -0.94 -22.20
N ASN B 532 26.95 -1.64 -22.67
CA ASN B 532 27.50 -2.77 -21.91
C ASN B 532 28.34 -2.34 -20.71
N ALA B 533 28.54 -1.04 -20.45
CA ALA B 533 29.11 -0.55 -19.21
C ALA B 533 28.07 0.17 -18.36
N ALA B 534 26.79 0.02 -18.71
CA ALA B 534 25.63 0.54 -17.98
C ALA B 534 25.49 2.04 -18.09
N ARG B 535 26.07 2.65 -19.14
CA ARG B 535 25.94 4.09 -19.35
C ARG B 535 24.68 4.41 -20.14
N VAL B 536 23.96 5.43 -19.69
CA VAL B 536 22.75 5.85 -20.39
C VAL B 536 23.11 6.48 -21.73
N TYR B 537 22.50 6.00 -22.81
CA TYR B 537 22.73 6.58 -24.13
C TYR B 537 22.43 8.07 -24.10
N GLY B 538 23.33 8.85 -24.68
CA GLY B 538 23.08 10.27 -24.85
C GLY B 538 23.43 11.15 -23.67
N VAL B 539 23.95 10.60 -22.58
CA VAL B 539 24.26 11.36 -21.37
C VAL B 539 25.67 11.00 -20.90
N GLN B 540 26.43 12.01 -20.48
CA GLN B 540 27.76 11.79 -19.95
C GLN B 540 27.73 11.69 -18.42
N GLY B 541 28.47 10.72 -17.87
CA GLY B 541 28.61 10.58 -16.43
C GLY B 541 27.39 10.05 -15.68
N LEU B 542 26.55 9.26 -16.34
CA LEU B 542 25.33 8.75 -15.74
C LEU B 542 25.15 7.28 -16.07
N ARG B 543 24.96 6.43 -15.05
CA ARG B 543 24.70 5.01 -15.25
C ARG B 543 23.49 4.55 -14.44
N VAL B 544 22.93 3.40 -14.84
CA VAL B 544 21.89 2.66 -14.11
C VAL B 544 22.47 1.28 -13.80
N ILE B 545 22.52 0.91 -12.52
CA ILE B 545 23.37 -0.21 -12.13
C ILE B 545 22.60 -1.33 -11.44
N ASP B 546 21.27 -1.27 -11.44
CA ASP B 546 20.44 -2.15 -10.63
C ASP B 546 19.63 -3.09 -11.50
N GLY B 547 18.63 -3.73 -10.89
CA GLY B 547 17.73 -4.64 -11.58
C GLY B 547 16.93 -4.02 -12.72
N SER B 548 17.04 -2.72 -12.94
CA SER B 548 16.42 -2.15 -14.13
C SER B 548 17.06 -2.65 -15.44
N ILE B 549 18.32 -3.08 -15.42
CA ILE B 549 19.05 -3.26 -16.69
C ILE B 549 19.10 -4.66 -17.28
N PRO B 550 18.91 -5.76 -16.55
CA PRO B 550 18.88 -7.08 -17.23
C PRO B 550 17.82 -7.09 -18.32
N PRO B 551 18.17 -7.46 -19.56
CA PRO B 551 17.17 -7.45 -20.64
C PRO B 551 16.25 -8.67 -20.67
N THR B 552 16.55 -9.73 -19.90
CA THR B 552 15.73 -10.93 -19.85
C THR B 552 15.43 -11.32 -18.39
N GLN B 553 14.42 -12.15 -18.23
CA GLN B 553 14.34 -12.95 -17.02
C GLN B 553 15.38 -14.05 -17.04
N MET B 554 15.37 -14.86 -15.99
CA MET B 554 16.32 -15.95 -15.86
C MET B 554 15.70 -17.03 -15.00
N SER B 555 16.14 -18.26 -15.22
CA SER B 555 15.58 -19.39 -14.48
C SER B 555 16.33 -19.63 -13.16
N SER B 556 16.23 -18.63 -12.28
CA SER B 556 16.90 -18.69 -10.99
C SER B 556 16.40 -17.55 -10.12
N HIS B 557 16.88 -17.54 -8.88
CA HIS B 557 16.79 -16.36 -8.05
C HIS B 557 17.95 -15.43 -8.41
N VAL B 558 17.70 -14.12 -8.35
CA VAL B 558 18.58 -13.19 -9.06
C VAL B 558 19.78 -12.68 -8.24
N MET B 559 19.84 -12.94 -6.93
CA MET B 559 20.92 -12.37 -6.11
C MET B 559 22.30 -12.81 -6.61
N THR B 560 22.49 -14.09 -6.95
CA THR B 560 23.79 -14.52 -7.48
C THR B 560 24.21 -13.67 -8.68
N VAL B 561 23.25 -13.28 -9.50
CA VAL B 561 23.55 -12.51 -10.71
C VAL B 561 23.72 -11.02 -10.41
N PHE B 562 22.89 -10.48 -9.51
CA PHE B 562 22.96 -9.04 -9.25
C PHE B 562 24.24 -8.67 -8.50
N TYR B 563 24.72 -9.53 -7.59
CA TYR B 563 26.02 -9.26 -6.97
C TYR B 563 27.14 -9.23 -8.02
N ALA B 564 27.12 -10.18 -8.95
CA ALA B 564 28.14 -10.22 -9.99
C ALA B 564 28.04 -9.04 -10.94
N MET B 565 26.83 -8.72 -11.38
CA MET B 565 26.59 -7.57 -12.24
C MET B 565 27.13 -6.28 -11.63
N ALA B 566 26.89 -6.08 -10.33
CA ALA B 566 27.38 -4.89 -9.64
C ALA B 566 28.90 -4.86 -9.61
N LEU B 567 29.53 -5.99 -9.28
CA LEU B 567 31.00 -6.07 -9.32
C LEU B 567 31.55 -5.79 -10.71
N LYS B 568 30.89 -6.28 -11.76
CA LYS B 568 31.38 -6.08 -13.12
C LYS B 568 31.25 -4.62 -13.57
N ILE B 569 30.14 -3.97 -13.20
CA ILE B 569 30.01 -2.54 -13.48
C ILE B 569 31.05 -1.73 -12.70
N ALA B 570 31.27 -2.05 -11.42
CA ALA B 570 32.29 -1.33 -10.64
C ALA B 570 33.63 -1.29 -11.36
N ASP B 571 34.02 -2.42 -11.95
CA ASP B 571 35.28 -2.49 -12.70
C ASP B 571 35.27 -1.53 -13.88
N ALA B 572 34.15 -1.45 -14.61
CA ALA B 572 34.07 -0.50 -15.72
C ALA B 572 34.15 0.93 -15.21
N VAL B 573 33.43 1.25 -14.14
CA VAL B 573 33.49 2.60 -13.58
C VAL B 573 34.92 2.94 -13.15
N LEU B 574 35.62 1.99 -12.53
CA LEU B 574 36.97 2.25 -12.05
C LEU B 574 37.97 2.33 -13.21
N ALA B 575 37.71 1.65 -14.32
CA ALA B 575 38.58 1.79 -15.48
C ALA B 575 38.47 3.19 -16.10
N ASP B 576 37.27 3.78 -16.09
CA ASP B 576 37.13 5.14 -16.60
C ASP B 576 37.78 6.16 -15.65
N TYR B 577 37.70 5.92 -14.35
CA TYR B 577 38.39 6.77 -13.39
C TYR B 577 39.90 6.80 -13.66
N ALA B 578 40.50 5.63 -13.88
CA ALA B 578 41.94 5.58 -14.14
C ALA B 578 42.31 6.26 -15.45
N SER B 579 41.37 6.35 -16.39
CA SER B 579 41.64 7.00 -17.68
C SER B 579 41.78 8.52 -17.54
N MET B 580 41.19 9.13 -16.50
CA MET B 580 41.23 10.58 -16.34
C MET B 580 42.35 11.07 -15.43
N GLN B 581 43.17 10.18 -14.86
CA GLN B 581 44.18 10.63 -13.89
C GLN B 581 45.44 11.18 -14.58
C1 NAG C . -8.83 -18.59 3.32
C2 NAG C . -10.12 -19.33 3.02
C3 NAG C . -10.35 -20.45 4.03
C4 NAG C . -9.13 -21.35 4.15
C5 NAG C . -7.85 -20.52 4.34
C6 NAG C . -6.58 -21.33 4.23
C7 NAG C . -11.87 -18.02 1.91
C8 NAG C . -11.36 -18.60 0.65
N2 NAG C . -11.25 -18.41 3.02
O3 NAG C . -11.49 -21.20 3.60
O4 NAG C . -9.29 -22.18 5.29
O5 NAG C . -7.77 -19.49 3.34
O6 NAG C . -5.45 -20.59 4.66
O7 NAG C . -12.81 -17.21 1.94
C1 NAG C . -9.07 -23.58 5.01
C2 NAG C . -9.13 -24.31 6.35
C3 NAG C . -8.92 -25.81 6.15
C4 NAG C . -9.85 -26.36 5.08
C5 NAG C . -9.86 -25.48 3.83
C6 NAG C . -10.95 -25.85 2.85
C7 NAG C . -6.87 -23.73 7.36
C8 NAG C . -6.17 -24.31 6.18
N2 NAG C . -8.23 -23.76 7.37
O3 NAG C . -9.12 -26.49 7.39
O4 NAG C . -9.38 -27.65 4.69
O5 NAG C . -10.08 -24.09 4.16
O6 NAG C . -10.87 -25.10 1.64
O7 NAG C . -6.26 -23.25 8.30
C1 BMA C . -10.33 -28.68 5.03
C2 BMA C . -10.23 -29.80 3.97
C3 BMA C . -11.31 -30.87 4.25
C4 BMA C . -11.45 -31.23 5.76
C5 BMA C . -11.22 -30.04 6.75
C6 BMA C . -10.98 -30.50 8.18
O2 BMA C . -8.96 -30.45 4.02
O3 BMA C . -11.10 -32.07 3.48
O4 BMA C . -12.76 -31.76 5.97
O5 BMA C . -10.09 -29.26 6.32
O6 BMA C . -10.11 -29.57 8.81
C1 MAN C . -10.18 -29.84 10.25
C2 MAN C . -10.43 -28.48 10.97
C3 MAN C . -9.16 -27.65 11.14
C4 MAN C . -7.99 -28.50 11.68
C5 MAN C . -7.77 -29.73 10.79
C6 MAN C . -6.66 -30.65 11.34
O2 MAN C . -10.94 -28.69 12.29
O3 MAN C . -9.39 -26.53 12.02
O4 MAN C . -6.80 -27.72 11.71
O5 MAN C . -8.98 -30.50 10.73
O6 MAN C . -6.50 -31.79 10.47
C1 MAN C . -9.11 -25.27 11.34
C2 MAN C . -9.32 -24.16 12.38
C3 MAN C . -10.81 -24.06 12.74
C4 MAN C . -11.69 -23.90 11.49
C5 MAN C . -11.39 -24.99 10.46
C6 MAN C . -12.07 -24.75 9.12
O2 MAN C . -8.97 -22.88 11.85
O3 MAN C . -11.08 -23.02 13.67
O4 MAN C . -13.05 -24.00 11.87
O5 MAN C . -9.95 -25.07 10.21
O6 MAN C . -11.91 -25.92 8.31
C1 MAN C . -11.58 -31.97 2.13
C2 MAN C . -12.98 -32.76 1.99
C3 MAN C . -12.77 -34.28 1.72
C4 MAN C . -11.55 -34.56 0.81
C5 MAN C . -10.29 -33.82 1.30
C6 MAN C . -9.00 -34.16 0.51
O2 MAN C . -13.83 -32.30 0.92
O3 MAN C . -13.96 -34.88 1.17
O4 MAN C . -11.30 -35.95 0.78
O5 MAN C . -10.56 -32.39 1.24
O6 MAN C . -8.35 -32.96 -0.02
C1 NAG D . -13.12 -4.73 -15.56
C2 NAG D . -13.70 -5.95 -16.27
C3 NAG D . -14.14 -5.59 -17.68
C4 NAG D . -15.05 -4.37 -17.67
C5 NAG D . -14.40 -3.23 -16.90
C6 NAG D . -15.34 -2.05 -16.75
C7 NAG D . -12.80 -8.16 -15.62
C8 NAG D . -14.01 -8.30 -14.77
N2 NAG D . -12.70 -7.02 -16.31
O3 NAG D . -14.83 -6.69 -18.26
O4 NAG D . -15.24 -3.92 -19.01
O5 NAG D . -14.07 -3.67 -15.58
O6 NAG D . -14.98 -1.19 -15.67
O7 NAG D . -11.93 -9.03 -15.69
C1 NAG D . -16.62 -3.79 -19.38
C2 NAG D . -16.68 -3.14 -20.76
C3 NAG D . -18.11 -2.98 -21.21
C4 NAG D . -18.86 -4.31 -21.15
C5 NAG D . -18.67 -4.99 -19.78
C6 NAG D . -19.21 -6.40 -19.75
C7 NAG D . -16.32 -0.77 -20.13
C8 NAG D . -15.46 0.44 -20.34
N2 NAG D . -15.96 -1.87 -20.80
O3 NAG D . -18.12 -2.49 -22.54
O4 NAG D . -20.26 -4.04 -21.34
O5 NAG D . -17.28 -5.06 -19.44
O6 NAG D . -19.29 -6.89 -18.41
O7 NAG D . -17.28 -0.75 -19.36
C1 BMA D . -20.78 -4.63 -22.55
C2 BMA D . -22.18 -5.20 -22.25
C3 BMA D . -22.75 -5.92 -23.49
C4 BMA D . -22.53 -5.15 -24.82
C5 BMA D . -21.22 -4.31 -24.89
C6 BMA D . -21.31 -3.24 -25.97
O2 BMA D . -23.09 -4.14 -21.91
O3 BMA D . -24.14 -6.15 -23.36
O4 BMA D . -22.57 -6.07 -25.91
O5 BMA D . -20.92 -3.68 -23.62
O6 BMA D . -20.43 -2.18 -25.66
C1 MAN D . -19.82 -1.73 -26.89
C2 MAN D . -18.29 -1.68 -26.59
C3 MAN D . -17.79 -0.34 -26.00
C4 MAN D . -18.59 0.90 -26.47
C5 MAN D . -20.10 0.65 -26.42
C6 MAN D . -20.92 1.88 -26.90
O2 MAN D . -17.51 -1.95 -27.76
O3 MAN D . -16.39 -0.14 -26.28
O4 MAN D . -18.29 2.00 -25.64
O5 MAN D . -20.38 -0.47 -27.29
O6 MAN D . -22.04 1.45 -27.72
C1 MAN D . -15.58 -0.47 -25.14
C2 MAN D . -14.15 0.13 -25.34
C3 MAN D . -13.35 -0.71 -26.36
C4 MAN D . -13.38 -2.19 -25.96
C5 MAN D . -14.82 -2.67 -25.90
C6 MAN D . -14.96 -4.14 -25.50
O2 MAN D . -13.39 0.11 -24.12
O3 MAN D . -12.02 -0.25 -26.50
O4 MAN D . -12.65 -2.96 -26.91
O5 MAN D . -15.54 -1.88 -24.92
O6 MAN D . -15.57 -4.19 -24.20
C1 MAN D . -24.39 -7.45 -22.78
C2 MAN D . -25.27 -8.29 -23.79
C3 MAN D . -26.75 -7.88 -23.76
C4 MAN D . -27.28 -7.51 -22.32
C5 MAN D . -26.27 -6.60 -21.53
C6 MAN D . -26.66 -6.34 -20.05
O2 MAN D . -25.23 -9.70 -23.51
O3 MAN D . -27.58 -8.90 -24.32
O4 MAN D . -28.53 -6.86 -22.42
O5 MAN D . -25.01 -7.27 -21.51
O6 MAN D . -27.18 -5.00 -19.86
PA FAD E . -7.42 13.03 9.42
O1A FAD E . -7.28 11.77 8.63
O2A FAD E . -8.15 14.17 8.78
O5B FAD E . -6.04 13.63 9.84
C5B FAD E . -5.07 12.89 10.59
C4B FAD E . -3.72 13.46 10.21
O4B FAD E . -2.67 12.89 11.03
C3B FAD E . -3.30 13.26 8.75
O3B FAD E . -2.98 14.54 8.19
C2B FAD E . -2.09 12.32 8.84
O2B FAD E . -1.13 12.57 7.82
C1B FAD E . -1.53 12.68 10.22
N9A FAD E . -0.74 11.66 10.89
C8A FAD E . -0.88 10.30 10.81
N7A FAD E . -0.06 9.62 11.58
C5A FAD E . 0.67 10.61 12.22
C6A FAD E . 1.70 10.56 13.18
N6A FAD E . 2.20 9.42 13.69
N1A FAD E . 2.22 11.74 13.61
C2A FAD E . 1.73 12.88 13.12
N3A FAD E . 0.75 13.04 12.22
C4A FAD E . 0.25 11.87 11.82
N1 FAD E . -16.10 12.85 4.79
C2 FAD E . -17.21 13.52 4.37
O2 FAD E . -17.90 14.21 5.14
N3 FAD E . -17.60 13.44 3.03
C4 FAD E . -16.94 12.73 2.03
O4 FAD E . -17.38 12.74 0.88
C4X FAD E . -15.76 12.01 2.49
N5 FAD E . -15.09 11.31 1.61
C5X FAD E . -13.97 10.61 2.04
C6 FAD E . -13.24 9.89 1.09
C7 FAD E . -12.10 9.20 1.46
C7M FAD E . -11.34 8.43 0.41
C8 FAD E . -11.65 9.24 2.80
C8M FAD E . -10.38 8.52 3.21
C9 FAD E . -12.37 9.98 3.74
C9A FAD E . -13.52 10.67 3.38
N10 FAD E . -14.24 11.47 4.29
C10 FAD E . -15.40 12.13 3.89
C1' FAD E . -13.90 11.48 5.73
C2' FAD E . -13.16 12.71 6.24
O2' FAD E . -12.26 13.22 5.26
C3' FAD E . -12.36 12.27 7.46
O3' FAD E . -13.21 11.53 8.32
C4' FAD E . -11.61 13.34 8.26
O4' FAD E . -10.66 13.97 7.40
C5' FAD E . -10.98 12.69 9.47
O5' FAD E . -10.42 13.70 10.34
P FAD E . -9.45 13.30 11.52
O1P FAD E . -9.04 14.60 12.22
O2P FAD E . -10.07 12.24 12.36
O3P FAD E . -8.11 12.70 10.81
N1 EPE F . -16.56 -17.40 -5.40
C2 EPE F . -16.93 -18.67 -6.04
C3 EPE F . -17.12 -19.77 -4.99
N4 EPE F . -16.01 -19.84 -4.05
C5 EPE F . -15.42 -18.59 -3.59
C6 EPE F . -15.28 -17.57 -4.71
C7 EPE F . -15.90 -20.99 -3.17
C8 EPE F . -16.41 -22.27 -3.84
O8 EPE F . -15.63 -22.55 -4.99
C9 EPE F . -16.43 -16.35 -6.42
C10 EPE F . -17.76 -15.64 -6.66
S EPE F . -17.64 -14.27 -7.83
O1S EPE F . -18.91 -13.56 -7.95
O2S EPE F . -16.63 -13.32 -7.37
O3S EPE F . -17.24 -14.80 -9.13
O1 OXY G . -17.77 10.68 4.46
O2 OXY G . -17.94 10.27 5.57
C1 NAG H . -19.27 -5.16 31.11
C2 NAG H . -18.70 -4.66 32.43
C3 NAG H . -19.83 -4.46 33.44
C4 NAG H . -20.84 -3.48 32.89
C5 NAG H . -21.35 -3.95 31.52
C6 NAG H . -22.18 -2.90 30.83
C7 NAG H . -16.39 -5.24 32.94
C8 NAG H . -15.46 -6.28 33.50
N2 NAG H . -17.68 -5.55 32.94
O3 NAG H . -19.29 -3.95 34.66
O4 NAG H . -21.96 -3.34 33.77
O5 NAG H . -20.24 -4.23 30.64
O6 NAG H . -21.52 -1.64 30.86
O7 NAG H . -15.98 -4.16 32.51
C1 NAG I . -36.74 24.18 7.46
C2 NAG I . -38.03 23.41 7.56
C3 NAG I . -38.88 23.99 8.68
C4 NAG I . -38.09 23.88 9.98
C5 NAG I . -36.66 24.43 9.87
C6 NAG I . -35.79 23.90 10.98
C7 NAG I . -39.20 24.42 5.61
C8 NAG I . -39.89 24.12 4.32
N2 NAG I . -38.76 23.35 6.30
O3 NAG I . -40.10 23.27 8.80
O4 NAG I . -38.76 24.55 11.05
O5 NAG I . -36.01 24.03 8.66
O6 NAG I . -35.73 22.49 10.86
O7 NAG I . -39.05 25.57 6.03
C1 NAG J . -41.16 -2.28 7.96
C2 NAG J . -42.49 -1.60 8.18
C3 NAG J . -43.06 -1.99 9.54
C4 NAG J . -43.28 -3.49 9.54
C5 NAG J . -41.96 -4.22 9.24
C6 NAG J . -42.12 -5.71 9.06
C7 NAG J . -41.65 0.68 8.69
C8 NAG J . -41.75 2.13 8.32
N2 NAG J . -42.43 -0.15 7.99
O3 NAG J . -44.26 -1.28 9.83
O4 NAG J . -43.78 -3.93 10.80
O5 NAG J . -41.35 -3.72 8.02
O6 NAG J . -42.17 -6.10 7.69
O7 NAG J . -40.90 0.28 9.59
C1 NAG K . -37.14 -4.35 -8.88
C2 NAG K . -37.53 -5.75 -9.35
C3 NAG K . -38.99 -5.78 -9.78
C4 NAG K . -39.87 -5.27 -8.65
C5 NAG K . -39.38 -3.91 -8.12
C6 NAG K . -40.12 -3.46 -6.89
C7 NAG K . -36.42 -5.56 -11.57
C8 NAG K . -35.48 -6.24 -12.52
N2 NAG K . -36.65 -6.22 -10.42
O3 NAG K . -39.38 -7.10 -10.12
O4 NAG K . -41.21 -5.13 -9.10
O5 NAG K . -37.99 -3.98 -7.78
O6 NAG K . -41.51 -3.72 -7.00
O7 NAG K . -36.94 -4.48 -11.83
C1 NAG L . 13.61 12.66 26.14
C2 NAG L . 14.35 13.02 27.40
C3 NAG L . 15.07 11.80 27.92
C4 NAG L . 14.08 10.66 28.19
C5 NAG L . 12.66 10.87 27.62
C6 NAG L . 11.67 11.42 28.64
C7 NAG L . 16.26 14.15 26.28
C8 NAG L . 17.08 15.39 26.24
N2 NAG L . 15.28 14.13 27.19
O3 NAG L . 15.78 12.14 29.11
O4 NAG L . 14.60 9.44 27.68
O5 NAG L . 12.56 11.69 26.45
O6 NAG L . 10.76 10.42 29.09
O7 NAG L . 16.46 13.20 25.51
C1 MPD M . -33.10 21.87 12.28
C2 MPD M . -31.84 22.32 13.00
O2 MPD M . -30.68 21.85 12.26
CM MPD M . -31.88 21.68 14.39
C3 MPD M . -31.72 23.84 13.10
C4 MPD M . -31.30 24.32 14.50
O4 MPD M . -29.96 23.94 14.74
C5 MPD M . -31.42 25.85 14.63
PA FAD N . 17.02 -2.95 -4.24
O1A FAD N . 15.55 -3.00 -4.07
O2A FAD N . 17.80 -4.01 -3.51
O5B FAD N . 17.52 -1.51 -3.71
C5B FAD N . 16.81 -0.29 -4.02
C4B FAD N . 17.07 0.66 -2.86
O4B FAD N . 16.80 2.03 -3.26
C3B FAD N . 16.24 0.40 -1.61
O3B FAD N . 17.12 0.38 -0.48
C2B FAD N . 15.22 1.55 -1.61
O2B FAD N . 14.76 1.90 -0.32
C1B FAD N . 16.04 2.67 -2.26
N9A FAD N . 15.28 3.75 -2.90
C8A FAD N . 14.07 3.66 -3.55
N7A FAD N . 13.67 4.80 -4.07
C5A FAD N . 14.69 5.69 -3.77
C6A FAD N . 14.89 7.05 -4.07
N6A FAD N . 14.03 7.80 -4.76
N1A FAD N . 16.03 7.63 -3.61
C2A FAD N . 16.89 6.89 -2.92
N3A FAD N . 16.81 5.60 -2.57
C4A FAD N . 15.69 5.05 -3.06
N1 FAD N . 16.35 -12.70 -4.78
C2 FAD N . 16.95 -13.92 -4.62
O2 FAD N . 18.01 -14.21 -5.18
N3 FAD N . 16.34 -14.87 -3.82
C4 FAD N . 15.15 -14.72 -3.11
O4 FAD N . 14.71 -15.63 -2.42
C4X FAD N . 14.52 -13.42 -3.29
N5 FAD N . 13.40 -13.19 -2.65
C5X FAD N . 12.79 -11.95 -2.82
C6 FAD N . 11.61 -11.69 -2.12
C7 FAD N . 10.97 -10.46 -2.23
C7M FAD N . 9.70 -10.24 -1.47
C8 FAD N . 11.54 -9.45 -3.03
C8M FAD N . 10.89 -8.10 -3.14
C9 FAD N . 12.73 -9.70 -3.71
C9A FAD N . 13.37 -10.94 -3.60
N10 FAD N . 14.61 -11.21 -4.24
C10 FAD N . 15.19 -12.46 -4.14
C1' FAD N . 15.20 -10.23 -5.16
C2' FAD N . 16.37 -9.43 -4.60
O2' FAD N . 16.22 -9.22 -3.19
C3' FAD N . 16.39 -8.09 -5.33
O3' FAD N . 16.24 -8.32 -6.72
C4' FAD N . 17.59 -7.17 -5.12
O4' FAD N . 17.61 -6.74 -3.75
C5' FAD N . 17.44 -6.03 -6.11
O5' FAD N . 18.61 -5.18 -6.06
P FAD N . 18.55 -3.70 -6.60
O1P FAD N . 19.87 -3.04 -6.20
O2P FAD N . 18.20 -3.71 -8.04
O3P FAD N . 17.38 -2.99 -5.78
N1 EPE O . -14.58 -15.74 -11.78
C2 EPE O . -15.87 -16.41 -12.02
C3 EPE O . -16.40 -16.06 -13.40
N4 EPE O . -16.32 -14.66 -13.75
C5 EPE O . -15.24 -13.86 -13.16
C6 EPE O . -14.82 -14.30 -11.77
C7 EPE O . -16.67 -14.30 -15.10
C8 EPE O . -18.13 -13.91 -15.26
O8 EPE O . -18.95 -14.67 -14.41
C9 EPE O . -14.05 -16.14 -10.47
C10 EPE O . -13.29 -17.45 -10.63
S EPE O . -12.84 -18.21 -9.06
O1S EPE O . -14.01 -18.62 -8.30
O2S EPE O . -12.11 -17.25 -8.25
O3S EPE O . -11.99 -19.38 -9.31
O1 OXY P . 14.69 -14.08 -6.45
O2 OXY P . 15.01 -13.59 -7.50
C1 NAG Q . 30.90 -30.41 -10.56
C2 NAG Q . 30.35 -31.43 -11.55
C3 NAG Q . 31.42 -31.74 -12.58
C4 NAG Q . 31.76 -30.46 -13.33
C5 NAG Q . 32.16 -29.34 -12.36
C6 NAG Q . 32.18 -28.00 -13.06
C7 NAG Q . 30.55 -33.45 -10.13
C8 NAG Q . 29.83 -34.65 -9.59
N2 NAG Q . 29.84 -32.65 -10.91
O3 NAG Q . 30.98 -32.76 -13.47
O4 NAG Q . 32.82 -30.70 -14.23
O5 NAG Q . 31.24 -29.21 -11.27
O6 NAG Q . 30.92 -27.73 -13.66
O7 NAG Q . 31.74 -33.23 -9.87
C1 NAG R . 9.11 -32.07 -25.69
C2 NAG R . 10.11 -33.13 -26.12
C3 NAG R . 10.47 -32.91 -27.59
C4 NAG R . 9.21 -32.98 -28.44
C5 NAG R . 8.10 -32.06 -27.90
C6 NAG R . 6.76 -32.37 -28.55
C7 NAG R . 12.16 -32.20 -25.08
C8 NAG R . 13.30 -32.50 -24.15
N2 NAG R . 11.29 -33.19 -25.27
O3 NAG R . 11.41 -33.89 -28.01
O4 NAG R . 9.51 -32.58 -29.76
O5 NAG R . 7.90 -32.20 -26.47
O6 NAG R . 5.67 -31.71 -27.90
O7 NAG R . 12.04 -31.10 -25.64
C1 NAG S . 13.27 -1.81 -34.82
C2 NAG S . 14.01 -0.69 -35.55
C3 NAG S . 14.79 -1.25 -36.74
C4 NAG S . 15.65 -2.43 -36.32
C5 NAG S . 14.81 -3.46 -35.54
C6 NAG S . 15.64 -4.59 -34.99
C7 NAG S . 13.00 1.54 -35.41
C8 NAG S . 11.98 2.48 -35.99
N2 NAG S . 13.08 0.34 -35.99
O3 NAG S . 15.62 -0.22 -37.27
O4 NAG S . 16.22 -3.08 -37.46
O5 NAG S . 14.20 -2.81 -34.43
O6 NAG S . 16.57 -4.10 -34.02
O7 NAG S . 13.73 1.87 -34.46
C1 NAG T . 28.56 22.69 -20.68
C2 NAG T . 29.92 23.39 -20.87
C3 NAG T . 31.08 22.42 -20.64
C4 NAG T . 30.91 21.63 -19.35
C5 NAG T . 29.53 20.97 -19.35
C6 NAG T . 29.25 20.12 -18.14
C7 NAG T . 29.93 25.29 -22.43
C8 NAG T . 30.02 25.70 -23.88
N2 NAG T . 30.00 23.98 -22.20
O3 NAG T . 32.30 23.17 -20.57
O4 NAG T . 31.92 20.64 -19.24
O5 NAG T . 28.53 22.01 -19.42
O6 NAG T . 28.94 20.90 -16.98
O7 NAG T . 29.82 26.12 -21.52
C1 NAG U . 20.66 23.87 -6.43
C2 NAG U . 21.48 25.12 -6.24
C3 NAG U . 20.80 26.34 -6.85
C4 NAG U . 19.72 26.04 -7.90
C5 NAG U . 19.47 24.57 -8.28
C6 NAG U . 19.43 24.35 -9.78
C7 NAG U . 20.89 25.58 -3.87
C8 NAG U . 21.42 25.80 -2.50
N2 NAG U . 21.80 25.35 -4.83
O3 NAG U . 21.80 27.18 -7.42
O4 NAG U . 18.49 26.59 -7.45
O5 NAG U . 20.45 23.67 -7.76
O6 NAG U . 20.27 23.25 -10.14
O7 NAG U . 19.68 25.62 -4.12
C1 NAG V . -1.04 -36.53 -12.42
C2 NAG V . -2.28 -36.85 -13.25
C3 NAG V . -2.21 -38.28 -13.77
C4 NAG V . -0.97 -38.43 -14.64
C5 NAG V . 0.30 -37.99 -13.88
C6 NAG V . 1.49 -37.88 -14.80
C7 NAG V . -3.83 -37.09 -11.32
C8 NAG V . -5.18 -36.72 -10.79
N2 NAG V . -3.53 -36.61 -12.54
O3 NAG V . -3.37 -38.58 -14.53
O4 NAG V . -0.83 -39.78 -15.06
O5 NAG V . 0.15 -36.70 -13.26
O6 NAG V . 1.18 -37.10 -15.95
O7 NAG V . -3.03 -37.78 -10.69
#